data_2L6D
#
_entry.id   2L6D
#
_entity_poly.entity_id   1
_entity_poly.type   'polypeptide(L)'
_entity_poly.pdbx_seq_one_letter_code
;MSAIRDITTEAGMAHFEGLSDAIVFFHKNLCPHCKNMEKVLDKFGARAPQVAISSVDSEARPELMKELGFERVPTLVFIR
DGKVAKVFSGIMNPRELQALYASIHHHHHH
;
_entity_poly.pdbx_strand_id   A
#
# COMPACT_ATOMS: atom_id res chain seq x y z
N MET A 1 -2.19 -13.66 12.09
CA MET A 1 -2.82 -12.34 12.28
C MET A 1 -1.82 -11.19 12.09
N SER A 2 -2.28 -10.09 11.51
CA SER A 2 -1.50 -8.84 11.29
C SER A 2 -2.44 -7.64 11.10
N ALA A 3 -1.91 -6.42 11.25
CA ALA A 3 -2.66 -5.16 11.13
C ALA A 3 -2.96 -4.75 9.67
N ILE A 4 -2.47 -5.52 8.70
CA ILE A 4 -2.53 -5.22 7.26
C ILE A 4 -3.54 -6.16 6.61
N ARG A 5 -4.66 -5.62 6.13
CA ARG A 5 -5.82 -6.37 5.64
C ARG A 5 -6.22 -5.87 4.25
N ASP A 6 -6.78 -6.77 3.45
CA ASP A 6 -7.37 -6.49 2.15
C ASP A 6 -8.66 -5.65 2.32
N ILE A 7 -8.64 -4.43 1.79
CA ILE A 7 -9.83 -3.57 1.66
C ILE A 7 -10.09 -3.27 0.18
N THR A 8 -11.19 -3.80 -0.34
CA THR A 8 -11.81 -3.39 -1.60
C THR A 8 -13.03 -2.48 -1.41
N THR A 9 -13.62 -2.47 -0.21
CA THR A 9 -14.91 -1.84 0.11
C THR A 9 -14.87 -0.31 0.07
N GLU A 10 -13.71 0.27 0.37
CA GLU A 10 -13.34 1.63 -0.04
C GLU A 10 -11.84 1.67 -0.35
N ALA A 11 -11.50 2.12 -1.56
CA ALA A 11 -10.16 2.16 -2.12
C ALA A 11 -10.14 3.04 -3.39
N GLY A 12 -8.96 3.50 -3.79
CA GLY A 12 -8.78 4.35 -4.96
C GLY A 12 -9.15 5.81 -4.70
N MET A 13 -9.21 6.61 -5.76
CA MET A 13 -9.38 8.08 -5.71
C MET A 13 -10.54 8.54 -4.82
N ALA A 14 -11.66 7.82 -4.79
CA ALA A 14 -12.82 8.20 -3.99
C ALA A 14 -12.64 8.00 -2.48
N HIS A 15 -11.75 7.10 -2.07
CA HIS A 15 -11.26 6.97 -0.69
C HIS A 15 -10.10 7.92 -0.41
N PHE A 16 -9.25 8.21 -1.41
CA PHE A 16 -8.09 9.09 -1.26
C PHE A 16 -8.53 10.55 -1.03
N GLU A 17 -9.68 10.94 -1.60
CA GLU A 17 -10.29 12.26 -1.44
C GLU A 17 -10.74 12.55 0.01
N GLY A 18 -10.83 11.53 0.87
CA GLY A 18 -11.21 11.65 2.28
C GLY A 18 -10.04 11.63 3.27
N LEU A 19 -8.84 11.19 2.87
CA LEU A 19 -7.72 10.88 3.77
C LEU A 19 -6.63 11.97 3.81
N SER A 20 -5.91 12.04 4.94
CA SER A 20 -4.80 12.98 5.14
C SER A 20 -3.42 12.33 4.93
N ASP A 21 -3.23 11.06 5.35
CA ASP A 21 -1.95 10.35 5.33
C ASP A 21 -2.21 8.83 5.39
N ALA A 22 -1.92 8.10 4.29
CA ALA A 22 -2.25 6.69 4.14
C ALA A 22 -1.30 5.94 3.20
N ILE A 23 -1.31 4.61 3.25
CA ILE A 23 -0.49 3.70 2.44
C ILE A 23 -1.35 2.52 2.00
N VAL A 24 -1.31 2.18 0.70
CA VAL A 24 -2.04 1.05 0.10
C VAL A 24 -1.04 0.13 -0.62
N PHE A 25 -1.13 -1.17 -0.34
CA PHE A 25 -0.37 -2.23 -0.99
C PHE A 25 -1.23 -3.03 -2.00
N PHE A 26 -0.92 -2.92 -3.29
CA PHE A 26 -1.59 -3.64 -4.38
C PHE A 26 -1.04 -5.07 -4.52
N HIS A 27 -1.44 -5.96 -3.61
CA HIS A 27 -1.07 -7.38 -3.63
C HIS A 27 -1.87 -8.20 -4.67
N LYS A 28 -1.44 -9.45 -4.98
CA LYS A 28 -2.16 -10.40 -5.83
C LYS A 28 -2.46 -11.73 -5.10
N ASN A 29 -3.43 -12.50 -5.61
CA ASN A 29 -3.90 -13.75 -4.97
C ASN A 29 -2.91 -14.91 -5.14
N LEU A 30 -2.55 -15.26 -6.38
CA LEU A 30 -1.79 -16.46 -6.72
C LEU A 30 -0.33 -16.38 -6.25
N CYS A 31 0.42 -15.44 -6.82
CA CYS A 31 1.86 -15.25 -6.65
C CYS A 31 2.31 -15.20 -5.16
N PRO A 32 3.21 -16.09 -4.72
CA PRO A 32 3.80 -16.07 -3.38
C PRO A 32 4.58 -14.80 -3.03
N HIS A 33 5.08 -14.06 -4.02
CA HIS A 33 5.97 -12.92 -3.82
C HIS A 33 5.28 -11.79 -3.00
N CYS A 34 4.03 -11.44 -3.32
CA CYS A 34 3.29 -10.34 -2.69
C CYS A 34 3.07 -10.55 -1.18
N LYS A 35 2.89 -11.81 -0.76
CA LYS A 35 2.48 -12.21 0.59
C LYS A 35 3.48 -11.77 1.69
N ASN A 36 4.75 -11.59 1.33
CA ASN A 36 5.81 -11.18 2.26
C ASN A 36 5.67 -9.72 2.72
N MET A 37 5.30 -8.79 1.81
CA MET A 37 5.25 -7.35 2.08
C MET A 37 4.24 -6.98 3.16
N GLU A 38 3.16 -7.75 3.31
CA GLU A 38 2.21 -7.61 4.41
C GLU A 38 2.89 -7.73 5.78
N LYS A 39 3.82 -8.70 5.97
CA LYS A 39 4.51 -8.89 7.25
C LYS A 39 5.47 -7.71 7.54
N VAL A 40 6.05 -7.15 6.48
CA VAL A 40 6.93 -5.98 6.50
C VAL A 40 6.15 -4.73 6.93
N LEU A 41 4.98 -4.51 6.32
CA LEU A 41 4.07 -3.40 6.60
C LEU A 41 3.47 -3.48 8.01
N ASP A 42 3.20 -4.69 8.52
CA ASP A 42 2.75 -4.92 9.90
C ASP A 42 3.79 -4.38 10.91
N LYS A 43 5.05 -4.78 10.78
CA LYS A 43 6.15 -4.35 11.66
C LYS A 43 6.47 -2.85 11.50
N PHE A 44 6.31 -2.30 10.29
CA PHE A 44 6.44 -0.88 9.99
C PHE A 44 5.30 -0.04 10.61
N GLY A 45 4.07 -0.55 10.65
CA GLY A 45 2.89 0.18 11.14
C GLY A 45 2.76 0.12 12.66
N ALA A 46 3.27 -0.95 13.27
CA ALA A 46 3.22 -1.18 14.72
C ALA A 46 3.83 -0.03 15.55
N ARG A 47 4.87 0.63 15.01
CA ARG A 47 5.55 1.80 15.61
C ARG A 47 5.18 3.16 14.98
N ALA A 48 4.16 3.21 14.13
CA ALA A 48 3.64 4.43 13.48
C ALA A 48 2.09 4.46 13.45
N PRO A 49 1.41 4.71 14.59
CA PRO A 49 -0.04 4.68 14.70
C PRO A 49 -0.80 5.69 13.81
N GLN A 50 -0.15 6.78 13.38
CA GLN A 50 -0.81 7.93 12.74
C GLN A 50 -0.99 7.79 11.21
N VAL A 51 -0.47 6.72 10.60
CA VAL A 51 -0.66 6.38 9.17
C VAL A 51 -1.63 5.21 9.00
N ALA A 52 -2.60 5.39 8.09
CA ALA A 52 -3.58 4.37 7.71
C ALA A 52 -2.99 3.43 6.64
N ILE A 53 -2.62 2.20 7.02
CA ILE A 53 -2.02 1.20 6.11
C ILE A 53 -3.03 0.07 5.82
N SER A 54 -3.16 -0.33 4.56
CA SER A 54 -3.99 -1.47 4.13
C SER A 54 -3.42 -2.16 2.88
N SER A 55 -3.98 -3.31 2.47
CA SER A 55 -3.71 -3.91 1.16
C SER A 55 -4.98 -3.98 0.29
N VAL A 56 -4.85 -4.31 -1.00
CA VAL A 56 -5.97 -4.41 -1.95
C VAL A 56 -5.59 -5.33 -3.11
N ASP A 57 -6.44 -6.31 -3.41
CA ASP A 57 -6.29 -7.22 -4.55
C ASP A 57 -6.34 -6.43 -5.86
N SER A 58 -5.19 -6.38 -6.54
CA SER A 58 -5.04 -5.76 -7.86
C SER A 58 -5.91 -6.44 -8.93
N GLU A 59 -6.24 -7.73 -8.78
CA GLU A 59 -7.14 -8.44 -9.71
C GLU A 59 -8.63 -8.13 -9.45
N ALA A 60 -8.98 -7.63 -8.26
CA ALA A 60 -10.29 -7.06 -7.95
C ALA A 60 -10.36 -5.54 -8.23
N ARG A 61 -9.22 -4.85 -8.17
CA ARG A 61 -9.08 -3.40 -8.35
C ARG A 61 -8.22 -2.95 -9.57
N PRO A 62 -8.43 -3.50 -10.79
CA PRO A 62 -7.59 -3.18 -11.96
C PRO A 62 -7.90 -1.82 -12.61
N GLU A 63 -9.07 -1.21 -12.33
CA GLU A 63 -9.40 0.11 -12.86
C GLU A 63 -8.56 1.22 -12.24
N LEU A 64 -8.07 1.03 -11.01
CA LEU A 64 -7.18 1.99 -10.38
C LEU A 64 -5.78 1.91 -10.97
N MET A 65 -5.24 0.70 -11.13
CA MET A 65 -3.89 0.46 -11.65
C MET A 65 -3.67 1.08 -13.04
N LYS A 66 -4.74 1.22 -13.82
CA LYS A 66 -4.78 1.89 -15.11
C LYS A 66 -4.37 3.37 -15.04
N GLU A 67 -4.65 4.01 -13.90
CA GLU A 67 -4.50 5.45 -13.69
C GLU A 67 -3.12 5.78 -13.14
N LEU A 68 -2.57 4.92 -12.27
CA LEU A 68 -1.21 5.07 -11.73
C LEU A 68 -0.12 4.46 -12.65
N GLY A 69 -0.50 3.56 -13.57
CA GLY A 69 0.39 2.96 -14.59
C GLY A 69 0.98 1.60 -14.20
N PHE A 70 0.39 0.90 -13.23
CA PHE A 70 0.85 -0.40 -12.77
C PHE A 70 0.40 -1.53 -13.72
N GLU A 71 1.17 -2.62 -13.79
CA GLU A 71 0.92 -3.78 -14.67
C GLU A 71 0.14 -4.89 -13.94
N ARG A 72 0.80 -5.60 -13.01
CA ARG A 72 0.24 -6.73 -12.22
C ARG A 72 1.03 -7.00 -10.92
N VAL A 73 1.86 -6.06 -10.49
CA VAL A 73 3.02 -6.28 -9.59
C VAL A 73 2.73 -5.80 -8.15
N PRO A 74 3.45 -6.32 -7.14
CA PRO A 74 3.33 -5.90 -5.75
C PRO A 74 3.82 -4.45 -5.59
N THR A 75 2.89 -3.49 -5.72
CA THR A 75 3.18 -2.06 -5.64
C THR A 75 2.72 -1.47 -4.33
N LEU A 76 3.64 -0.80 -3.64
CA LEU A 76 3.34 0.09 -2.52
C LEU A 76 3.04 1.49 -3.06
N VAL A 77 1.89 2.05 -2.68
CA VAL A 77 1.42 3.39 -3.07
C VAL A 77 1.17 4.21 -1.79
N PHE A 78 1.81 5.38 -1.70
CA PHE A 78 1.75 6.26 -0.53
C PHE A 78 0.93 7.53 -0.86
N ILE A 79 -0.13 7.77 -0.10
CA ILE A 79 -1.09 8.87 -0.32
C ILE A 79 -0.91 9.91 0.79
N ARG A 80 -0.60 11.16 0.44
CA ARG A 80 -0.59 12.34 1.32
C ARG A 80 -1.60 13.37 0.80
N ASP A 81 -2.53 13.82 1.65
CA ASP A 81 -3.58 14.80 1.30
C ASP A 81 -4.52 14.29 0.18
N GLY A 82 -4.55 12.96 -0.05
CA GLY A 82 -5.28 12.33 -1.14
C GLY A 82 -4.53 12.27 -2.47
N LYS A 83 -3.28 12.75 -2.50
CA LYS A 83 -2.38 12.76 -3.66
C LYS A 83 -1.34 11.63 -3.51
N VAL A 84 -1.07 10.87 -4.56
CA VAL A 84 0.07 9.93 -4.59
C VAL A 84 1.40 10.69 -4.53
N ALA A 85 2.08 10.61 -3.37
CA ALA A 85 3.32 11.36 -3.09
C ALA A 85 4.59 10.54 -3.36
N LYS A 86 4.47 9.21 -3.40
CA LYS A 86 5.55 8.23 -3.52
C LYS A 86 4.95 6.88 -3.96
N VAL A 87 5.72 6.08 -4.71
CA VAL A 87 5.28 4.77 -5.24
C VAL A 87 6.49 3.93 -5.65
N PHE A 88 6.41 2.60 -5.46
CA PHE A 88 7.41 1.63 -5.93
C PHE A 88 6.83 0.22 -6.07
N SER A 89 7.26 -0.51 -7.09
CA SER A 89 6.93 -1.92 -7.30
C SER A 89 8.09 -2.84 -6.88
N GLY A 90 7.80 -3.87 -6.08
CA GLY A 90 8.76 -4.86 -5.58
C GLY A 90 8.63 -5.13 -4.07
N ILE A 91 9.64 -5.79 -3.52
CA ILE A 91 9.73 -6.21 -2.11
C ILE A 91 10.95 -5.59 -1.46
N MET A 92 10.84 -5.26 -0.17
CA MET A 92 12.01 -4.94 0.67
C MET A 92 11.81 -5.30 2.15
N ASN A 93 12.93 -5.37 2.88
CA ASN A 93 12.94 -5.59 4.33
C ASN A 93 12.42 -4.37 5.13
N PRO A 94 11.97 -4.55 6.39
CA PRO A 94 11.39 -3.46 7.18
C PRO A 94 12.42 -2.42 7.67
N ARG A 95 13.73 -2.73 7.66
CA ARG A 95 14.79 -1.77 8.01
C ARG A 95 14.88 -0.66 6.94
N GLU A 96 14.89 -1.05 5.67
CA GLU A 96 15.05 -0.15 4.53
C GLU A 96 13.76 0.59 4.16
N LEU A 97 12.58 0.01 4.47
CA LEU A 97 11.28 0.66 4.26
C LEU A 97 11.13 1.95 5.09
N GLN A 98 11.87 2.10 6.19
CA GLN A 98 11.91 3.33 6.99
C GLN A 98 12.46 4.51 6.18
N ALA A 99 13.52 4.29 5.39
CA ALA A 99 14.14 5.33 4.56
C ALA A 99 13.24 5.72 3.37
N LEU A 100 12.49 4.76 2.83
CA LEU A 100 11.50 4.96 1.76
C LEU A 100 10.39 5.90 2.26
N TYR A 101 9.82 5.62 3.42
CA TYR A 101 8.84 6.49 4.11
C TYR A 101 9.43 7.85 4.49
N ALA A 102 10.65 7.91 5.05
CA ALA A 102 11.30 9.17 5.44
C ALA A 102 11.50 10.11 4.24
N SER A 103 11.85 9.56 3.08
CA SER A 103 12.03 10.32 1.81
C SER A 103 10.79 11.14 1.42
N ILE A 104 9.58 10.65 1.74
CA ILE A 104 8.30 11.36 1.48
C ILE A 104 8.24 12.69 2.24
N MET A 1 -0.37 -1.48 11.60
CA MET A 1 -0.20 -2.87 12.03
C MET A 1 -1.52 -3.68 12.01
N SER A 2 -1.40 -4.99 11.89
CA SER A 2 -2.46 -6.02 12.06
C SER A 2 -3.49 -6.04 10.92
N ALA A 3 -4.17 -4.92 10.65
CA ALA A 3 -5.29 -4.78 9.72
C ALA A 3 -4.83 -4.58 8.25
N ILE A 4 -3.74 -5.25 7.85
CA ILE A 4 -3.17 -5.17 6.50
C ILE A 4 -4.01 -6.06 5.55
N ARG A 5 -5.09 -5.47 5.02
CA ARG A 5 -6.14 -6.12 4.20
C ARG A 5 -6.93 -5.05 3.41
N ASP A 6 -7.86 -5.49 2.56
CA ASP A 6 -8.72 -4.61 1.74
C ASP A 6 -9.96 -4.21 2.53
N ILE A 7 -10.11 -2.91 2.84
CA ILE A 7 -11.26 -2.37 3.59
C ILE A 7 -12.37 -2.02 2.58
N THR A 8 -13.06 -3.05 2.09
CA THR A 8 -14.08 -3.04 1.04
C THR A 8 -15.14 -1.95 1.20
N THR A 9 -15.43 -1.52 2.43
CA THR A 9 -16.41 -0.49 2.80
C THR A 9 -15.97 0.94 2.51
N GLU A 10 -14.69 1.20 2.23
CA GLU A 10 -14.18 2.55 1.91
C GLU A 10 -12.92 2.62 1.00
N ALA A 11 -12.12 1.56 0.90
CA ALA A 11 -10.92 1.53 0.08
C ALA A 11 -11.23 1.73 -1.42
N GLY A 12 -10.45 2.59 -2.09
CA GLY A 12 -10.67 3.03 -3.47
C GLY A 12 -10.38 4.53 -3.66
N MET A 13 -10.37 4.98 -4.91
CA MET A 13 -9.88 6.31 -5.31
C MET A 13 -10.51 7.49 -4.56
N ALA A 14 -11.80 7.41 -4.22
CA ALA A 14 -12.49 8.49 -3.51
C ALA A 14 -12.02 8.69 -2.06
N HIS A 15 -11.55 7.62 -1.40
CA HIS A 15 -10.84 7.72 -0.12
C HIS A 15 -9.40 8.23 -0.33
N PHE A 16 -8.71 7.77 -1.38
CA PHE A 16 -7.32 8.14 -1.65
C PHE A 16 -7.16 9.59 -2.13
N GLU A 17 -8.26 10.26 -2.49
CA GLU A 17 -8.31 11.71 -2.78
C GLU A 17 -8.68 12.56 -1.54
N GLY A 18 -9.17 11.96 -0.46
CA GLY A 18 -9.73 12.67 0.70
C GLY A 18 -9.07 12.41 2.06
N LEU A 19 -8.29 11.33 2.20
CA LEU A 19 -7.70 10.88 3.46
C LEU A 19 -6.56 11.77 3.98
N SER A 20 -6.18 11.59 5.24
CA SER A 20 -5.12 12.37 5.91
C SER A 20 -3.70 11.86 5.62
N ASP A 21 -3.45 10.56 5.80
CA ASP A 21 -2.13 9.91 5.66
C ASP A 21 -2.30 8.39 5.57
N ALA A 22 -1.96 7.79 4.42
CA ALA A 22 -2.18 6.36 4.15
C ALA A 22 -1.15 5.73 3.22
N ILE A 23 -1.06 4.40 3.26
CA ILE A 23 -0.14 3.59 2.44
C ILE A 23 -0.91 2.36 1.93
N VAL A 24 -0.97 2.19 0.62
CA VAL A 24 -1.81 1.21 -0.08
C VAL A 24 -0.91 0.23 -0.84
N PHE A 25 -0.97 -1.06 -0.49
CA PHE A 25 -0.19 -2.12 -1.11
C PHE A 25 -1.01 -2.96 -2.10
N PHE A 26 -0.67 -2.91 -3.39
CA PHE A 26 -1.34 -3.63 -4.46
C PHE A 26 -0.87 -5.09 -4.55
N HIS A 27 -1.37 -5.93 -3.64
CA HIS A 27 -1.10 -7.36 -3.59
C HIS A 27 -1.99 -8.19 -4.57
N LYS A 28 -1.94 -9.52 -4.45
CA LYS A 28 -2.81 -10.49 -5.14
C LYS A 28 -3.16 -11.69 -4.24
N ASN A 29 -4.17 -12.48 -4.62
CA ASN A 29 -4.90 -13.47 -3.79
C ASN A 29 -4.05 -14.31 -2.80
N LEU A 30 -3.60 -15.51 -3.18
CA LEU A 30 -2.91 -16.48 -2.32
C LEU A 30 -1.38 -16.44 -2.47
N CYS A 31 -0.87 -15.95 -3.61
CA CYS A 31 0.53 -15.99 -4.02
C CYS A 31 1.52 -15.53 -2.91
N PRO A 32 2.40 -16.44 -2.43
CA PRO A 32 3.33 -16.19 -1.32
C PRO A 32 4.25 -14.99 -1.48
N HIS A 33 4.54 -14.53 -2.70
CA HIS A 33 5.45 -13.42 -2.96
C HIS A 33 5.04 -12.13 -2.20
N CYS A 34 3.75 -11.73 -2.28
CA CYS A 34 3.22 -10.53 -1.63
C CYS A 34 3.14 -10.65 -0.09
N LYS A 35 3.03 -11.87 0.43
CA LYS A 35 2.84 -12.15 1.86
C LYS A 35 4.04 -11.73 2.71
N ASN A 36 5.25 -11.78 2.13
CA ASN A 36 6.44 -11.20 2.74
C ASN A 36 6.25 -9.68 2.96
N MET A 37 5.85 -8.96 1.90
CA MET A 37 5.61 -7.52 1.90
C MET A 37 4.49 -7.12 2.86
N GLU A 38 3.39 -7.87 2.92
CA GLU A 38 2.33 -7.67 3.94
C GLU A 38 2.91 -7.71 5.38
N LYS A 39 3.89 -8.57 5.65
CA LYS A 39 4.57 -8.63 6.96
C LYS A 39 5.52 -7.44 7.18
N VAL A 40 6.12 -6.92 6.11
CA VAL A 40 6.94 -5.69 6.13
C VAL A 40 6.08 -4.48 6.48
N LEU A 41 4.89 -4.36 5.90
CA LEU A 41 3.89 -3.34 6.26
C LEU A 41 3.44 -3.47 7.72
N ASP A 42 3.24 -4.67 8.23
CA ASP A 42 2.91 -4.91 9.64
C ASP A 42 4.03 -4.43 10.59
N LYS A 43 5.29 -4.82 10.35
CA LYS A 43 6.44 -4.40 11.16
C LYS A 43 6.71 -2.87 11.07
N PHE A 44 6.52 -2.28 9.89
CA PHE A 44 6.56 -0.82 9.67
C PHE A 44 5.45 -0.10 10.45
N GLY A 45 4.25 -0.68 10.54
CA GLY A 45 3.08 -0.07 11.16
C GLY A 45 3.08 -0.20 12.68
N ALA A 46 3.85 -1.14 13.23
CA ALA A 46 3.93 -1.41 14.66
C ALA A 46 4.39 -0.18 15.49
N ARG A 47 5.23 0.68 14.90
CA ARG A 47 5.69 1.96 15.47
C ARG A 47 5.02 3.20 14.83
N ALA A 48 3.97 3.01 14.02
CA ALA A 48 3.20 4.07 13.35
C ALA A 48 1.71 3.71 13.10
N PRO A 49 0.97 3.16 14.09
CA PRO A 49 -0.37 2.57 13.87
C PRO A 49 -1.44 3.60 13.46
N GLN A 50 -1.18 4.91 13.63
CA GLN A 50 -2.06 5.98 13.17
C GLN A 50 -1.94 6.31 11.66
N VAL A 51 -0.97 5.72 10.94
CA VAL A 51 -0.98 5.69 9.47
C VAL A 51 -2.04 4.68 9.03
N ALA A 52 -2.89 5.03 8.06
CA ALA A 52 -3.84 4.10 7.45
C ALA A 52 -3.14 3.20 6.42
N ILE A 53 -2.55 2.11 6.90
CA ILE A 53 -1.86 1.11 6.04
C ILE A 53 -2.86 0.02 5.64
N SER A 54 -2.94 -0.29 4.36
CA SER A 54 -3.85 -1.30 3.82
C SER A 54 -3.23 -2.07 2.64
N SER A 55 -3.91 -3.11 2.19
CA SER A 55 -3.58 -3.80 0.93
C SER A 55 -4.82 -3.92 0.04
N VAL A 56 -4.63 -4.02 -1.28
CA VAL A 56 -5.70 -3.92 -2.29
C VAL A 56 -5.42 -4.96 -3.37
N ASP A 57 -6.44 -5.80 -3.66
CA ASP A 57 -6.39 -6.86 -4.66
C ASP A 57 -6.27 -6.27 -6.07
N SER A 58 -5.06 -6.27 -6.62
CA SER A 58 -4.75 -5.73 -7.96
C SER A 58 -5.62 -6.34 -9.07
N GLU A 59 -5.92 -7.64 -8.94
CA GLU A 59 -6.79 -8.41 -9.83
C GLU A 59 -8.27 -7.99 -9.78
N ALA A 60 -8.72 -7.42 -8.66
CA ALA A 60 -10.09 -6.93 -8.45
C ALA A 60 -10.20 -5.40 -8.58
N ARG A 61 -9.08 -4.68 -8.51
CA ARG A 61 -8.95 -3.23 -8.69
C ARG A 61 -7.99 -2.86 -9.85
N PRO A 62 -8.15 -3.40 -11.08
CA PRO A 62 -7.39 -2.93 -12.24
C PRO A 62 -7.79 -1.50 -12.63
N GLU A 63 -9.00 -1.06 -12.30
CA GLU A 63 -9.49 0.31 -12.53
C GLU A 63 -8.72 1.36 -11.71
N LEU A 64 -8.14 1.00 -10.56
CA LEU A 64 -7.18 1.83 -9.83
C LEU A 64 -5.84 1.85 -10.57
N MET A 65 -5.27 0.68 -10.84
CA MET A 65 -3.95 0.52 -11.49
C MET A 65 -3.86 1.19 -12.86
N LYS A 66 -4.99 1.39 -13.54
CA LYS A 66 -5.12 2.09 -14.82
C LYS A 66 -4.86 3.61 -14.67
N GLU A 67 -5.16 4.18 -13.50
CA GLU A 67 -4.98 5.61 -13.21
C GLU A 67 -3.53 5.93 -12.86
N LEU A 68 -2.85 5.03 -12.12
CA LEU A 68 -1.45 5.21 -11.71
C LEU A 68 -0.44 4.66 -12.73
N GLY A 69 -0.84 3.71 -13.58
CA GLY A 69 -0.05 3.14 -14.67
C GLY A 69 0.66 1.82 -14.35
N PHE A 70 0.18 1.06 -13.36
CA PHE A 70 0.78 -0.21 -12.93
C PHE A 70 0.35 -1.37 -13.83
N GLU A 71 1.18 -2.42 -13.90
CA GLU A 71 1.00 -3.57 -14.79
C GLU A 71 0.48 -4.81 -14.05
N ARG A 72 1.31 -5.44 -13.21
CA ARG A 72 1.06 -6.79 -12.64
C ARG A 72 1.80 -7.12 -11.33
N VAL A 73 2.52 -6.16 -10.77
CA VAL A 73 3.59 -6.35 -9.75
C VAL A 73 3.18 -5.84 -8.36
N PRO A 74 3.80 -6.34 -7.27
CA PRO A 74 3.57 -5.88 -5.91
C PRO A 74 4.01 -4.42 -5.76
N THR A 75 3.05 -3.50 -5.95
CA THR A 75 3.29 -2.05 -5.97
C THR A 75 2.81 -1.42 -4.67
N LEU A 76 3.66 -0.61 -4.03
CA LEU A 76 3.35 0.09 -2.79
C LEU A 76 3.21 1.59 -3.06
N VAL A 77 2.03 2.14 -2.78
CA VAL A 77 1.62 3.51 -3.15
C VAL A 77 1.36 4.32 -1.88
N PHE A 78 1.96 5.51 -1.78
CA PHE A 78 1.94 6.32 -0.57
C PHE A 78 1.10 7.58 -0.80
N ILE A 79 0.02 7.74 -0.02
CA ILE A 79 -0.94 8.86 -0.11
C ILE A 79 -0.74 9.81 1.08
N ARG A 80 -0.30 11.04 0.81
CA ARG A 80 -0.18 12.11 1.81
C ARG A 80 -1.28 13.15 1.55
N ASP A 81 -2.19 13.38 2.50
CA ASP A 81 -3.20 14.46 2.45
C ASP A 81 -4.20 14.31 1.27
N GLY A 82 -4.34 13.09 0.76
CA GLY A 82 -5.18 12.77 -0.41
C GLY A 82 -4.44 12.93 -1.74
N LYS A 83 -3.12 13.10 -1.71
CA LYS A 83 -2.25 13.22 -2.90
C LYS A 83 -1.33 11.98 -2.97
N VAL A 84 -1.23 11.34 -4.14
CA VAL A 84 -0.23 10.28 -4.38
C VAL A 84 1.16 10.94 -4.51
N ALA A 85 1.97 10.75 -3.47
CA ALA A 85 3.23 11.47 -3.27
C ALA A 85 4.49 10.65 -3.65
N LYS A 86 4.37 9.32 -3.70
CA LYS A 86 5.46 8.36 -3.94
C LYS A 86 4.90 6.99 -4.36
N VAL A 87 5.69 6.22 -5.11
CA VAL A 87 5.39 4.82 -5.47
C VAL A 87 6.67 4.06 -5.81
N PHE A 88 6.71 2.77 -5.45
CA PHE A 88 7.70 1.80 -5.93
C PHE A 88 7.02 0.43 -6.16
N SER A 89 7.65 -0.46 -6.93
CA SER A 89 7.20 -1.84 -7.08
C SER A 89 8.33 -2.86 -6.87
N GLY A 90 8.01 -3.98 -6.23
CA GLY A 90 8.94 -5.05 -5.84
C GLY A 90 8.82 -5.41 -4.36
N ILE A 91 9.92 -5.88 -3.79
CA ILE A 91 10.06 -6.34 -2.40
C ILE A 91 11.20 -5.61 -1.70
N MET A 92 11.04 -5.33 -0.40
CA MET A 92 12.13 -4.93 0.50
C MET A 92 11.90 -5.44 1.93
N ASN A 93 12.38 -4.72 2.93
CA ASN A 93 12.27 -5.07 4.36
C ASN A 93 12.17 -3.77 5.22
N PRO A 94 11.67 -3.82 6.47
CA PRO A 94 11.02 -2.67 7.09
C PRO A 94 12.00 -1.54 7.45
N ARG A 95 13.24 -1.86 7.85
CA ARG A 95 14.31 -0.87 8.10
C ARG A 95 14.66 -0.03 6.84
N GLU A 96 14.53 -0.63 5.65
CA GLU A 96 14.67 0.08 4.36
C GLU A 96 13.38 0.82 3.97
N LEU A 97 12.20 0.29 4.33
CA LEU A 97 10.91 0.94 4.05
C LEU A 97 10.75 2.27 4.81
N GLN A 98 11.35 2.42 6.00
CA GLN A 98 11.44 3.72 6.68
C GLN A 98 12.15 4.78 5.82
N ALA A 99 13.19 4.42 5.06
CA ALA A 99 13.90 5.37 4.19
C ALA A 99 13.07 5.79 2.98
N LEU A 100 12.27 4.87 2.40
CA LEU A 100 11.34 5.18 1.30
C LEU A 100 10.22 6.13 1.76
N TYR A 101 9.69 5.93 2.97
CA TYR A 101 8.78 6.86 3.63
C TYR A 101 9.44 8.23 3.90
N ALA A 102 10.64 8.27 4.47
CA ALA A 102 11.35 9.53 4.76
C ALA A 102 11.67 10.32 3.47
N SER A 103 11.94 9.63 2.36
CA SER A 103 12.17 10.20 1.03
C SER A 103 10.92 10.90 0.45
N ILE A 104 9.73 10.71 1.03
CA ILE A 104 8.52 11.48 0.67
C ILE A 104 8.57 12.88 1.30
N MET A 1 -2.83 -10.71 8.37
CA MET A 1 -2.06 -9.94 9.34
C MET A 1 -2.95 -9.09 10.24
N SER A 2 -2.37 -8.56 11.32
CA SER A 2 -3.11 -7.82 12.36
C SER A 2 -3.53 -6.42 11.91
N ALA A 3 -2.63 -5.66 11.27
CA ALA A 3 -2.89 -4.29 10.81
C ALA A 3 -3.18 -4.15 9.31
N ILE A 4 -2.87 -5.18 8.53
CA ILE A 4 -2.87 -5.17 7.05
C ILE A 4 -3.90 -6.16 6.50
N ARG A 5 -4.79 -5.67 5.62
CA ARG A 5 -5.83 -6.47 4.99
C ARG A 5 -6.42 -5.77 3.76
N ASP A 6 -7.07 -6.59 2.92
CA ASP A 6 -7.77 -6.24 1.70
C ASP A 6 -8.93 -5.25 1.94
N ILE A 7 -8.85 -4.06 1.34
CA ILE A 7 -9.98 -3.10 1.26
C ILE A 7 -10.36 -2.79 -0.19
N THR A 8 -10.66 -3.86 -0.93
CA THR A 8 -11.12 -3.92 -2.33
C THR A 8 -12.29 -2.98 -2.65
N THR A 9 -13.15 -2.70 -1.67
CA THR A 9 -14.33 -1.84 -1.75
C THR A 9 -13.93 -0.37 -1.72
N GLU A 10 -13.46 0.15 -0.59
CA GLU A 10 -13.19 1.58 -0.39
C GLU A 10 -11.92 2.10 -1.11
N ALA A 11 -10.91 1.27 -1.39
CA ALA A 11 -9.65 1.74 -1.98
C ALA A 11 -9.88 2.42 -3.36
N GLY A 12 -9.54 3.72 -3.43
CA GLY A 12 -9.73 4.57 -4.62
C GLY A 12 -9.65 6.06 -4.30
N MET A 13 -9.48 6.88 -5.34
CA MET A 13 -9.24 8.33 -5.25
C MET A 13 -10.25 9.10 -4.39
N ALA A 14 -11.53 8.73 -4.45
CA ALA A 14 -12.60 9.38 -3.69
C ALA A 14 -12.53 9.12 -2.17
N HIS A 15 -11.95 7.98 -1.76
CA HIS A 15 -11.63 7.71 -0.37
C HIS A 15 -10.30 8.35 0.06
N PHE A 16 -9.33 8.46 -0.86
CA PHE A 16 -8.04 9.06 -0.59
C PHE A 16 -8.18 10.57 -0.30
N GLU A 17 -9.17 11.26 -0.88
CA GLU A 17 -9.39 12.70 -0.64
C GLU A 17 -9.81 13.04 0.81
N GLY A 18 -10.07 12.04 1.67
CA GLY A 18 -10.39 12.22 3.10
C GLY A 18 -9.20 12.09 4.07
N LEU A 19 -7.99 11.75 3.60
CA LEU A 19 -6.84 11.39 4.43
C LEU A 19 -6.10 12.57 5.08
N SER A 20 -5.36 12.28 6.14
CA SER A 20 -4.07 12.91 6.43
C SER A 20 -2.93 12.15 5.70
N ASP A 21 -2.84 10.82 5.87
CA ASP A 21 -1.78 9.96 5.34
C ASP A 21 -2.20 8.47 5.31
N ALA A 22 -1.91 7.79 4.19
CA ALA A 22 -2.24 6.38 3.95
C ALA A 22 -1.21 5.66 3.06
N ILE A 23 -1.22 4.33 3.06
CA ILE A 23 -0.38 3.47 2.21
C ILE A 23 -1.23 2.29 1.71
N VAL A 24 -1.16 2.01 0.40
CA VAL A 24 -1.96 0.99 -0.27
C VAL A 24 -1.02 0.03 -1.02
N PHE A 25 -1.13 -1.26 -0.71
CA PHE A 25 -0.38 -2.34 -1.37
C PHE A 25 -1.27 -3.10 -2.37
N PHE A 26 -0.99 -2.94 -3.66
CA PHE A 26 -1.65 -3.63 -4.78
C PHE A 26 -1.09 -5.06 -4.94
N HIS A 27 -1.44 -5.94 -3.98
CA HIS A 27 -0.95 -7.31 -3.93
C HIS A 27 -1.75 -8.28 -4.83
N LYS A 28 -1.49 -9.60 -4.70
CA LYS A 28 -2.27 -10.66 -5.35
C LYS A 28 -2.54 -11.83 -4.38
N ASN A 29 -3.50 -12.69 -4.71
CA ASN A 29 -3.98 -13.78 -3.85
C ASN A 29 -2.96 -14.92 -3.71
N LEU A 30 -2.61 -15.56 -4.84
CA LEU A 30 -1.85 -16.81 -4.89
C LEU A 30 -0.34 -16.58 -4.67
N CYS A 31 0.22 -15.53 -5.29
CA CYS A 31 1.63 -15.16 -5.28
C CYS A 31 2.31 -15.20 -3.89
N PRO A 32 3.19 -16.19 -3.60
CA PRO A 32 3.91 -16.29 -2.34
C PRO A 32 4.84 -15.10 -2.07
N HIS A 33 5.38 -14.47 -3.11
CA HIS A 33 6.29 -13.34 -2.96
C HIS A 33 5.58 -12.10 -2.34
N CYS A 34 4.31 -11.83 -2.70
CA CYS A 34 3.52 -10.72 -2.17
C CYS A 34 3.31 -10.80 -0.64
N LYS A 35 3.21 -12.02 -0.11
CA LYS A 35 2.89 -12.26 1.30
C LYS A 35 3.93 -11.65 2.26
N ASN A 36 5.18 -11.54 1.82
CA ASN A 36 6.26 -10.93 2.60
C ASN A 36 5.99 -9.43 2.85
N MET A 37 5.53 -8.69 1.85
CA MET A 37 5.23 -7.25 2.01
C MET A 37 4.05 -7.01 2.97
N GLU A 38 3.11 -7.95 3.13
CA GLU A 38 2.08 -7.89 4.17
C GLU A 38 2.71 -7.97 5.58
N LYS A 39 3.65 -8.89 5.81
CA LYS A 39 4.43 -8.95 7.06
C LYS A 39 5.26 -7.67 7.27
N VAL A 40 5.94 -7.18 6.23
CA VAL A 40 6.77 -5.96 6.29
C VAL A 40 5.93 -4.74 6.67
N LEU A 41 4.79 -4.55 6.03
CA LEU A 41 3.87 -3.44 6.30
C LEU A 41 3.28 -3.48 7.73
N ASP A 42 2.99 -4.67 8.26
CA ASP A 42 2.50 -4.83 9.64
C ASP A 42 3.56 -4.36 10.65
N LYS A 43 4.82 -4.79 10.48
CA LYS A 43 5.96 -4.38 11.34
C LYS A 43 6.34 -2.89 11.16
N PHE A 44 6.17 -2.34 9.96
CA PHE A 44 6.32 -0.91 9.65
C PHE A 44 5.25 -0.06 10.35
N GLY A 45 4.01 -0.55 10.47
CA GLY A 45 2.89 0.20 11.05
C GLY A 45 2.92 0.21 12.57
N ALA A 46 3.59 -0.78 13.18
CA ALA A 46 3.71 -0.93 14.63
C ALA A 46 4.34 0.30 15.33
N ARG A 47 5.21 1.03 14.63
CA ARG A 47 5.85 2.29 15.10
C ARG A 47 5.30 3.57 14.43
N ALA A 48 4.21 3.48 13.67
CA ALA A 48 3.52 4.62 13.05
C ALA A 48 1.97 4.46 13.13
N PRO A 49 1.35 4.89 14.25
CA PRO A 49 -0.06 4.59 14.52
C PRO A 49 -1.05 5.44 13.71
N GLN A 50 -0.64 6.54 13.06
CA GLN A 50 -1.56 7.51 12.45
C GLN A 50 -1.79 7.28 10.95
N VAL A 51 -0.98 6.43 10.29
CA VAL A 51 -1.06 6.14 8.85
C VAL A 51 -2.08 5.03 8.58
N ALA A 52 -2.99 5.27 7.64
CA ALA A 52 -3.97 4.27 7.21
C ALA A 52 -3.33 3.30 6.19
N ILE A 53 -2.80 2.17 6.69
CA ILE A 53 -2.17 1.15 5.81
C ILE A 53 -3.21 0.09 5.43
N SER A 54 -3.23 -0.31 4.17
CA SER A 54 -4.11 -1.36 3.65
C SER A 54 -3.48 -2.14 2.48
N SER A 55 -4.08 -3.27 2.10
CA SER A 55 -3.79 -3.93 0.83
C SER A 55 -5.05 -3.97 -0.07
N VAL A 56 -4.89 -4.33 -1.34
CA VAL A 56 -5.99 -4.43 -2.32
C VAL A 56 -5.58 -5.38 -3.43
N ASP A 57 -6.46 -6.32 -3.78
CA ASP A 57 -6.24 -7.35 -4.78
C ASP A 57 -6.22 -6.77 -6.19
N SER A 58 -5.06 -6.88 -6.83
CA SER A 58 -4.84 -6.55 -8.25
C SER A 58 -5.76 -7.33 -9.22
N GLU A 59 -6.22 -8.54 -8.86
CA GLU A 59 -7.17 -9.31 -9.68
C GLU A 59 -8.61 -8.80 -9.55
N ALA A 60 -8.96 -8.11 -8.45
CA ALA A 60 -10.29 -7.58 -8.19
C ALA A 60 -10.44 -6.09 -8.57
N ARG A 61 -9.41 -5.27 -8.31
CA ARG A 61 -9.39 -3.83 -8.56
C ARG A 61 -8.16 -3.39 -9.40
N PRO A 62 -7.99 -3.89 -10.64
CA PRO A 62 -7.04 -3.36 -11.61
C PRO A 62 -7.48 -1.98 -12.13
N GLU A 63 -8.75 -1.59 -11.94
CA GLU A 63 -9.32 -0.30 -12.35
C GLU A 63 -8.51 0.89 -11.80
N LEU A 64 -8.05 0.81 -10.54
CA LEU A 64 -7.20 1.83 -9.92
C LEU A 64 -5.78 1.79 -10.48
N MET A 65 -5.19 0.60 -10.63
CA MET A 65 -3.83 0.42 -11.16
C MET A 65 -3.66 1.07 -12.56
N LYS A 66 -4.74 1.14 -13.35
CA LYS A 66 -4.75 1.78 -14.66
C LYS A 66 -4.72 3.32 -14.60
N GLU A 67 -5.05 3.92 -13.45
CA GLU A 67 -4.97 5.37 -13.20
C GLU A 67 -3.54 5.78 -12.85
N LEU A 68 -2.85 4.96 -12.04
CA LEU A 68 -1.45 5.19 -11.67
C LEU A 68 -0.48 4.73 -12.77
N GLY A 69 -0.87 3.75 -13.60
CA GLY A 69 -0.13 3.25 -14.76
C GLY A 69 0.60 1.92 -14.53
N PHE A 70 0.26 1.16 -13.48
CA PHE A 70 0.86 -0.14 -13.19
C PHE A 70 0.26 -1.23 -14.09
N GLU A 71 1.10 -2.16 -14.56
CA GLU A 71 0.66 -3.31 -15.34
C GLU A 71 0.03 -4.39 -14.44
N ARG A 72 0.87 -5.16 -13.73
CA ARG A 72 0.47 -6.35 -12.94
C ARG A 72 1.32 -6.60 -11.67
N VAL A 73 2.24 -5.69 -11.37
CA VAL A 73 3.35 -5.84 -10.38
C VAL A 73 2.93 -5.49 -8.94
N PRO A 74 3.63 -6.03 -7.91
CA PRO A 74 3.26 -5.87 -6.49
C PRO A 74 3.72 -4.51 -5.95
N THR A 75 2.88 -3.48 -6.19
CA THR A 75 3.22 -2.07 -5.96
C THR A 75 2.72 -1.56 -4.62
N LEU A 76 3.59 -0.91 -3.86
CA LEU A 76 3.25 -0.07 -2.71
C LEU A 76 3.11 1.39 -3.18
N VAL A 77 1.93 1.95 -2.93
CA VAL A 77 1.57 3.34 -3.25
C VAL A 77 1.38 4.11 -1.95
N PHE A 78 2.08 5.24 -1.81
CA PHE A 78 2.11 6.05 -0.60
C PHE A 78 1.36 7.37 -0.83
N ILE A 79 0.26 7.57 -0.09
CA ILE A 79 -0.66 8.70 -0.27
C ILE A 79 -0.55 9.67 0.90
N ARG A 80 -0.32 10.97 0.63
CA ARG A 80 -0.39 12.08 1.59
C ARG A 80 -1.55 12.99 1.21
N ASP A 81 -2.55 13.21 2.08
CA ASP A 81 -3.65 14.18 1.86
C ASP A 81 -4.48 13.82 0.60
N GLY A 82 -4.52 12.53 0.25
CA GLY A 82 -5.17 12.03 -0.98
C GLY A 82 -4.35 12.11 -2.26
N LYS A 83 -3.14 12.67 -2.20
CA LYS A 83 -2.22 12.84 -3.32
C LYS A 83 -1.16 11.73 -3.29
N VAL A 84 -0.90 11.06 -4.41
CA VAL A 84 0.19 10.08 -4.54
C VAL A 84 1.54 10.81 -4.52
N ALA A 85 2.22 10.72 -3.38
CA ALA A 85 3.49 11.42 -3.11
C ALA A 85 4.74 10.59 -3.49
N LYS A 86 4.60 9.26 -3.59
CA LYS A 86 5.68 8.28 -3.81
C LYS A 86 5.10 6.93 -4.29
N VAL A 87 5.91 6.14 -5.00
CA VAL A 87 5.60 4.77 -5.41
C VAL A 87 6.88 3.91 -5.49
N PHE A 88 6.76 2.62 -5.17
CA PHE A 88 7.80 1.60 -5.38
C PHE A 88 7.10 0.24 -5.62
N SER A 89 7.71 -0.64 -6.41
CA SER A 89 7.16 -1.98 -6.69
C SER A 89 8.22 -3.09 -6.56
N GLY A 90 7.84 -4.22 -5.98
CA GLY A 90 8.73 -5.35 -5.68
C GLY A 90 8.79 -5.63 -4.17
N ILE A 91 9.98 -6.04 -3.69
CA ILE A 91 10.23 -6.47 -2.30
C ILE A 91 11.23 -5.54 -1.59
N MET A 92 11.00 -5.30 -0.29
CA MET A 92 12.02 -4.80 0.64
C MET A 92 11.73 -5.16 2.09
N ASN A 93 12.71 -4.93 2.97
CA ASN A 93 12.62 -5.08 4.43
C ASN A 93 12.00 -3.85 5.12
N PRO A 94 11.51 -3.93 6.38
CA PRO A 94 10.83 -2.82 7.03
C PRO A 94 11.74 -1.65 7.41
N ARG A 95 13.03 -1.87 7.72
CA ARG A 95 13.93 -0.77 8.11
C ARG A 95 14.36 0.10 6.92
N GLU A 96 14.43 -0.46 5.70
CA GLU A 96 14.51 0.31 4.46
C GLU A 96 13.14 0.88 4.03
N LEU A 97 12.01 0.28 4.42
CA LEU A 97 10.69 0.88 4.21
C LEU A 97 10.45 2.12 5.10
N GLN A 98 11.04 2.17 6.30
CA GLN A 98 11.16 3.42 7.06
C GLN A 98 11.96 4.47 6.26
N ALA A 99 13.09 4.11 5.64
CA ALA A 99 13.86 5.04 4.82
C ALA A 99 13.10 5.49 3.56
N LEU A 100 12.24 4.64 2.99
CA LEU A 100 11.35 4.95 1.87
C LEU A 100 10.31 6.00 2.31
N TYR A 101 9.65 5.81 3.45
CA TYR A 101 8.78 6.82 4.08
C TYR A 101 9.53 8.13 4.39
N ALA A 102 10.77 8.06 4.89
CA ALA A 102 11.58 9.25 5.16
C ALA A 102 11.97 9.99 3.87
N SER A 103 12.06 9.27 2.76
CA SER A 103 12.27 9.80 1.41
C SER A 103 11.00 10.41 0.79
N ILE A 104 9.82 10.22 1.38
CA ILE A 104 8.62 11.05 1.11
C ILE A 104 8.77 12.39 1.84
N MET A 1 -4.67 -11.72 12.69
CA MET A 1 -4.19 -10.79 13.71
C MET A 1 -3.26 -9.69 13.16
N SER A 2 -2.91 -9.77 11.88
CA SER A 2 -2.17 -8.73 11.14
C SER A 2 -2.98 -7.44 10.97
N ALA A 3 -2.30 -6.29 10.98
CA ALA A 3 -2.89 -4.99 10.69
C ALA A 3 -3.16 -4.74 9.19
N ILE A 4 -2.66 -5.61 8.32
CA ILE A 4 -2.63 -5.44 6.86
C ILE A 4 -3.63 -6.39 6.18
N ARG A 5 -4.52 -5.80 5.37
CA ARG A 5 -5.68 -6.41 4.71
C ARG A 5 -6.40 -5.42 3.80
N ASP A 6 -7.38 -5.91 3.04
CA ASP A 6 -8.44 -5.10 2.44
C ASP A 6 -9.42 -4.62 3.52
N ILE A 7 -9.59 -3.30 3.66
CA ILE A 7 -10.48 -2.69 4.65
C ILE A 7 -11.86 -2.46 4.03
N THR A 8 -12.92 -2.90 4.73
CA THR A 8 -14.32 -2.89 4.27
C THR A 8 -14.99 -1.51 4.29
N THR A 9 -14.43 -0.55 5.04
CA THR A 9 -14.99 0.79 5.27
C THR A 9 -15.02 1.64 4.00
N GLU A 10 -13.91 1.70 3.27
CA GLU A 10 -13.68 2.46 2.05
C GLU A 10 -12.26 2.23 1.51
N ALA A 11 -12.14 2.13 0.18
CA ALA A 11 -10.89 1.94 -0.56
C ALA A 11 -11.07 2.29 -2.05
N GLY A 12 -10.12 3.05 -2.61
CA GLY A 12 -10.17 3.59 -3.97
C GLY A 12 -10.00 5.11 -4.01
N MET A 13 -9.95 5.66 -5.23
CA MET A 13 -9.50 7.03 -5.49
C MET A 13 -10.25 8.12 -4.70
N ALA A 14 -11.56 7.93 -4.44
CA ALA A 14 -12.35 8.88 -3.66
C ALA A 14 -11.93 8.97 -2.18
N HIS A 15 -11.44 7.88 -1.60
CA HIS A 15 -10.79 7.90 -0.29
C HIS A 15 -9.38 8.52 -0.38
N PHE A 16 -8.64 8.19 -1.45
CA PHE A 16 -7.25 8.63 -1.63
C PHE A 16 -7.11 10.12 -2.00
N GLU A 17 -8.22 10.80 -2.32
CA GLU A 17 -8.30 12.26 -2.48
C GLU A 17 -8.70 12.99 -1.19
N GLY A 18 -9.24 12.29 -0.18
CA GLY A 18 -9.82 12.89 1.03
C GLY A 18 -9.07 12.60 2.34
N LEU A 19 -8.23 11.57 2.38
CA LEU A 19 -7.57 11.08 3.61
C LEU A 19 -6.43 11.99 4.12
N SER A 20 -6.00 11.74 5.36
CA SER A 20 -4.91 12.46 6.04
C SER A 20 -3.52 11.90 5.66
N ASP A 21 -3.21 10.66 6.02
CA ASP A 21 -1.95 9.96 5.71
C ASP A 21 -2.23 8.46 5.57
N ALA A 22 -1.90 7.89 4.40
CA ALA A 22 -2.15 6.47 4.10
C ALA A 22 -1.07 5.84 3.21
N ILE A 23 -1.01 4.50 3.22
CA ILE A 23 -0.14 3.69 2.36
C ILE A 23 -0.96 2.48 1.85
N VAL A 24 -1.04 2.33 0.52
CA VAL A 24 -1.86 1.31 -0.15
C VAL A 24 -0.92 0.34 -0.87
N PHE A 25 -1.01 -0.94 -0.52
CA PHE A 25 -0.26 -2.01 -1.18
C PHE A 25 -1.13 -2.75 -2.20
N PHE A 26 -0.86 -2.54 -3.49
CA PHE A 26 -1.46 -3.27 -4.60
C PHE A 26 -0.79 -4.64 -4.73
N HIS A 27 -1.24 -5.58 -3.89
CA HIS A 27 -0.78 -6.95 -3.88
C HIS A 27 -1.50 -7.82 -4.95
N LYS A 28 -1.19 -9.12 -5.01
CA LYS A 28 -2.04 -10.13 -5.66
C LYS A 28 -2.33 -11.31 -4.70
N ASN A 29 -3.57 -11.80 -4.72
CA ASN A 29 -4.05 -12.94 -3.94
C ASN A 29 -3.25 -14.25 -4.19
N LEU A 30 -2.74 -14.46 -5.41
CA LEU A 30 -1.95 -15.63 -5.81
C LEU A 30 -0.48 -15.54 -5.39
N CYS A 31 0.12 -14.34 -5.47
CA CYS A 31 1.56 -14.09 -5.33
C CYS A 31 2.16 -14.58 -4.00
N PRO A 32 3.11 -15.53 -4.03
CA PRO A 32 3.89 -15.94 -2.88
C PRO A 32 4.82 -14.84 -2.34
N HIS A 33 5.22 -13.86 -3.18
CA HIS A 33 6.11 -12.80 -2.77
C HIS A 33 5.37 -11.74 -1.92
N CYS A 34 4.13 -11.37 -2.31
CA CYS A 34 3.27 -10.43 -1.58
C CYS A 34 3.07 -10.79 -0.10
N LYS A 35 3.02 -12.08 0.23
CA LYS A 35 2.83 -12.57 1.61
C LYS A 35 3.88 -12.01 2.58
N ASN A 36 5.15 -11.92 2.14
CA ASN A 36 6.24 -11.34 2.93
C ASN A 36 6.00 -9.84 3.18
N MET A 37 5.64 -9.11 2.12
CA MET A 37 5.41 -7.67 2.15
C MET A 37 4.29 -7.27 3.11
N GLU A 38 3.22 -8.07 3.24
CA GLU A 38 2.20 -7.81 4.26
C GLU A 38 2.74 -7.91 5.69
N LYS A 39 3.65 -8.86 5.99
CA LYS A 39 4.34 -8.89 7.30
C LYS A 39 5.32 -7.71 7.47
N VAL A 40 5.98 -7.25 6.41
CA VAL A 40 6.85 -6.04 6.43
C VAL A 40 6.02 -4.81 6.81
N LEU A 41 4.86 -4.62 6.15
CA LEU A 41 3.93 -3.51 6.38
C LEU A 41 3.28 -3.61 7.78
N ASP A 42 3.00 -4.79 8.30
CA ASP A 42 2.53 -5.00 9.68
C ASP A 42 3.56 -4.52 10.71
N LYS A 43 4.83 -4.93 10.56
CA LYS A 43 5.91 -4.53 11.47
C LYS A 43 6.23 -3.02 11.37
N PHE A 44 6.10 -2.43 10.17
CA PHE A 44 6.16 -0.99 9.92
C PHE A 44 5.00 -0.26 10.63
N GLY A 45 3.77 -0.80 10.59
CA GLY A 45 2.56 -0.14 11.05
C GLY A 45 2.36 -0.27 12.55
N ALA A 46 2.90 -1.33 13.17
CA ALA A 46 2.77 -1.60 14.60
C ALA A 46 3.29 -0.44 15.49
N ARG A 47 4.34 0.24 15.03
CA ARG A 47 4.92 1.44 15.66
C ARG A 47 4.57 2.77 14.97
N ALA A 48 3.67 2.75 13.99
CA ALA A 48 3.12 3.92 13.28
C ALA A 48 1.59 3.82 13.02
N PRO A 49 0.76 3.40 14.00
CA PRO A 49 -0.64 3.03 13.78
C PRO A 49 -1.55 4.18 13.33
N GLN A 50 -1.11 5.43 13.48
CA GLN A 50 -1.81 6.62 12.96
C GLN A 50 -1.66 6.85 11.45
N VAL A 51 -0.79 6.10 10.74
CA VAL A 51 -0.84 5.98 9.27
C VAL A 51 -1.88 4.91 8.90
N ALA A 52 -2.78 5.22 7.98
CA ALA A 52 -3.76 4.25 7.45
C ALA A 52 -3.11 3.33 6.40
N ILE A 53 -2.66 2.15 6.80
CA ILE A 53 -1.96 1.19 5.91
C ILE A 53 -2.92 0.04 5.56
N SER A 54 -3.04 -0.29 4.28
CA SER A 54 -3.95 -1.31 3.78
C SER A 54 -3.41 -2.02 2.52
N SER A 55 -4.05 -3.09 2.08
CA SER A 55 -3.72 -3.79 0.83
C SER A 55 -4.94 -4.03 -0.08
N VAL A 56 -4.72 -4.13 -1.39
CA VAL A 56 -5.75 -4.13 -2.44
C VAL A 56 -5.36 -5.13 -3.54
N ASP A 57 -6.30 -5.96 -3.99
CA ASP A 57 -6.05 -6.99 -5.00
C ASP A 57 -6.09 -6.47 -6.43
N SER A 58 -4.97 -6.65 -7.11
CA SER A 58 -4.73 -6.27 -8.50
C SER A 58 -5.62 -6.96 -9.54
N GLU A 59 -6.20 -8.14 -9.25
CA GLU A 59 -7.14 -8.82 -10.16
C GLU A 59 -8.59 -8.36 -9.91
N ALA A 60 -9.01 -8.27 -8.65
CA ALA A 60 -10.38 -7.94 -8.24
C ALA A 60 -10.69 -6.44 -8.32
N ARG A 61 -9.67 -5.57 -8.18
CA ARG A 61 -9.80 -4.11 -8.04
C ARG A 61 -8.84 -3.35 -9.01
N PRO A 62 -8.87 -3.63 -10.33
CA PRO A 62 -7.91 -3.12 -11.32
C PRO A 62 -8.19 -1.67 -11.76
N GLU A 63 -9.35 -1.08 -11.39
CA GLU A 63 -9.77 0.24 -11.85
C GLU A 63 -8.87 1.36 -11.33
N LEU A 64 -8.15 1.10 -10.23
CA LEU A 64 -7.11 1.98 -9.68
C LEU A 64 -5.80 1.84 -10.46
N MET A 65 -5.28 0.61 -10.58
CA MET A 65 -3.98 0.33 -11.22
C MET A 65 -3.86 0.88 -12.64
N LYS A 66 -4.98 0.96 -13.37
CA LYS A 66 -5.03 1.45 -14.75
C LYS A 66 -4.87 2.99 -14.84
N GLU A 67 -5.01 3.69 -13.71
CA GLU A 67 -4.82 5.14 -13.62
C GLU A 67 -3.36 5.47 -13.30
N LEU A 68 -2.70 4.67 -12.43
CA LEU A 68 -1.29 4.85 -12.08
C LEU A 68 -0.32 4.18 -13.07
N GLY A 69 -0.78 3.18 -13.81
CA GLY A 69 -0.05 2.47 -14.87
C GLY A 69 0.57 1.13 -14.46
N PHE A 70 0.12 0.53 -13.35
CA PHE A 70 0.66 -0.75 -12.85
C PHE A 70 0.07 -1.93 -13.64
N GLU A 71 0.88 -2.94 -13.94
CA GLU A 71 0.48 -4.13 -14.71
C GLU A 71 0.13 -5.32 -13.80
N ARG A 72 1.09 -5.79 -12.98
CA ARG A 72 0.98 -7.08 -12.27
C ARG A 72 1.84 -7.23 -10.99
N VAL A 73 2.57 -6.18 -10.61
CA VAL A 73 3.70 -6.23 -9.65
C VAL A 73 3.31 -5.72 -8.25
N PRO A 74 4.00 -6.19 -7.18
CA PRO A 74 3.74 -5.80 -5.80
C PRO A 74 4.10 -4.33 -5.58
N THR A 75 3.13 -3.44 -5.76
CA THR A 75 3.35 -1.98 -5.75
C THR A 75 2.79 -1.32 -4.50
N LEU A 76 3.65 -0.58 -3.79
CA LEU A 76 3.22 0.34 -2.74
C LEU A 76 3.00 1.74 -3.32
N VAL A 77 1.83 2.32 -3.04
CA VAL A 77 1.47 3.72 -3.33
C VAL A 77 1.25 4.45 -2.01
N PHE A 78 1.92 5.60 -1.83
CA PHE A 78 1.87 6.39 -0.60
C PHE A 78 1.02 7.66 -0.84
N ILE A 79 0.03 7.90 0.04
CA ILE A 79 -0.89 9.05 -0.06
C ILE A 79 -0.63 9.97 1.14
N ARG A 80 -0.15 11.20 0.91
CA ARG A 80 -0.02 12.27 1.92
C ARG A 80 -1.05 13.36 1.61
N ASP A 81 -1.92 13.71 2.56
CA ASP A 81 -2.84 14.87 2.48
C ASP A 81 -3.90 14.71 1.37
N GLY A 82 -4.13 13.46 0.92
CA GLY A 82 -4.99 13.14 -0.22
C GLY A 82 -4.30 13.31 -1.57
N LYS A 83 -2.97 13.46 -1.59
CA LYS A 83 -2.13 13.56 -2.79
C LYS A 83 -1.31 12.26 -2.96
N VAL A 84 -1.25 11.71 -4.17
CA VAL A 84 -0.33 10.60 -4.52
C VAL A 84 1.10 11.14 -4.47
N ALA A 85 1.84 10.78 -3.42
CA ALA A 85 3.10 11.41 -3.05
C ALA A 85 4.35 10.61 -3.47
N LYS A 86 4.25 9.28 -3.58
CA LYS A 86 5.36 8.36 -3.87
C LYS A 86 4.82 6.99 -4.35
N VAL A 87 5.61 6.26 -5.14
CA VAL A 87 5.31 4.89 -5.58
C VAL A 87 6.61 4.08 -5.76
N PHE A 88 6.56 2.77 -5.46
CA PHE A 88 7.60 1.81 -5.84
C PHE A 88 7.00 0.41 -6.06
N SER A 89 7.54 -0.34 -7.02
CA SER A 89 7.14 -1.73 -7.30
C SER A 89 8.30 -2.70 -6.93
N GLY A 90 8.03 -3.64 -6.01
CA GLY A 90 8.97 -4.67 -5.58
C GLY A 90 8.78 -5.14 -4.13
N ILE A 91 9.79 -5.83 -3.62
CA ILE A 91 9.89 -6.29 -2.22
C ILE A 91 11.02 -5.54 -1.51
N MET A 92 10.79 -5.17 -0.25
CA MET A 92 11.83 -4.69 0.66
C MET A 92 11.64 -5.17 2.10
N ASN A 93 12.70 -5.11 2.89
CA ASN A 93 12.68 -5.28 4.35
C ASN A 93 12.14 -4.02 5.08
N PRO A 94 11.69 -4.11 6.36
CA PRO A 94 11.04 -2.99 7.04
C PRO A 94 11.98 -1.84 7.40
N ARG A 95 13.29 -2.08 7.58
CA ARG A 95 14.23 -1.01 7.93
C ARG A 95 14.60 -0.12 6.73
N GLU A 96 14.71 -0.69 5.52
CA GLU A 96 14.89 0.09 4.29
C GLU A 96 13.58 0.73 3.79
N LEU A 97 12.40 0.17 4.13
CA LEU A 97 11.10 0.81 3.86
C LEU A 97 10.95 2.16 4.60
N GLN A 98 11.65 2.36 5.74
CA GLN A 98 11.69 3.65 6.42
C GLN A 98 12.36 4.73 5.56
N ALA A 99 13.42 4.39 4.82
CA ALA A 99 14.12 5.35 3.96
C ALA A 99 13.23 5.82 2.78
N LEU A 100 12.40 4.93 2.23
CA LEU A 100 11.44 5.26 1.17
C LEU A 100 10.35 6.20 1.68
N TYR A 101 9.81 5.95 2.88
CA TYR A 101 8.88 6.86 3.57
C TYR A 101 9.54 8.21 3.92
N ALA A 102 10.77 8.20 4.43
CA ALA A 102 11.50 9.41 4.78
C ALA A 102 11.75 10.30 3.55
N SER A 103 12.04 9.67 2.40
CA SER A 103 12.21 10.29 1.09
C SER A 103 10.93 10.92 0.50
N ILE A 104 9.77 10.78 1.16
CA ILE A 104 8.55 11.57 0.86
C ILE A 104 8.60 12.93 1.58
N MET A 1 -3.31 -12.25 12.87
CA MET A 1 -1.91 -12.18 13.33
C MET A 1 -1.14 -10.98 12.74
N SER A 2 -1.79 -10.17 11.91
CA SER A 2 -1.21 -8.99 11.25
C SER A 2 -2.11 -7.75 11.36
N ALA A 3 -1.50 -6.57 11.44
CA ALA A 3 -2.17 -5.27 11.42
C ALA A 3 -2.67 -4.84 10.02
N ILE A 4 -2.34 -5.62 8.99
CA ILE A 4 -2.60 -5.33 7.57
C ILE A 4 -3.83 -6.12 7.10
N ARG A 5 -4.85 -5.39 6.64
CA ARG A 5 -6.13 -5.89 6.18
C ARG A 5 -6.39 -5.44 4.74
N ASP A 6 -7.11 -6.27 3.97
CA ASP A 6 -7.67 -5.89 2.67
C ASP A 6 -8.99 -5.14 2.90
N ILE A 7 -8.98 -3.81 2.72
CA ILE A 7 -10.13 -2.94 3.01
C ILE A 7 -10.81 -2.52 1.70
N THR A 8 -11.29 -3.53 0.97
CA THR A 8 -11.98 -3.47 -0.32
C THR A 8 -13.03 -2.37 -0.40
N THR A 9 -13.78 -2.17 0.70
CA THR A 9 -14.91 -1.25 0.83
C THR A 9 -14.47 0.21 0.78
N GLU A 10 -13.37 0.54 1.46
CA GLU A 10 -12.79 1.90 1.47
C GLU A 10 -11.89 2.15 0.26
N ALA A 11 -11.35 1.10 -0.36
CA ALA A 11 -10.44 1.14 -1.51
C ALA A 11 -11.11 1.48 -2.86
N GLY A 12 -11.87 2.58 -2.88
CA GLY A 12 -12.25 3.30 -4.11
C GLY A 12 -11.35 4.51 -4.30
N MET A 13 -11.09 4.90 -5.56
CA MET A 13 -10.15 5.98 -5.91
C MET A 13 -10.45 7.31 -5.23
N ALA A 14 -11.72 7.61 -4.97
CA ALA A 14 -12.15 8.84 -4.29
C ALA A 14 -11.72 8.92 -2.81
N HIS A 15 -11.50 7.80 -2.13
CA HIS A 15 -10.90 7.79 -0.79
C HIS A 15 -9.42 8.22 -0.87
N PHE A 16 -8.68 7.71 -1.85
CA PHE A 16 -7.25 8.00 -2.05
C PHE A 16 -7.02 9.41 -2.66
N GLU A 17 -8.08 10.09 -3.11
CA GLU A 17 -8.06 11.51 -3.48
C GLU A 17 -8.45 12.45 -2.31
N GLY A 18 -9.03 11.93 -1.22
CA GLY A 18 -9.64 12.73 -0.14
C GLY A 18 -9.00 12.58 1.26
N LEU A 19 -8.19 11.54 1.49
CA LEU A 19 -7.67 11.17 2.81
C LEU A 19 -6.57 12.10 3.36
N SER A 20 -6.15 11.87 4.61
CA SER A 20 -5.09 12.62 5.31
C SER A 20 -3.67 12.06 5.08
N ASP A 21 -3.42 10.79 5.46
CA ASP A 21 -2.11 10.14 5.40
C ASP A 21 -2.27 8.60 5.39
N ALA A 22 -1.86 7.94 4.29
CA ALA A 22 -2.18 6.53 4.04
C ALA A 22 -1.15 5.79 3.15
N ILE A 23 -1.16 4.46 3.22
CA ILE A 23 -0.33 3.56 2.40
C ILE A 23 -1.18 2.38 1.92
N VAL A 24 -1.16 2.11 0.61
CA VAL A 24 -1.86 0.98 -0.03
C VAL A 24 -0.84 0.02 -0.62
N PHE A 25 -1.05 -1.28 -0.40
CA PHE A 25 -0.26 -2.35 -1.03
C PHE A 25 -1.14 -3.22 -1.96
N PHE A 26 -0.84 -3.18 -3.26
CA PHE A 26 -1.57 -3.86 -4.33
C PHE A 26 -1.13 -5.33 -4.47
N HIS A 27 -1.54 -6.19 -3.54
CA HIS A 27 -1.26 -7.63 -3.55
C HIS A 27 -2.17 -8.45 -4.52
N LYS A 28 -2.12 -9.79 -4.46
CA LYS A 28 -2.88 -10.73 -5.32
C LYS A 28 -3.07 -12.12 -4.69
N ASN A 29 -3.90 -12.96 -5.32
CA ASN A 29 -4.38 -14.29 -4.89
C ASN A 29 -3.30 -15.28 -4.37
N LEU A 30 -2.88 -16.29 -5.16
CA LEU A 30 -2.07 -17.42 -4.68
C LEU A 30 -0.56 -17.16 -4.67
N CYS A 31 -0.07 -16.11 -5.35
CA CYS A 31 1.33 -15.73 -5.47
C CYS A 31 2.04 -15.69 -4.10
N PRO A 32 3.11 -16.50 -3.88
CA PRO A 32 3.90 -16.47 -2.65
C PRO A 32 4.72 -15.18 -2.49
N HIS A 33 5.08 -14.49 -3.57
CA HIS A 33 6.05 -13.41 -3.51
C HIS A 33 5.50 -12.16 -2.78
N CYS A 34 4.25 -11.75 -3.06
CA CYS A 34 3.62 -10.58 -2.44
C CYS A 34 3.34 -10.75 -0.93
N LYS A 35 3.19 -11.98 -0.43
CA LYS A 35 2.92 -12.29 0.98
C LYS A 35 4.02 -11.80 1.93
N ASN A 36 5.26 -11.74 1.47
CA ASN A 36 6.41 -11.28 2.27
C ASN A 36 6.25 -9.81 2.70
N MET A 37 5.84 -8.92 1.77
CA MET A 37 5.70 -7.48 2.00
C MET A 37 4.69 -7.15 3.11
N GLU A 38 3.66 -7.98 3.28
CA GLU A 38 2.68 -7.82 4.36
C GLU A 38 3.33 -7.92 5.75
N LYS A 39 4.36 -8.76 5.94
CA LYS A 39 5.08 -8.85 7.23
C LYS A 39 5.90 -7.57 7.50
N VAL A 40 6.43 -6.98 6.42
CA VAL A 40 7.26 -5.76 6.43
C VAL A 40 6.38 -4.55 6.81
N LEU A 41 5.20 -4.46 6.18
CA LEU A 41 4.13 -3.51 6.46
C LEU A 41 3.57 -3.65 7.87
N ASP A 42 3.36 -4.88 8.37
CA ASP A 42 2.95 -5.16 9.75
C ASP A 42 3.93 -4.56 10.78
N LYS A 43 5.23 -4.85 10.65
CA LYS A 43 6.27 -4.31 11.54
C LYS A 43 6.44 -2.78 11.39
N PHE A 44 6.23 -2.24 10.19
CA PHE A 44 6.19 -0.79 9.93
C PHE A 44 4.95 -0.12 10.56
N GLY A 45 3.80 -0.79 10.62
CA GLY A 45 2.56 -0.24 11.16
C GLY A 45 2.47 -0.32 12.67
N ALA A 46 3.17 -1.28 13.29
CA ALA A 46 3.10 -1.59 14.73
C ALA A 46 3.37 -0.40 15.66
N ARG A 47 4.30 0.49 15.26
CA ARG A 47 4.64 1.74 15.99
C ARG A 47 4.18 3.02 15.26
N ALA A 48 3.45 2.90 14.14
CA ALA A 48 2.89 4.01 13.34
C ALA A 48 1.37 3.87 13.04
N PRO A 49 0.52 3.43 13.98
CA PRO A 49 -0.87 3.07 13.71
C PRO A 49 -1.77 4.25 13.27
N GLN A 50 -1.31 5.49 13.43
CA GLN A 50 -2.01 6.68 12.93
C GLN A 50 -1.84 6.92 11.42
N VAL A 51 -0.96 6.17 10.74
CA VAL A 51 -0.99 6.01 9.27
C VAL A 51 -2.07 5.00 8.90
N ALA A 52 -2.92 5.33 7.92
CA ALA A 52 -3.91 4.40 7.39
C ALA A 52 -3.26 3.44 6.39
N ILE A 53 -2.81 2.26 6.86
CA ILE A 53 -2.13 1.24 6.05
C ILE A 53 -3.11 0.11 5.74
N SER A 54 -3.20 -0.28 4.47
CA SER A 54 -4.05 -1.39 4.02
C SER A 54 -3.44 -2.14 2.82
N SER A 55 -3.88 -3.38 2.60
CA SER A 55 -3.66 -4.07 1.32
C SER A 55 -4.91 -3.97 0.41
N VAL A 56 -4.74 -4.26 -0.88
CA VAL A 56 -5.78 -4.20 -1.92
C VAL A 56 -5.50 -5.27 -2.97
N ASP A 57 -6.47 -6.10 -3.30
CA ASP A 57 -6.42 -7.02 -4.43
C ASP A 57 -6.34 -6.23 -5.75
N SER A 58 -5.17 -6.26 -6.38
CA SER A 58 -4.92 -5.69 -7.71
C SER A 58 -5.93 -6.19 -8.76
N GLU A 59 -6.25 -7.49 -8.68
CA GLU A 59 -7.25 -8.18 -9.51
C GLU A 59 -8.70 -7.72 -9.27
N ALA A 60 -9.00 -7.13 -8.10
CA ALA A 60 -10.30 -6.52 -7.76
C ALA A 60 -10.34 -5.01 -7.99
N ARG A 61 -9.19 -4.35 -8.17
CA ARG A 61 -9.04 -2.91 -8.38
C ARG A 61 -8.10 -2.54 -9.57
N PRO A 62 -8.30 -3.15 -10.77
CA PRO A 62 -7.55 -2.75 -11.97
C PRO A 62 -7.90 -1.34 -12.44
N GLU A 63 -9.12 -0.85 -12.15
CA GLU A 63 -9.55 0.52 -12.46
C GLU A 63 -8.67 1.56 -11.75
N LEU A 64 -8.31 1.33 -10.49
CA LEU A 64 -7.34 2.15 -9.75
C LEU A 64 -5.96 2.10 -10.41
N MET A 65 -5.46 0.90 -10.71
CA MET A 65 -4.15 0.71 -11.34
C MET A 65 -4.01 1.43 -12.69
N LYS A 66 -5.12 1.73 -13.37
CA LYS A 66 -5.15 2.46 -14.63
C LYS A 66 -5.09 4.00 -14.44
N GLU A 67 -5.33 4.50 -13.21
CA GLU A 67 -5.12 5.90 -12.84
C GLU A 67 -3.65 6.15 -12.47
N LEU A 68 -3.02 5.22 -11.74
CA LEU A 68 -1.60 5.31 -11.35
C LEU A 68 -0.63 4.83 -12.44
N GLY A 69 -1.07 3.94 -13.35
CA GLY A 69 -0.30 3.46 -14.51
C GLY A 69 0.40 2.11 -14.29
N PHE A 70 -0.04 1.29 -13.34
CA PHE A 70 0.58 -0.01 -13.03
C PHE A 70 0.08 -1.11 -13.99
N GLU A 71 0.95 -2.06 -14.32
CA GLU A 71 0.63 -3.22 -15.15
C GLU A 71 -0.05 -4.33 -14.32
N ARG A 72 0.73 -5.05 -13.51
CA ARG A 72 0.32 -6.31 -12.85
C ARG A 72 1.18 -6.70 -11.63
N VAL A 73 1.98 -5.77 -11.12
CA VAL A 73 3.07 -6.00 -10.14
C VAL A 73 2.67 -5.63 -8.70
N PRO A 74 3.33 -6.22 -7.67
CA PRO A 74 3.06 -5.95 -6.26
C PRO A 74 3.63 -4.58 -5.85
N THR A 75 2.78 -3.55 -5.99
CA THR A 75 3.16 -2.13 -5.77
C THR A 75 2.73 -1.62 -4.41
N LEU A 76 3.65 -0.95 -3.70
CA LEU A 76 3.35 -0.05 -2.59
C LEU A 76 3.13 1.38 -3.11
N VAL A 77 2.04 2.00 -2.66
CA VAL A 77 1.57 3.33 -3.08
C VAL A 77 1.30 4.16 -1.83
N PHE A 78 1.97 5.30 -1.70
CA PHE A 78 1.90 6.16 -0.53
C PHE A 78 1.11 7.45 -0.85
N ILE A 79 0.06 7.73 -0.08
CA ILE A 79 -0.84 8.87 -0.27
C ILE A 79 -0.66 9.87 0.89
N ARG A 80 -0.33 11.13 0.57
CA ARG A 80 -0.31 12.26 1.52
C ARG A 80 -1.33 13.30 1.06
N ASP A 81 -2.28 13.69 1.92
CA ASP A 81 -3.29 14.75 1.66
C ASP A 81 -4.23 14.39 0.47
N GLY A 82 -4.32 13.10 0.12
CA GLY A 82 -5.05 12.62 -1.06
C GLY A 82 -4.26 12.73 -2.36
N LYS A 83 -2.96 13.07 -2.28
CA LYS A 83 -2.02 13.11 -3.41
C LYS A 83 -1.11 11.87 -3.35
N VAL A 84 -0.93 11.17 -4.47
CA VAL A 84 0.07 10.08 -4.57
C VAL A 84 1.48 10.70 -4.54
N ALA A 85 2.16 10.54 -3.40
CA ALA A 85 3.41 11.23 -3.08
C ALA A 85 4.66 10.37 -3.37
N LYS A 86 4.53 9.04 -3.37
CA LYS A 86 5.62 8.07 -3.53
C LYS A 86 5.08 6.69 -3.96
N VAL A 87 5.83 5.94 -4.76
CA VAL A 87 5.49 4.60 -5.28
C VAL A 87 6.76 3.75 -5.43
N PHE A 88 6.66 2.44 -5.20
CA PHE A 88 7.66 1.45 -5.64
C PHE A 88 7.03 0.05 -5.80
N SER A 89 7.58 -0.78 -6.69
CA SER A 89 7.10 -2.16 -6.93
C SER A 89 8.17 -3.20 -6.56
N GLY A 90 7.75 -4.27 -5.86
CA GLY A 90 8.61 -5.40 -5.47
C GLY A 90 8.67 -5.57 -3.95
N ILE A 91 9.81 -6.07 -3.46
CA ILE A 91 10.07 -6.39 -2.06
C ILE A 91 11.22 -5.55 -1.52
N MET A 92 11.08 -5.08 -0.27
CA MET A 92 12.16 -4.56 0.55
C MET A 92 12.05 -5.01 2.02
N ASN A 93 13.15 -4.93 2.74
CA ASN A 93 13.23 -5.13 4.20
C ASN A 93 12.63 -3.92 4.98
N PRO A 94 12.27 -4.07 6.27
CA PRO A 94 11.59 -3.01 7.02
C PRO A 94 12.48 -1.84 7.45
N ARG A 95 13.81 -2.01 7.60
CA ARG A 95 14.68 -0.87 7.92
C ARG A 95 14.87 0.10 6.72
N GLU A 96 14.96 -0.42 5.50
CA GLU A 96 15.05 0.40 4.29
C GLU A 96 13.69 0.96 3.86
N LEU A 97 12.57 0.33 4.26
CA LEU A 97 11.23 0.90 4.13
C LEU A 97 11.08 2.21 4.93
N GLN A 98 11.80 2.38 6.05
CA GLN A 98 11.82 3.65 6.80
C GLN A 98 12.45 4.78 5.97
N ALA A 99 13.51 4.50 5.21
CA ALA A 99 14.15 5.49 4.34
C ALA A 99 13.23 5.89 3.16
N LEU A 100 12.44 4.96 2.62
CA LEU A 100 11.44 5.25 1.58
C LEU A 100 10.35 6.17 2.14
N TYR A 101 9.85 5.89 3.34
CA TYR A 101 8.91 6.76 4.07
C TYR A 101 9.49 8.15 4.38
N ALA A 102 10.72 8.23 4.90
CA ALA A 102 11.38 9.51 5.21
C ALA A 102 11.58 10.38 3.97
N SER A 103 11.85 9.76 2.81
CA SER A 103 11.97 10.41 1.50
C SER A 103 10.64 11.02 1.00
N ILE A 104 9.48 10.69 1.58
CA ILE A 104 8.19 11.33 1.27
C ILE A 104 8.11 12.72 1.92
N MET A 1 2.69 -10.51 11.49
CA MET A 1 1.61 -11.27 10.87
C MET A 1 1.10 -10.60 9.58
N SER A 2 0.29 -11.31 8.80
CA SER A 2 -0.29 -10.84 7.52
C SER A 2 -1.48 -9.88 7.73
N ALA A 3 -1.36 -8.94 8.68
CA ALA A 3 -2.43 -8.07 9.17
C ALA A 3 -2.82 -6.90 8.25
N ILE A 4 -2.10 -6.75 7.14
CA ILE A 4 -2.27 -5.69 6.13
C ILE A 4 -2.97 -6.32 4.93
N ARG A 5 -4.25 -5.96 4.76
CA ARG A 5 -5.21 -6.62 3.86
C ARG A 5 -6.10 -5.61 3.14
N ASP A 6 -6.76 -6.09 2.10
CA ASP A 6 -7.86 -5.45 1.37
C ASP A 6 -9.04 -5.12 2.30
N ILE A 7 -9.24 -3.83 2.56
CA ILE A 7 -10.36 -3.29 3.36
C ILE A 7 -11.22 -2.38 2.48
N THR A 8 -12.51 -2.71 2.34
CA THR A 8 -13.48 -2.05 1.47
C THR A 8 -13.79 -0.60 1.84
N THR A 9 -13.70 -0.26 3.13
CA THR A 9 -14.06 1.06 3.69
C THR A 9 -12.92 2.07 3.66
N GLU A 10 -11.67 1.62 3.44
CA GLU A 10 -10.46 2.45 3.47
C GLU A 10 -9.65 2.33 2.15
N ALA A 11 -10.34 2.06 1.05
CA ALA A 11 -9.80 1.96 -0.31
C ALA A 11 -10.73 2.60 -1.36
N GLY A 12 -10.20 2.82 -2.57
CA GLY A 12 -10.90 3.47 -3.68
C GLY A 12 -10.49 4.95 -3.80
N MET A 13 -10.47 5.47 -5.03
CA MET A 13 -10.01 6.83 -5.37
C MET A 13 -10.64 7.95 -4.54
N ALA A 14 -11.90 7.77 -4.13
CA ALA A 14 -12.63 8.76 -3.34
C ALA A 14 -12.14 8.86 -1.88
N HIS A 15 -11.61 7.79 -1.32
CA HIS A 15 -10.89 7.84 -0.04
C HIS A 15 -9.50 8.48 -0.23
N PHE A 16 -8.81 8.18 -1.33
CA PHE A 16 -7.43 8.63 -1.58
C PHE A 16 -7.33 10.11 -1.92
N GLU A 17 -8.45 10.76 -2.27
CA GLU A 17 -8.54 12.22 -2.45
C GLU A 17 -8.89 12.96 -1.15
N GLY A 18 -9.46 12.27 -0.14
CA GLY A 18 -10.01 12.88 1.08
C GLY A 18 -9.19 12.66 2.34
N LEU A 19 -8.35 11.61 2.38
CA LEU A 19 -7.62 11.18 3.58
C LEU A 19 -6.47 12.12 3.99
N SER A 20 -5.98 11.94 5.20
CA SER A 20 -4.85 12.69 5.78
C SER A 20 -3.48 12.04 5.48
N ASP A 21 -3.28 10.77 5.85
CA ASP A 21 -2.01 10.05 5.73
C ASP A 21 -2.26 8.54 5.65
N ALA A 22 -2.01 7.93 4.47
CA ALA A 22 -2.30 6.53 4.20
C ALA A 22 -1.29 5.86 3.24
N ILE A 23 -1.24 4.52 3.29
CA ILE A 23 -0.35 3.68 2.47
C ILE A 23 -1.18 2.50 1.92
N VAL A 24 -1.09 2.27 0.62
CA VAL A 24 -1.86 1.25 -0.11
C VAL A 24 -0.89 0.27 -0.80
N PHE A 25 -1.05 -1.02 -0.52
CA PHE A 25 -0.32 -2.10 -1.18
C PHE A 25 -1.22 -2.82 -2.20
N PHE A 26 -0.84 -2.82 -3.48
CA PHE A 26 -1.55 -3.55 -4.55
C PHE A 26 -1.06 -5.01 -4.62
N HIS A 27 -1.50 -5.86 -3.68
CA HIS A 27 -1.16 -7.28 -3.69
C HIS A 27 -1.96 -8.08 -4.75
N LYS A 28 -1.61 -9.36 -4.95
CA LYS A 28 -2.36 -10.31 -5.78
C LYS A 28 -2.72 -11.58 -4.98
N ASN A 29 -3.86 -12.20 -5.29
CA ASN A 29 -4.27 -13.47 -4.66
C ASN A 29 -3.25 -14.61 -4.89
N LEU A 30 -3.15 -15.54 -3.92
CA LEU A 30 -2.34 -16.77 -3.91
C LEU A 30 -0.81 -16.56 -3.88
N CYS A 31 -0.27 -15.49 -4.46
CA CYS A 31 1.16 -15.21 -4.60
C CYS A 31 1.93 -15.30 -3.26
N PRO A 32 2.90 -16.24 -3.15
CA PRO A 32 3.82 -16.34 -2.01
C PRO A 32 4.71 -15.12 -1.83
N HIS A 33 4.99 -14.34 -2.89
CA HIS A 33 5.87 -13.19 -2.80
C HIS A 33 5.18 -12.03 -2.03
N CYS A 34 3.90 -11.77 -2.32
CA CYS A 34 3.11 -10.71 -1.69
C CYS A 34 3.01 -10.87 -0.15
N LYS A 35 2.99 -12.12 0.35
CA LYS A 35 2.91 -12.42 1.80
C LYS A 35 4.03 -11.73 2.60
N ASN A 36 5.25 -11.68 2.07
CA ASN A 36 6.39 -11.02 2.73
C ASN A 36 6.08 -9.54 2.99
N MET A 37 5.58 -8.81 1.98
CA MET A 37 5.28 -7.39 2.10
C MET A 37 4.16 -7.09 3.10
N GLU A 38 3.16 -7.97 3.24
CA GLU A 38 2.13 -7.86 4.29
C GLU A 38 2.76 -7.92 5.70
N LYS A 39 3.71 -8.83 5.93
CA LYS A 39 4.49 -8.90 7.19
C LYS A 39 5.41 -7.67 7.38
N VAL A 40 6.09 -7.21 6.32
CA VAL A 40 6.97 -6.01 6.36
C VAL A 40 6.17 -4.77 6.76
N LEU A 41 5.00 -4.58 6.13
CA LEU A 41 4.07 -3.47 6.40
C LEU A 41 3.46 -3.54 7.81
N ASP A 42 3.21 -4.73 8.35
CA ASP A 42 2.86 -4.92 9.77
C ASP A 42 3.98 -4.45 10.72
N LYS A 43 5.24 -4.83 10.48
CA LYS A 43 6.38 -4.42 11.33
C LYS A 43 6.67 -2.92 11.22
N PHE A 44 6.50 -2.34 10.03
CA PHE A 44 6.55 -0.90 9.77
C PHE A 44 5.41 -0.15 10.49
N GLY A 45 4.20 -0.73 10.57
CA GLY A 45 3.02 -0.07 11.13
C GLY A 45 2.93 -0.17 12.65
N ALA A 46 3.61 -1.17 13.24
CA ALA A 46 3.66 -1.38 14.69
C ALA A 46 4.18 -0.16 15.47
N ARG A 47 5.13 0.61 14.88
CA ARG A 47 5.65 1.88 15.41
C ARG A 47 5.06 3.15 14.76
N ALA A 48 4.01 3.01 13.95
CA ALA A 48 3.27 4.10 13.30
C ALA A 48 1.74 3.81 13.12
N PRO A 49 1.03 3.36 14.18
CA PRO A 49 -0.35 2.86 14.06
C PRO A 49 -1.37 3.92 13.61
N GLN A 50 -1.03 5.21 13.70
CA GLN A 50 -1.87 6.31 13.23
C GLN A 50 -1.80 6.55 11.70
N VAL A 51 -0.91 5.87 10.96
CA VAL A 51 -0.97 5.80 9.49
C VAL A 51 -2.04 4.79 9.09
N ALA A 52 -2.89 5.15 8.12
CA ALA A 52 -3.86 4.23 7.53
C ALA A 52 -3.19 3.32 6.49
N ILE A 53 -2.62 2.20 6.95
CA ILE A 53 -1.96 1.20 6.08
C ILE A 53 -2.98 0.12 5.69
N SER A 54 -3.10 -0.14 4.40
CA SER A 54 -4.05 -1.11 3.83
C SER A 54 -3.42 -1.85 2.65
N SER A 55 -4.03 -2.97 2.24
CA SER A 55 -3.78 -3.56 0.92
C SER A 55 -5.02 -3.41 0.01
N VAL A 56 -4.96 -3.99 -1.20
CA VAL A 56 -6.02 -3.98 -2.22
C VAL A 56 -5.68 -5.00 -3.31
N ASP A 57 -6.65 -5.86 -3.65
CA ASP A 57 -6.47 -6.92 -4.65
C ASP A 57 -6.44 -6.33 -6.06
N SER A 58 -5.29 -6.47 -6.70
CA SER A 58 -5.05 -6.11 -8.11
C SER A 58 -6.02 -6.79 -9.09
N GLU A 59 -6.56 -7.97 -8.76
CA GLU A 59 -7.58 -8.64 -9.58
C GLU A 59 -8.97 -7.98 -9.43
N ALA A 60 -9.25 -7.34 -8.30
CA ALA A 60 -10.53 -6.70 -7.98
C ALA A 60 -10.58 -5.19 -8.35
N ARG A 61 -9.44 -4.50 -8.31
CA ARG A 61 -9.31 -3.05 -8.53
C ARG A 61 -8.26 -2.66 -9.59
N PRO A 62 -8.26 -3.27 -10.80
CA PRO A 62 -7.40 -2.81 -11.91
C PRO A 62 -7.79 -1.41 -12.42
N GLU A 63 -9.04 -0.95 -12.17
CA GLU A 63 -9.49 0.41 -12.51
C GLU A 63 -8.65 1.51 -11.82
N LEU A 64 -8.09 1.22 -10.63
CA LEU A 64 -7.11 2.10 -9.98
C LEU A 64 -5.77 1.97 -10.70
N MET A 65 -5.25 0.75 -10.84
CA MET A 65 -3.91 0.46 -11.40
C MET A 65 -3.69 1.06 -12.79
N LYS A 66 -4.75 1.13 -13.60
CA LYS A 66 -4.75 1.73 -14.93
C LYS A 66 -4.53 3.26 -14.92
N GLU A 67 -4.78 3.94 -13.80
CA GLU A 67 -4.42 5.35 -13.62
C GLU A 67 -2.91 5.53 -13.35
N LEU A 68 -2.32 4.65 -12.54
CA LEU A 68 -0.91 4.76 -12.13
C LEU A 68 0.06 4.07 -13.12
N GLY A 69 -0.44 3.11 -13.91
CA GLY A 69 0.28 2.40 -14.98
C GLY A 69 0.75 0.99 -14.62
N PHE A 70 0.30 0.41 -13.50
CA PHE A 70 0.78 -0.90 -13.01
C PHE A 70 0.19 -2.06 -13.83
N GLU A 71 1.04 -2.98 -14.27
CA GLU A 71 0.68 -4.11 -15.13
C GLU A 71 0.14 -5.30 -14.31
N ARG A 72 0.92 -5.79 -13.35
CA ARG A 72 0.64 -7.02 -12.57
C ARG A 72 1.38 -7.15 -11.22
N VAL A 73 2.20 -6.17 -10.86
CA VAL A 73 3.28 -6.28 -9.86
C VAL A 73 2.84 -5.89 -8.44
N PRO A 74 3.52 -6.41 -7.38
CA PRO A 74 3.26 -6.08 -5.98
C PRO A 74 3.80 -4.67 -5.70
N THR A 75 2.95 -3.66 -5.92
CA THR A 75 3.33 -2.22 -5.84
C THR A 75 2.81 -1.56 -4.57
N LEU A 76 3.68 -0.82 -3.89
CA LEU A 76 3.33 0.12 -2.83
C LEU A 76 3.05 1.50 -3.41
N VAL A 77 1.96 2.13 -2.96
CA VAL A 77 1.56 3.50 -3.31
C VAL A 77 1.25 4.26 -2.01
N PHE A 78 1.80 5.47 -1.87
CA PHE A 78 1.67 6.30 -0.67
C PHE A 78 0.79 7.53 -0.96
N ILE A 79 -0.22 7.76 -0.12
CA ILE A 79 -1.11 8.92 -0.20
C ILE A 79 -0.81 9.85 0.99
N ARG A 80 -0.22 11.02 0.73
CA ARG A 80 0.03 12.08 1.71
C ARG A 80 -0.89 13.25 1.40
N ASP A 81 -1.71 13.70 2.36
CA ASP A 81 -2.53 14.93 2.26
C ASP A 81 -3.67 14.80 1.23
N GLY A 82 -4.01 13.55 0.84
CA GLY A 82 -4.95 13.25 -0.23
C GLY A 82 -4.31 13.31 -1.63
N LYS A 83 -2.98 13.40 -1.71
CA LYS A 83 -2.18 13.42 -2.94
C LYS A 83 -1.40 12.10 -3.07
N VAL A 84 -1.35 11.50 -4.26
CA VAL A 84 -0.46 10.37 -4.54
C VAL A 84 0.98 10.90 -4.67
N ALA A 85 1.79 10.63 -3.64
CA ALA A 85 3.08 11.31 -3.40
C ALA A 85 4.32 10.45 -3.68
N LYS A 86 4.20 9.11 -3.69
CA LYS A 86 5.30 8.17 -3.92
C LYS A 86 4.78 6.78 -4.37
N VAL A 87 5.60 6.03 -5.10
CA VAL A 87 5.31 4.67 -5.59
C VAL A 87 6.61 3.87 -5.75
N PHE A 88 6.58 2.57 -5.47
CA PHE A 88 7.63 1.61 -5.85
C PHE A 88 7.07 0.17 -6.00
N SER A 89 7.58 -0.58 -6.96
CA SER A 89 7.21 -1.98 -7.20
C SER A 89 8.24 -2.96 -6.64
N GLY A 90 7.79 -4.03 -5.96
CA GLY A 90 8.61 -5.13 -5.46
C GLY A 90 8.67 -5.22 -3.93
N ILE A 91 9.66 -5.96 -3.43
CA ILE A 91 9.91 -6.22 -2.00
C ILE A 91 11.07 -5.37 -1.48
N MET A 92 10.91 -4.87 -0.24
CA MET A 92 12.00 -4.39 0.60
C MET A 92 11.85 -4.92 2.03
N ASN A 93 12.95 -5.07 2.76
CA ASN A 93 12.91 -5.36 4.20
C ASN A 93 12.67 -4.05 5.02
N PRO A 94 12.08 -4.11 6.23
CA PRO A 94 11.38 -2.96 6.82
C PRO A 94 12.28 -1.79 7.17
N ARG A 95 13.58 -2.02 7.46
CA ARG A 95 14.56 -0.95 7.70
C ARG A 95 14.81 -0.05 6.47
N GLU A 96 14.68 -0.58 5.25
CA GLU A 96 14.73 0.22 4.01
C GLU A 96 13.43 1.03 3.83
N LEU A 97 12.29 0.43 4.19
CA LEU A 97 10.97 1.06 4.03
C LEU A 97 10.80 2.30 4.92
N GLN A 98 11.48 2.38 6.07
CA GLN A 98 11.49 3.58 6.92
C GLN A 98 12.02 4.80 6.16
N ALA A 99 13.18 4.65 5.49
CA ALA A 99 13.83 5.74 4.76
C ALA A 99 13.01 6.16 3.54
N LEU A 100 12.36 5.21 2.85
CA LEU A 100 11.53 5.50 1.68
C LEU A 100 10.29 6.29 2.07
N TYR A 101 9.63 5.91 3.16
CA TYR A 101 8.51 6.65 3.76
C TYR A 101 8.92 8.07 4.19
N ALA A 102 10.05 8.24 4.87
CA ALA A 102 10.48 9.54 5.38
C ALA A 102 10.81 10.51 4.23
N SER A 103 11.40 9.99 3.16
CA SER A 103 11.75 10.72 1.93
C SER A 103 10.53 11.30 1.17
N ILE A 104 9.29 10.93 1.53
CA ILE A 104 8.05 11.50 0.95
C ILE A 104 7.71 12.87 1.54
N MET A 1 -3.03 -12.42 10.99
CA MET A 1 -1.57 -12.57 10.96
C MET A 1 -0.81 -11.24 10.93
N SER A 2 -1.51 -10.12 10.80
CA SER A 2 -0.96 -8.76 10.77
C SER A 2 -2.05 -7.69 10.97
N ALA A 3 -1.62 -6.44 11.21
CA ALA A 3 -2.47 -5.25 11.28
C ALA A 3 -2.97 -4.74 9.91
N ILE A 4 -2.60 -5.44 8.82
CA ILE A 4 -2.86 -5.07 7.42
C ILE A 4 -4.04 -5.92 6.93
N ARG A 5 -5.07 -5.26 6.41
CA ARG A 5 -6.28 -5.91 5.88
C ARG A 5 -6.40 -5.64 4.39
N ASP A 6 -6.95 -6.60 3.65
CA ASP A 6 -7.44 -6.37 2.29
C ASP A 6 -8.73 -5.54 2.35
N ILE A 7 -8.72 -4.33 1.80
CA ILE A 7 -9.92 -3.49 1.66
C ILE A 7 -10.09 -2.97 0.22
N THR A 8 -9.99 -3.89 -0.75
CA THR A 8 -10.32 -3.71 -2.17
C THR A 8 -11.66 -3.01 -2.41
N THR A 9 -12.65 -3.26 -1.55
CA THR A 9 -14.01 -2.70 -1.60
C THR A 9 -14.03 -1.19 -1.42
N GLU A 10 -13.24 -0.65 -0.50
CA GLU A 10 -13.10 0.79 -0.27
C GLU A 10 -12.10 1.48 -1.21
N ALA A 11 -11.26 0.74 -1.93
CA ALA A 11 -10.11 1.24 -2.68
C ALA A 11 -10.45 2.02 -3.98
N GLY A 12 -11.58 2.70 -4.03
CA GLY A 12 -11.91 3.70 -5.06
C GLY A 12 -11.18 5.01 -4.78
N MET A 13 -10.82 5.76 -5.83
CA MET A 13 -10.05 7.00 -5.73
C MET A 13 -10.69 8.07 -4.83
N ALA A 14 -12.03 8.08 -4.72
CA ALA A 14 -12.78 8.98 -3.85
C ALA A 14 -12.60 8.69 -2.34
N HIS A 15 -12.26 7.46 -1.95
CA HIS A 15 -11.99 7.12 -0.55
C HIS A 15 -10.68 7.76 -0.05
N PHE A 16 -9.69 7.94 -0.94
CA PHE A 16 -8.40 8.49 -0.62
C PHE A 16 -8.43 10.03 -0.41
N GLU A 17 -9.43 10.74 -0.93
CA GLU A 17 -9.51 12.21 -0.96
C GLU A 17 -9.63 12.84 0.44
N GLY A 18 -8.45 12.99 1.09
CA GLY A 18 -8.24 13.70 2.35
C GLY A 18 -7.36 13.00 3.40
N LEU A 19 -6.77 11.82 3.12
CA LEU A 19 -6.02 11.04 4.13
C LEU A 19 -4.65 11.67 4.43
N SER A 20 -4.41 12.17 5.64
CA SER A 20 -3.17 12.86 6.00
C SER A 20 -1.92 11.97 5.99
N ASP A 21 -2.08 10.67 6.24
CA ASP A 21 -1.03 9.65 6.18
C ASP A 21 -1.66 8.26 5.94
N ALA A 22 -1.67 7.83 4.67
CA ALA A 22 -2.18 6.51 4.27
C ALA A 22 -1.33 5.83 3.19
N ILE A 23 -1.42 4.51 3.11
CA ILE A 23 -0.63 3.66 2.21
C ILE A 23 -1.50 2.53 1.67
N VAL A 24 -1.46 2.31 0.35
CA VAL A 24 -2.15 1.22 -0.34
C VAL A 24 -1.12 0.25 -0.93
N PHE A 25 -1.24 -1.03 -0.62
CA PHE A 25 -0.43 -2.11 -1.18
C PHE A 25 -1.26 -2.93 -2.19
N PHE A 26 -0.95 -2.77 -3.48
CA PHE A 26 -1.54 -3.54 -4.57
C PHE A 26 -0.91 -4.94 -4.64
N HIS A 27 -1.31 -5.83 -3.73
CA HIS A 27 -0.93 -7.24 -3.75
C HIS A 27 -1.73 -8.04 -4.82
N LYS A 28 -1.60 -9.38 -4.84
CA LYS A 28 -2.45 -10.24 -5.67
C LYS A 28 -2.70 -11.61 -5.01
N ASN A 29 -3.97 -12.04 -4.93
CA ASN A 29 -4.39 -13.24 -4.19
C ASN A 29 -3.71 -14.56 -4.64
N LEU A 30 -3.23 -14.63 -5.88
CA LEU A 30 -2.52 -15.78 -6.45
C LEU A 30 -0.99 -15.76 -6.25
N CYS A 31 -0.40 -14.62 -5.90
CA CYS A 31 1.04 -14.39 -5.80
C CYS A 31 1.61 -14.83 -4.42
N PRO A 32 2.59 -15.74 -4.40
CA PRO A 32 3.34 -16.14 -3.21
C PRO A 32 4.52 -15.21 -2.91
N HIS A 33 4.77 -14.19 -3.73
CA HIS A 33 5.81 -13.19 -3.45
C HIS A 33 5.20 -12.03 -2.61
N CYS A 34 4.00 -11.55 -2.99
CA CYS A 34 3.36 -10.39 -2.38
C CYS A 34 3.02 -10.54 -0.87
N LYS A 35 2.79 -11.77 -0.38
CA LYS A 35 2.45 -12.04 1.02
C LYS A 35 3.39 -11.38 2.04
N ASN A 36 4.68 -11.37 1.74
CA ASN A 36 5.71 -11.00 2.70
C ASN A 36 5.72 -9.48 2.99
N MET A 37 5.38 -8.64 2.00
CA MET A 37 5.30 -7.19 2.12
C MET A 37 4.21 -6.72 3.10
N GLU A 38 3.17 -7.52 3.35
CA GLU A 38 2.18 -7.27 4.39
C GLU A 38 2.82 -7.33 5.78
N LYS A 39 3.68 -8.32 6.02
CA LYS A 39 4.40 -8.48 7.29
C LYS A 39 5.56 -7.47 7.44
N VAL A 40 6.11 -6.96 6.32
CA VAL A 40 6.98 -5.78 6.31
C VAL A 40 6.19 -4.53 6.75
N LEU A 41 5.03 -4.27 6.14
CA LEU A 41 4.12 -3.17 6.46
C LEU A 41 3.62 -3.24 7.91
N ASP A 42 3.39 -4.43 8.47
CA ASP A 42 3.02 -4.65 9.86
C ASP A 42 4.07 -4.07 10.83
N LYS A 43 5.34 -4.51 10.69
CA LYS A 43 6.44 -4.07 11.56
C LYS A 43 6.71 -2.55 11.39
N PHE A 44 6.51 -2.04 10.18
CA PHE A 44 6.59 -0.62 9.83
C PHE A 44 5.46 0.22 10.47
N GLY A 45 4.21 -0.25 10.49
CA GLY A 45 3.07 0.53 11.01
C GLY A 45 2.97 0.43 12.53
N ALA A 46 3.52 -0.64 13.13
CA ALA A 46 3.58 -0.82 14.58
C ALA A 46 4.28 0.32 15.33
N ARG A 47 5.26 1.00 14.70
CA ARG A 47 5.96 2.17 15.25
C ARG A 47 5.43 3.52 14.73
N ALA A 48 4.31 3.53 13.99
CA ALA A 48 3.60 4.73 13.52
C ALA A 48 2.05 4.59 13.47
N PRO A 49 1.36 3.98 14.47
CA PRO A 49 0.00 3.40 14.32
C PRO A 49 -1.10 4.28 13.72
N GLN A 50 -0.95 5.62 13.79
CA GLN A 50 -1.81 6.59 13.10
C GLN A 50 -1.83 6.48 11.56
N VAL A 51 -0.90 5.74 10.93
CA VAL A 51 -0.91 5.51 9.47
C VAL A 51 -1.99 4.51 9.06
N ALA A 52 -2.81 4.87 8.07
CA ALA A 52 -3.85 4.01 7.51
C ALA A 52 -3.30 3.15 6.36
N ILE A 53 -2.95 1.89 6.65
CA ILE A 53 -2.39 0.95 5.66
C ILE A 53 -3.48 -0.04 5.24
N SER A 54 -3.64 -0.26 3.94
CA SER A 54 -4.61 -1.21 3.38
C SER A 54 -3.97 -2.02 2.25
N SER A 55 -4.15 -3.34 2.21
CA SER A 55 -3.84 -4.10 1.00
C SER A 55 -5.05 -4.12 0.02
N VAL A 56 -4.79 -4.31 -1.27
CA VAL A 56 -5.78 -4.28 -2.36
C VAL A 56 -5.40 -5.33 -3.41
N ASP A 57 -6.34 -6.20 -3.79
CA ASP A 57 -6.18 -7.21 -4.81
C ASP A 57 -6.18 -6.58 -6.22
N SER A 58 -4.98 -6.49 -6.80
CA SER A 58 -4.72 -5.80 -8.07
C SER A 58 -5.58 -6.32 -9.24
N GLU A 59 -5.85 -7.63 -9.27
CA GLU A 59 -6.68 -8.24 -10.34
C GLU A 59 -8.20 -8.03 -10.14
N ALA A 60 -8.64 -7.64 -8.94
CA ALA A 60 -9.99 -7.16 -8.65
C ALA A 60 -10.13 -5.63 -8.74
N ARG A 61 -9.01 -4.89 -8.60
CA ARG A 61 -8.93 -3.42 -8.67
C ARG A 61 -8.06 -2.88 -9.84
N PRO A 62 -8.29 -3.28 -11.11
CA PRO A 62 -7.50 -2.82 -12.24
C PRO A 62 -7.81 -1.35 -12.63
N GLU A 63 -8.94 -0.79 -12.19
CA GLU A 63 -9.35 0.58 -12.54
C GLU A 63 -8.38 1.62 -11.99
N LEU A 64 -7.87 1.39 -10.78
CA LEU A 64 -6.87 2.24 -10.11
C LEU A 64 -5.53 2.10 -10.81
N MET A 65 -5.04 0.87 -11.00
CA MET A 65 -3.73 0.59 -11.60
C MET A 65 -3.53 1.24 -12.97
N LYS A 66 -4.60 1.39 -13.74
CA LYS A 66 -4.60 2.05 -15.04
C LYS A 66 -4.40 3.58 -14.98
N GLU A 67 -4.64 4.20 -13.81
CA GLU A 67 -4.31 5.61 -13.58
C GLU A 67 -2.82 5.81 -13.27
N LEU A 68 -2.21 4.90 -12.48
CA LEU A 68 -0.81 5.02 -12.04
C LEU A 68 0.19 4.35 -12.98
N GLY A 69 -0.26 3.39 -13.81
CA GLY A 69 0.53 2.69 -14.83
C GLY A 69 1.04 1.30 -14.42
N PHE A 70 0.48 0.69 -13.37
CA PHE A 70 0.89 -0.65 -12.89
C PHE A 70 0.26 -1.78 -13.75
N GLU A 71 0.89 -2.95 -13.75
CA GLU A 71 0.46 -4.12 -14.54
C GLU A 71 -0.36 -5.13 -13.72
N ARG A 72 0.18 -5.58 -12.57
CA ARG A 72 -0.30 -6.67 -11.67
C ARG A 72 0.74 -7.08 -10.59
N VAL A 73 1.73 -6.23 -10.35
CA VAL A 73 2.92 -6.49 -9.52
C VAL A 73 2.77 -5.91 -8.09
N PRO A 74 3.55 -6.38 -7.08
CA PRO A 74 3.40 -5.99 -5.68
C PRO A 74 3.82 -4.53 -5.42
N THR A 75 2.92 -3.57 -5.68
CA THR A 75 3.23 -2.13 -5.65
C THR A 75 2.71 -1.46 -4.38
N LEU A 76 3.60 -0.75 -3.69
CA LEU A 76 3.26 0.14 -2.57
C LEU A 76 3.08 1.57 -3.10
N VAL A 77 1.88 2.12 -2.89
CA VAL A 77 1.49 3.50 -3.24
C VAL A 77 1.23 4.26 -1.94
N PHE A 78 1.92 5.38 -1.77
CA PHE A 78 1.88 6.19 -0.54
C PHE A 78 1.08 7.47 -0.80
N ILE A 79 -0.01 7.67 -0.07
CA ILE A 79 -1.02 8.72 -0.32
C ILE A 79 -0.91 9.82 0.74
N ARG A 80 -0.68 11.08 0.36
CA ARG A 80 -0.87 12.29 1.18
C ARG A 80 -2.07 13.07 0.65
N ASP A 81 -3.09 13.31 1.47
CA ASP A 81 -4.28 14.13 1.17
C ASP A 81 -5.10 13.56 -0.02
N GLY A 82 -4.98 12.25 -0.27
CA GLY A 82 -5.55 11.57 -1.44
C GLY A 82 -4.72 11.62 -2.71
N LYS A 83 -3.54 12.25 -2.67
CA LYS A 83 -2.64 12.38 -3.80
C LYS A 83 -1.45 11.42 -3.62
N VAL A 84 -1.15 10.61 -4.63
CA VAL A 84 0.06 9.76 -4.65
C VAL A 84 1.33 10.64 -4.56
N ALA A 85 2.01 10.56 -3.41
CA ALA A 85 3.23 11.31 -3.12
C ALA A 85 4.54 10.54 -3.43
N LYS A 86 4.45 9.21 -3.53
CA LYS A 86 5.57 8.27 -3.70
C LYS A 86 5.03 6.90 -4.18
N VAL A 87 5.84 6.13 -4.91
CA VAL A 87 5.52 4.77 -5.36
C VAL A 87 6.79 3.93 -5.53
N PHE A 88 6.72 2.63 -5.21
CA PHE A 88 7.74 1.62 -5.52
C PHE A 88 7.05 0.25 -5.68
N SER A 89 7.63 -0.64 -6.49
CA SER A 89 7.13 -2.01 -6.67
C SER A 89 8.21 -3.08 -6.41
N GLY A 90 7.80 -4.17 -5.74
CA GLY A 90 8.65 -5.31 -5.37
C GLY A 90 8.66 -5.57 -3.87
N ILE A 91 9.73 -6.18 -3.38
CA ILE A 91 9.94 -6.54 -1.97
C ILE A 91 11.17 -5.82 -1.41
N MET A 92 11.10 -5.42 -0.14
CA MET A 92 12.26 -5.07 0.68
C MET A 92 12.04 -5.32 2.17
N ASN A 93 13.12 -5.40 2.95
CA ASN A 93 13.08 -5.54 4.41
C ASN A 93 12.69 -4.20 5.09
N PRO A 94 12.01 -4.23 6.27
CA PRO A 94 11.40 -3.05 6.86
C PRO A 94 12.40 -1.95 7.23
N ARG A 95 13.64 -2.30 7.61
CA ARG A 95 14.70 -1.34 7.92
C ARG A 95 14.96 -0.30 6.82
N GLU A 96 14.85 -0.67 5.54
CA GLU A 96 15.03 0.26 4.41
C GLU A 96 13.69 0.93 4.02
N LEU A 97 12.56 0.24 4.21
CA LEU A 97 11.22 0.79 3.94
C LEU A 97 10.92 2.03 4.80
N GLN A 98 11.47 2.12 6.02
CA GLN A 98 11.37 3.33 6.86
C GLN A 98 11.91 4.57 6.13
N ALA A 99 13.06 4.45 5.46
CA ALA A 99 13.74 5.55 4.77
C ALA A 99 13.03 5.95 3.47
N LEU A 100 12.34 5.01 2.82
CA LEU A 100 11.54 5.26 1.61
C LEU A 100 10.32 6.09 1.96
N TYR A 101 9.69 5.79 3.11
CA TYR A 101 8.62 6.58 3.71
C TYR A 101 9.11 7.93 4.27
N ALA A 102 10.31 8.00 4.85
CA ALA A 102 10.92 9.27 5.28
C ALA A 102 11.25 10.19 4.11
N SER A 103 11.66 9.64 2.96
CA SER A 103 11.87 10.39 1.72
C SER A 103 10.58 11.09 1.23
N ILE A 104 9.40 10.64 1.67
CA ILE A 104 8.12 11.36 1.51
C ILE A 104 8.10 12.57 2.46
N MET A 1 -7.22 -0.93 11.02
CA MET A 1 -5.84 -0.60 10.63
C MET A 1 -4.80 -1.48 11.33
N SER A 2 -5.20 -2.23 12.35
CA SER A 2 -4.36 -3.11 13.18
C SER A 2 -3.99 -4.46 12.51
N ALA A 3 -4.12 -4.53 11.17
CA ALA A 3 -3.96 -5.68 10.30
C ALA A 3 -3.96 -5.19 8.84
N ILE A 4 -3.22 -5.86 7.96
CA ILE A 4 -2.99 -5.42 6.57
C ILE A 4 -3.94 -6.20 5.65
N ARG A 5 -5.03 -5.55 5.23
CA ARG A 5 -6.09 -6.09 4.36
C ARG A 5 -6.76 -4.94 3.58
N ASP A 6 -7.75 -5.24 2.74
CA ASP A 6 -8.62 -4.24 2.11
C ASP A 6 -9.75 -3.80 3.07
N ILE A 7 -9.81 -2.50 3.36
CA ILE A 7 -10.73 -1.92 4.35
C ILE A 7 -12.00 -1.45 3.62
N THR A 8 -13.02 -2.31 3.55
CA THR A 8 -14.32 -2.08 2.90
C THR A 8 -14.99 -0.76 3.32
N THR A 9 -14.73 -0.31 4.55
CA THR A 9 -15.25 0.93 5.16
C THR A 9 -14.64 2.18 4.55
N GLU A 10 -13.41 2.13 4.02
CA GLU A 10 -12.62 3.29 3.58
C GLU A 10 -11.42 2.86 2.72
N ALA A 11 -11.68 2.78 1.41
CA ALA A 11 -10.74 2.41 0.35
C ALA A 11 -11.27 2.88 -1.03
N GLY A 12 -10.41 2.89 -2.04
CA GLY A 12 -10.71 3.36 -3.39
C GLY A 12 -10.33 4.82 -3.61
N MET A 13 -10.29 5.25 -4.87
CA MET A 13 -9.77 6.56 -5.30
C MET A 13 -10.42 7.76 -4.59
N ALA A 14 -11.70 7.63 -4.20
CA ALA A 14 -12.42 8.71 -3.51
C ALA A 14 -11.95 8.93 -2.07
N HIS A 15 -11.46 7.88 -1.41
CA HIS A 15 -10.75 8.01 -0.14
C HIS A 15 -9.33 8.57 -0.37
N PHE A 16 -8.64 8.10 -1.40
CA PHE A 16 -7.24 8.44 -1.68
C PHE A 16 -7.07 9.88 -2.22
N GLU A 17 -8.16 10.56 -2.58
CA GLU A 17 -8.18 12.00 -2.90
C GLU A 17 -8.48 12.89 -1.67
N GLY A 18 -9.03 12.34 -0.59
CA GLY A 18 -9.55 13.12 0.57
C GLY A 18 -8.86 12.90 1.90
N LEU A 19 -8.08 11.83 2.05
CA LEU A 19 -7.46 11.40 3.31
C LEU A 19 -6.29 12.30 3.78
N SER A 20 -5.81 12.07 5.01
CA SER A 20 -4.70 12.81 5.62
C SER A 20 -3.33 12.15 5.38
N ASP A 21 -3.17 10.86 5.66
CA ASP A 21 -1.91 10.13 5.66
C ASP A 21 -2.18 8.60 5.57
N ALA A 22 -1.86 7.99 4.42
CA ALA A 22 -2.20 6.60 4.12
C ALA A 22 -1.22 5.88 3.18
N ILE A 23 -1.22 4.56 3.24
CA ILE A 23 -0.37 3.67 2.41
C ILE A 23 -1.23 2.53 1.85
N VAL A 24 -1.15 2.29 0.55
CA VAL A 24 -1.89 1.26 -0.19
C VAL A 24 -0.90 0.28 -0.83
N PHE A 25 -1.06 -1.00 -0.54
CA PHE A 25 -0.30 -2.10 -1.16
C PHE A 25 -1.17 -2.87 -2.17
N PHE A 26 -0.82 -2.80 -3.46
CA PHE A 26 -1.48 -3.52 -4.54
C PHE A 26 -1.02 -4.99 -4.61
N HIS A 27 -1.40 -5.78 -3.60
CA HIS A 27 -1.00 -7.17 -3.47
C HIS A 27 -1.78 -8.12 -4.42
N LYS A 28 -1.33 -9.39 -4.51
CA LYS A 28 -2.05 -10.50 -5.16
C LYS A 28 -2.14 -11.73 -4.23
N ASN A 29 -2.81 -12.80 -4.67
CA ASN A 29 -3.08 -13.98 -3.85
C ASN A 29 -2.12 -15.17 -4.15
N LEU A 30 -1.69 -15.31 -5.42
CA LEU A 30 -1.01 -16.52 -5.92
C LEU A 30 0.44 -16.62 -5.42
N CYS A 31 1.33 -15.74 -5.87
CA CYS A 31 2.76 -15.74 -5.63
C CYS A 31 3.14 -15.66 -4.12
N PRO A 32 4.30 -16.25 -3.75
CA PRO A 32 4.91 -16.13 -2.43
C PRO A 32 5.57 -14.76 -2.18
N HIS A 33 5.79 -13.95 -3.23
CA HIS A 33 6.55 -12.70 -3.15
C HIS A 33 5.81 -11.64 -2.28
N CYS A 34 4.52 -11.40 -2.52
CA CYS A 34 3.71 -10.38 -1.84
C CYS A 34 3.59 -10.59 -0.32
N LYS A 35 3.66 -11.86 0.13
CA LYS A 35 3.49 -12.27 1.53
C LYS A 35 4.47 -11.55 2.46
N ASN A 36 5.68 -11.25 1.98
CA ASN A 36 6.71 -10.50 2.70
C ASN A 36 6.26 -9.08 3.04
N MET A 37 5.71 -8.33 2.07
CA MET A 37 5.20 -6.96 2.30
C MET A 37 4.03 -6.93 3.29
N GLU A 38 3.16 -7.95 3.29
CA GLU A 38 2.08 -8.07 4.28
C GLU A 38 2.63 -8.12 5.73
N LYS A 39 3.78 -8.77 5.96
CA LYS A 39 4.48 -8.75 7.27
C LYS A 39 5.29 -7.47 7.51
N VAL A 40 5.95 -6.93 6.50
CA VAL A 40 6.76 -5.69 6.61
C VAL A 40 5.90 -4.50 7.02
N LEU A 41 4.79 -4.29 6.30
CA LEU A 41 3.83 -3.22 6.54
C LEU A 41 3.15 -3.33 7.92
N ASP A 42 2.90 -4.54 8.42
CA ASP A 42 2.39 -4.76 9.78
C ASP A 42 3.39 -4.28 10.84
N LYS A 43 4.66 -4.68 10.74
CA LYS A 43 5.73 -4.28 11.67
C LYS A 43 6.07 -2.77 11.57
N PHE A 44 5.95 -2.19 10.38
CA PHE A 44 6.05 -0.75 10.13
C PHE A 44 4.88 0.03 10.79
N GLY A 45 3.65 -0.51 10.75
CA GLY A 45 2.45 0.17 11.25
C GLY A 45 2.30 0.03 12.76
N ALA A 46 2.87 -1.02 13.35
CA ALA A 46 2.84 -1.26 14.80
C ALA A 46 3.43 -0.09 15.62
N ARG A 47 4.45 0.60 15.07
CA ARG A 47 5.07 1.80 15.65
C ARG A 47 4.66 3.13 14.97
N ALA A 48 3.66 3.10 14.08
CA ALA A 48 3.08 4.25 13.39
C ALA A 48 1.55 4.11 13.15
N PRO A 49 0.74 3.78 14.18
CA PRO A 49 -0.66 3.39 14.02
C PRO A 49 -1.58 4.50 13.51
N GLN A 50 -1.14 5.77 13.53
CA GLN A 50 -1.86 6.90 12.95
C GLN A 50 -1.75 7.00 11.42
N VAL A 51 -0.89 6.21 10.76
CA VAL A 51 -0.94 6.02 9.30
C VAL A 51 -2.07 5.03 8.98
N ALA A 52 -2.93 5.37 8.01
CA ALA A 52 -3.93 4.44 7.47
C ALA A 52 -3.30 3.49 6.44
N ILE A 53 -2.91 2.29 6.86
CA ILE A 53 -2.24 1.30 6.00
C ILE A 53 -3.23 0.21 5.59
N SER A 54 -3.29 -0.11 4.31
CA SER A 54 -4.17 -1.15 3.76
C SER A 54 -3.56 -1.84 2.52
N SER A 55 -4.21 -2.89 2.04
CA SER A 55 -3.87 -3.54 0.77
C SER A 55 -5.09 -3.54 -0.19
N VAL A 56 -4.86 -3.76 -1.49
CA VAL A 56 -5.90 -3.80 -2.54
C VAL A 56 -5.52 -4.89 -3.54
N ASP A 57 -6.40 -5.85 -3.76
CA ASP A 57 -6.21 -6.97 -4.68
C ASP A 57 -6.07 -6.47 -6.13
N SER A 58 -4.85 -6.47 -6.64
CA SER A 58 -4.52 -6.00 -8.01
C SER A 58 -5.28 -6.78 -9.09
N GLU A 59 -5.47 -8.08 -8.86
CA GLU A 59 -6.17 -9.02 -9.73
C GLU A 59 -7.71 -8.87 -9.68
N ALA A 60 -8.28 -8.21 -8.65
CA ALA A 60 -9.72 -8.02 -8.47
C ALA A 60 -10.18 -6.56 -8.66
N ARG A 61 -9.29 -5.59 -8.43
CA ARG A 61 -9.55 -4.14 -8.52
C ARG A 61 -8.54 -3.40 -9.43
N PRO A 62 -8.32 -3.83 -10.69
CA PRO A 62 -7.46 -3.12 -11.64
C PRO A 62 -8.03 -1.74 -12.04
N GLU A 63 -9.32 -1.47 -11.77
CA GLU A 63 -9.94 -0.14 -11.92
C GLU A 63 -9.23 0.96 -11.11
N LEU A 64 -8.50 0.60 -10.04
CA LEU A 64 -7.57 1.50 -9.38
C LEU A 64 -6.27 1.62 -10.18
N MET A 65 -5.58 0.51 -10.43
CA MET A 65 -4.26 0.46 -11.05
C MET A 65 -4.19 1.13 -12.43
N LYS A 66 -5.30 1.18 -13.17
CA LYS A 66 -5.41 1.83 -14.47
C LYS A 66 -5.36 3.37 -14.37
N GLU A 67 -5.55 3.92 -13.17
CA GLU A 67 -5.45 5.35 -12.89
C GLU A 67 -4.01 5.76 -12.56
N LEU A 68 -3.27 4.89 -11.85
CA LEU A 68 -1.87 5.14 -11.47
C LEU A 68 -0.87 4.66 -12.55
N GLY A 69 -1.25 3.68 -13.36
CA GLY A 69 -0.46 3.15 -14.49
C GLY A 69 0.24 1.81 -14.22
N PHE A 70 -0.18 1.03 -13.21
CA PHE A 70 0.44 -0.26 -12.89
C PHE A 70 -0.14 -1.39 -13.76
N GLU A 71 0.72 -2.37 -14.10
CA GLU A 71 0.36 -3.49 -14.98
C GLU A 71 -0.05 -4.75 -14.20
N ARG A 72 0.87 -5.33 -13.40
CA ARG A 72 0.75 -6.70 -12.86
C ARG A 72 1.57 -6.99 -11.57
N VAL A 73 2.27 -5.99 -11.03
CA VAL A 73 3.35 -6.12 -10.04
C VAL A 73 2.92 -5.69 -8.63
N PRO A 74 3.51 -6.28 -7.56
CA PRO A 74 3.22 -5.95 -6.16
C PRO A 74 3.77 -4.55 -5.85
N THR A 75 2.91 -3.55 -6.01
CA THR A 75 3.28 -2.11 -5.92
C THR A 75 2.81 -1.50 -4.62
N LEU A 76 3.71 -0.78 -3.94
CA LEU A 76 3.40 0.09 -2.80
C LEU A 76 3.17 1.52 -3.28
N VAL A 77 2.11 2.16 -2.79
CA VAL A 77 1.69 3.53 -3.12
C VAL A 77 1.43 4.30 -1.83
N PHE A 78 1.99 5.50 -1.71
CA PHE A 78 1.92 6.33 -0.52
C PHE A 78 1.13 7.63 -0.81
N ILE A 79 0.08 7.87 -0.03
CA ILE A 79 -0.80 9.04 -0.16
C ILE A 79 -0.54 9.99 1.03
N ARG A 80 -0.14 11.23 0.76
CA ARG A 80 -0.02 12.34 1.72
C ARG A 80 -1.06 13.41 1.35
N ASP A 81 -1.96 13.79 2.27
CA ASP A 81 -2.92 14.91 2.08
C ASP A 81 -3.92 14.66 0.93
N GLY A 82 -4.11 13.39 0.54
CA GLY A 82 -4.92 13.00 -0.62
C GLY A 82 -4.18 13.13 -1.95
N LYS A 83 -2.86 13.35 -1.93
CA LYS A 83 -1.98 13.40 -3.08
C LYS A 83 -1.08 12.15 -3.10
N VAL A 84 -0.94 11.48 -4.24
CA VAL A 84 0.04 10.40 -4.42
C VAL A 84 1.45 10.98 -4.45
N ALA A 85 2.20 10.76 -3.37
CA ALA A 85 3.50 11.39 -3.12
C ALA A 85 4.72 10.53 -3.50
N LYS A 86 4.56 9.21 -3.51
CA LYS A 86 5.63 8.22 -3.70
C LYS A 86 5.07 6.85 -4.14
N VAL A 87 5.84 6.07 -4.89
CA VAL A 87 5.45 4.75 -5.44
C VAL A 87 6.69 3.91 -5.76
N PHE A 88 6.62 2.60 -5.53
CA PHE A 88 7.63 1.62 -5.99
C PHE A 88 7.00 0.22 -6.19
N SER A 89 7.42 -0.47 -7.25
CA SER A 89 7.04 -1.85 -7.53
C SER A 89 8.12 -2.85 -7.08
N GLY A 90 7.69 -3.93 -6.38
CA GLY A 90 8.56 -5.02 -5.92
C GLY A 90 8.54 -5.19 -4.39
N ILE A 91 9.49 -5.99 -3.88
CA ILE A 91 9.65 -6.33 -2.46
C ILE A 91 10.92 -5.74 -1.86
N MET A 92 10.83 -5.31 -0.60
CA MET A 92 11.97 -4.91 0.23
C MET A 92 11.87 -5.49 1.65
N ASN A 93 13.00 -5.48 2.35
CA ASN A 93 13.08 -5.69 3.80
C ASN A 93 12.45 -4.50 4.57
N PRO A 94 12.09 -4.65 5.87
CA PRO A 94 11.40 -3.60 6.61
C PRO A 94 12.30 -2.41 6.98
N ARG A 95 13.62 -2.58 7.13
CA ARG A 95 14.50 -1.48 7.51
C ARG A 95 14.73 -0.48 6.36
N GLU A 96 14.76 -0.93 5.10
CA GLU A 96 14.78 -0.05 3.92
C GLU A 96 13.40 0.57 3.63
N LEU A 97 12.29 -0.08 4.03
CA LEU A 97 10.94 0.49 3.92
C LEU A 97 10.77 1.72 4.84
N GLN A 98 11.46 1.78 5.99
CA GLN A 98 11.53 2.99 6.82
C GLN A 98 12.15 4.16 6.06
N ALA A 99 13.27 3.92 5.33
CA ALA A 99 13.94 4.95 4.54
C ALA A 99 13.10 5.41 3.34
N LEU A 100 12.30 4.50 2.74
CA LEU A 100 11.38 4.80 1.65
C LEU A 100 10.31 5.80 2.13
N TYR A 101 9.68 5.53 3.29
CA TYR A 101 8.74 6.43 3.96
C TYR A 101 9.41 7.76 4.34
N ALA A 102 10.61 7.74 4.93
CA ALA A 102 11.33 8.96 5.31
C ALA A 102 11.66 9.85 4.10
N SER A 103 11.96 9.25 2.94
CA SER A 103 12.20 9.92 1.65
C SER A 103 10.95 10.67 1.12
N ILE A 104 9.76 10.42 1.68
CA ILE A 104 8.55 11.22 1.42
C ILE A 104 8.57 12.50 2.25
N MET A 1 -1.64 -12.38 7.54
CA MET A 1 -1.60 -11.01 7.03
C MET A 1 -1.79 -9.93 8.11
N SER A 2 -2.18 -10.33 9.32
CA SER A 2 -2.19 -9.50 10.53
C SER A 2 -3.03 -8.21 10.36
N ALA A 3 -2.45 -7.00 10.55
CA ALA A 3 -3.19 -5.73 10.45
C ALA A 3 -3.43 -5.23 9.01
N ILE A 4 -2.97 -5.96 7.99
CA ILE A 4 -2.98 -5.54 6.58
C ILE A 4 -4.06 -6.30 5.80
N ARG A 5 -4.95 -5.56 5.13
CA ARG A 5 -6.13 -6.08 4.41
C ARG A 5 -6.67 -5.04 3.42
N ASP A 6 -7.48 -5.52 2.48
CA ASP A 6 -8.40 -4.70 1.67
C ASP A 6 -9.68 -4.46 2.49
N ILE A 7 -9.92 -3.21 2.89
CA ILE A 7 -11.01 -2.81 3.80
C ILE A 7 -11.83 -1.69 3.15
N THR A 8 -13.15 -1.86 2.99
CA THR A 8 -14.05 -0.99 2.23
C THR A 8 -14.03 0.47 2.67
N THR A 9 -13.82 0.76 3.96
CA THR A 9 -13.76 2.10 4.55
C THR A 9 -12.39 2.76 4.46
N GLU A 10 -11.33 2.02 4.12
CA GLU A 10 -9.94 2.50 4.12
C GLU A 10 -9.18 2.16 2.82
N ALA A 11 -9.92 1.93 1.73
CA ALA A 11 -9.40 1.61 0.41
C ALA A 11 -10.31 2.11 -0.73
N GLY A 12 -9.75 2.15 -1.95
CA GLY A 12 -10.41 2.67 -3.14
C GLY A 12 -10.12 4.17 -3.31
N MET A 13 -10.16 4.66 -4.56
CA MET A 13 -9.80 6.05 -4.92
C MET A 13 -10.62 7.11 -4.15
N ALA A 14 -11.85 6.76 -3.74
CA ALA A 14 -12.72 7.64 -2.95
C ALA A 14 -12.25 7.85 -1.50
N HIS A 15 -11.42 6.93 -0.97
CA HIS A 15 -10.67 7.17 0.27
C HIS A 15 -9.36 7.93 -0.02
N PHE A 16 -8.68 7.61 -1.13
CA PHE A 16 -7.32 8.10 -1.42
C PHE A 16 -7.27 9.55 -1.94
N GLU A 17 -8.42 10.15 -2.25
CA GLU A 17 -8.51 11.52 -2.79
C GLU A 17 -8.53 12.63 -1.73
N GLY A 18 -8.76 12.30 -0.45
CA GLY A 18 -8.99 13.28 0.62
C GLY A 18 -8.49 12.92 2.02
N LEU A 19 -7.74 11.81 2.18
CA LEU A 19 -7.21 11.35 3.46
C LEU A 19 -6.05 12.22 4.00
N SER A 20 -5.59 11.95 5.22
CA SER A 20 -4.49 12.67 5.86
C SER A 20 -3.11 12.12 5.44
N ASP A 21 -2.84 10.84 5.74
CA ASP A 21 -1.57 10.14 5.51
C ASP A 21 -1.80 8.63 5.44
N ALA A 22 -1.44 7.99 4.31
CA ALA A 22 -1.76 6.58 4.06
C ALA A 22 -0.77 5.85 3.14
N ILE A 23 -0.76 4.51 3.22
CA ILE A 23 0.03 3.60 2.36
C ILE A 23 -0.89 2.50 1.82
N VAL A 24 -0.85 2.27 0.52
CA VAL A 24 -1.68 1.31 -0.22
C VAL A 24 -0.78 0.29 -0.92
N PHE A 25 -0.95 -0.99 -0.62
CA PHE A 25 -0.20 -2.09 -1.24
C PHE A 25 -1.06 -2.90 -2.23
N PHE A 26 -0.70 -2.85 -3.51
CA PHE A 26 -1.36 -3.59 -4.58
C PHE A 26 -0.90 -5.05 -4.62
N HIS A 27 -1.34 -5.84 -3.65
CA HIS A 27 -0.99 -7.24 -3.52
C HIS A 27 -1.80 -8.16 -4.49
N LYS A 28 -1.42 -9.44 -4.59
CA LYS A 28 -2.18 -10.50 -5.29
C LYS A 28 -2.11 -11.85 -4.54
N ASN A 29 -2.94 -12.81 -4.94
CA ASN A 29 -3.23 -14.02 -4.16
C ASN A 29 -2.32 -15.21 -4.52
N LEU A 30 -2.04 -15.39 -5.82
CA LEU A 30 -1.31 -16.56 -6.34
C LEU A 30 0.21 -16.47 -6.08
N CYS A 31 0.78 -15.28 -6.24
CA CYS A 31 2.20 -15.00 -6.07
C CYS A 31 2.62 -15.19 -4.59
N PRO A 32 3.70 -15.97 -4.33
CA PRO A 32 4.27 -16.18 -3.01
C PRO A 32 5.10 -14.97 -2.53
N HIS A 33 5.47 -14.02 -3.39
CA HIS A 33 6.32 -12.90 -2.99
C HIS A 33 5.55 -11.87 -2.13
N CYS A 34 4.33 -11.48 -2.54
CA CYS A 34 3.48 -10.51 -1.83
C CYS A 34 3.25 -10.87 -0.35
N LYS A 35 3.15 -12.16 -0.06
CA LYS A 35 2.85 -12.71 1.28
C LYS A 35 3.88 -12.29 2.34
N ASN A 36 5.15 -12.10 1.94
CA ASN A 36 6.22 -11.61 2.81
C ASN A 36 6.03 -10.10 3.11
N MET A 37 5.71 -9.31 2.08
CA MET A 37 5.54 -7.86 2.14
C MET A 37 4.45 -7.43 3.13
N GLU A 38 3.34 -8.18 3.21
CA GLU A 38 2.26 -7.93 4.19
C GLU A 38 2.78 -7.86 5.64
N LYS A 39 3.71 -8.75 6.03
CA LYS A 39 4.34 -8.71 7.35
C LYS A 39 5.33 -7.54 7.54
N VAL A 40 5.90 -7.01 6.46
CA VAL A 40 6.77 -5.80 6.48
C VAL A 40 5.93 -4.57 6.81
N LEU A 41 4.77 -4.42 6.16
CA LEU A 41 3.83 -3.34 6.39
C LEU A 41 3.17 -3.43 7.77
N ASP A 42 2.87 -4.64 8.25
CA ASP A 42 2.37 -4.88 9.62
C ASP A 42 3.37 -4.37 10.68
N LYS A 43 4.65 -4.76 10.60
CA LYS A 43 5.70 -4.34 11.54
C LYS A 43 6.05 -2.84 11.42
N PHE A 44 5.90 -2.25 10.22
CA PHE A 44 6.00 -0.81 10.00
C PHE A 44 4.82 -0.05 10.64
N GLY A 45 3.62 -0.62 10.68
CA GLY A 45 2.43 0.01 11.27
C GLY A 45 2.39 -0.08 12.79
N ALA A 46 3.06 -1.09 13.38
CA ALA A 46 2.99 -1.42 14.80
C ALA A 46 3.39 -0.28 15.76
N ARG A 47 4.26 0.65 15.31
CA ARG A 47 4.65 1.86 16.05
C ARG A 47 4.33 3.18 15.32
N ALA A 48 3.61 3.13 14.19
CA ALA A 48 3.20 4.26 13.36
C ALA A 48 1.66 4.31 13.08
N PRO A 49 0.79 4.15 14.10
CA PRO A 49 -0.65 3.95 13.91
C PRO A 49 -1.38 5.15 13.28
N GLN A 50 -0.78 6.35 13.26
CA GLN A 50 -1.33 7.51 12.58
C GLN A 50 -1.15 7.49 11.05
N VAL A 51 -0.42 6.51 10.50
CA VAL A 51 -0.47 6.15 9.05
C VAL A 51 -1.64 5.18 8.84
N ALA A 52 -2.53 5.48 7.90
CA ALA A 52 -3.57 4.54 7.45
C ALA A 52 -2.98 3.56 6.42
N ILE A 53 -2.69 2.32 6.83
CA ILE A 53 -2.04 1.31 5.97
C ILE A 53 -3.06 0.25 5.56
N SER A 54 -3.15 -0.03 4.26
CA SER A 54 -4.07 -1.03 3.71
C SER A 54 -3.49 -1.73 2.47
N SER A 55 -4.11 -2.83 2.03
CA SER A 55 -3.78 -3.49 0.76
C SER A 55 -4.98 -3.44 -0.23
N VAL A 56 -4.74 -3.73 -1.51
CA VAL A 56 -5.76 -3.73 -2.58
C VAL A 56 -5.43 -4.88 -3.53
N ASP A 57 -6.38 -5.81 -3.70
CA ASP A 57 -6.29 -6.93 -4.65
C ASP A 57 -6.21 -6.41 -6.08
N SER A 58 -5.01 -6.42 -6.68
CA SER A 58 -4.78 -5.98 -8.07
C SER A 58 -5.62 -6.78 -9.09
N GLU A 59 -5.87 -8.06 -8.78
CA GLU A 59 -6.69 -9.00 -9.54
C GLU A 59 -8.20 -8.64 -9.55
N ALA A 60 -8.69 -7.95 -8.51
CA ALA A 60 -10.10 -7.62 -8.30
C ALA A 60 -10.43 -6.13 -8.48
N ARG A 61 -9.45 -5.24 -8.23
CA ARG A 61 -9.50 -3.78 -8.39
C ARG A 61 -8.49 -3.30 -9.47
N PRO A 62 -8.68 -3.68 -10.76
CA PRO A 62 -7.91 -3.10 -11.87
C PRO A 62 -8.31 -1.63 -12.13
N GLU A 63 -9.51 -1.21 -11.71
CA GLU A 63 -10.02 0.16 -11.85
C GLU A 63 -9.15 1.21 -11.13
N LEU A 64 -8.41 0.81 -10.09
CA LEU A 64 -7.39 1.64 -9.44
C LEU A 64 -6.15 1.74 -10.32
N MET A 65 -5.52 0.61 -10.63
CA MET A 65 -4.24 0.51 -11.35
C MET A 65 -4.27 1.17 -12.73
N LYS A 66 -5.45 1.26 -13.36
CA LYS A 66 -5.64 1.93 -14.65
C LYS A 66 -5.40 3.45 -14.56
N GLU A 67 -5.56 4.02 -13.36
CA GLU A 67 -5.39 5.45 -13.10
C GLU A 67 -3.92 5.81 -12.79
N LEU A 68 -3.20 4.93 -12.08
CA LEU A 68 -1.79 5.14 -11.74
C LEU A 68 -0.81 4.61 -12.81
N GLY A 69 -1.23 3.64 -13.63
CA GLY A 69 -0.49 3.08 -14.76
C GLY A 69 0.19 1.73 -14.49
N PHE A 70 -0.15 1.03 -13.41
CA PHE A 70 0.44 -0.28 -13.07
C PHE A 70 -0.15 -1.40 -13.94
N GLU A 71 0.67 -2.41 -14.26
CA GLU A 71 0.29 -3.51 -15.17
C GLU A 71 -0.07 -4.80 -14.40
N ARG A 72 0.89 -5.36 -13.64
CA ARG A 72 0.79 -6.64 -12.91
C ARG A 72 2.01 -6.85 -11.99
N VAL A 73 2.09 -6.06 -10.91
CA VAL A 73 3.29 -5.90 -10.06
C VAL A 73 2.94 -5.60 -8.59
N PRO A 74 3.79 -6.01 -7.62
CA PRO A 74 3.60 -5.74 -6.19
C PRO A 74 4.05 -4.31 -5.87
N THR A 75 3.13 -3.35 -6.05
CA THR A 75 3.41 -1.92 -5.92
C THR A 75 2.91 -1.38 -4.60
N LEU A 76 3.77 -0.67 -3.88
CA LEU A 76 3.38 0.21 -2.76
C LEU A 76 3.20 1.64 -3.29
N VAL A 77 2.04 2.22 -3.02
CA VAL A 77 1.65 3.59 -3.37
C VAL A 77 1.44 4.37 -2.07
N PHE A 78 2.06 5.54 -1.94
CA PHE A 78 2.03 6.35 -0.72
C PHE A 78 1.21 7.62 -0.96
N ILE A 79 0.19 7.85 -0.13
CA ILE A 79 -0.74 9.00 -0.22
C ILE A 79 -0.47 9.97 0.93
N ARG A 80 -0.16 11.23 0.62
CA ARG A 80 -0.07 12.34 1.57
C ARG A 80 -1.13 13.38 1.22
N ASP A 81 -1.99 13.79 2.16
CA ASP A 81 -2.99 14.85 1.98
C ASP A 81 -4.05 14.50 0.91
N GLY A 82 -4.17 13.21 0.56
CA GLY A 82 -5.03 12.73 -0.53
C GLY A 82 -4.40 12.83 -1.92
N LYS A 83 -3.09 13.11 -1.99
CA LYS A 83 -2.26 13.18 -3.21
C LYS A 83 -1.29 11.99 -3.24
N VAL A 84 -1.10 11.37 -4.40
CA VAL A 84 -0.04 10.37 -4.62
C VAL A 84 1.32 11.08 -4.56
N ALA A 85 2.07 10.83 -3.48
CA ALA A 85 3.36 11.50 -3.20
C ALA A 85 4.59 10.68 -3.62
N LYS A 86 4.46 9.35 -3.68
CA LYS A 86 5.55 8.41 -3.94
C LYS A 86 4.98 7.05 -4.43
N VAL A 87 5.76 6.27 -5.19
CA VAL A 87 5.42 4.91 -5.62
C VAL A 87 6.71 4.08 -5.80
N PHE A 88 6.64 2.79 -5.45
CA PHE A 88 7.72 1.82 -5.69
C PHE A 88 7.15 0.41 -5.95
N SER A 89 7.79 -0.34 -6.84
CA SER A 89 7.45 -1.73 -7.17
C SER A 89 8.55 -2.69 -6.68
N GLY A 90 8.14 -3.77 -6.00
CA GLY A 90 9.01 -4.89 -5.61
C GLY A 90 8.86 -5.32 -4.16
N ILE A 91 9.94 -5.87 -3.61
CA ILE A 91 10.06 -6.41 -2.24
C ILE A 91 11.19 -5.71 -1.49
N MET A 92 11.01 -5.55 -0.19
CA MET A 92 12.03 -5.12 0.76
C MET A 92 11.73 -5.63 2.18
N ASN A 93 12.45 -5.15 3.19
CA ASN A 93 12.24 -5.47 4.61
C ASN A 93 12.11 -4.18 5.46
N PRO A 94 11.60 -4.22 6.71
CA PRO A 94 11.01 -3.03 7.33
C PRO A 94 12.00 -1.94 7.69
N ARG A 95 13.30 -2.24 7.87
CA ARG A 95 14.34 -1.22 8.05
C ARG A 95 14.60 -0.39 6.77
N GLU A 96 14.41 -0.98 5.58
CA GLU A 96 14.47 -0.26 4.29
C GLU A 96 13.20 0.59 4.08
N LEU A 97 12.03 0.11 4.53
CA LEU A 97 10.76 0.83 4.40
C LEU A 97 10.74 2.15 5.20
N GLN A 98 11.55 2.26 6.26
CA GLN A 98 11.74 3.53 6.99
C GLN A 98 12.40 4.59 6.09
N ALA A 99 13.44 4.22 5.33
CA ALA A 99 14.12 5.15 4.42
C ALA A 99 13.21 5.58 3.26
N LEU A 100 12.41 4.65 2.73
CA LEU A 100 11.45 4.93 1.66
C LEU A 100 10.35 5.90 2.11
N TYR A 101 9.80 5.71 3.32
CA TYR A 101 8.90 6.67 3.97
C TYR A 101 9.59 8.03 4.22
N ALA A 102 10.82 8.05 4.73
CA ALA A 102 11.52 9.30 5.09
C ALA A 102 11.81 10.16 3.85
N SER A 103 12.06 9.53 2.70
CA SER A 103 12.24 10.17 1.40
C SER A 103 10.95 10.81 0.81
N ILE A 104 9.79 10.66 1.46
CA ILE A 104 8.54 11.36 1.11
C ILE A 104 8.47 12.73 1.81
N MET A 1 -3.90 2.53 13.56
CA MET A 1 -4.98 2.29 12.60
C MET A 1 -4.56 1.41 11.42
N SER A 2 -3.33 0.90 11.41
CA SER A 2 -2.80 -0.03 10.41
C SER A 2 -3.40 -1.44 10.58
N ALA A 3 -3.86 -2.04 9.47
CA ALA A 3 -4.39 -3.41 9.41
C ALA A 3 -4.21 -3.95 7.99
N ILE A 4 -3.23 -4.83 7.79
CA ILE A 4 -2.75 -5.19 6.45
C ILE A 4 -3.61 -6.32 5.86
N ARG A 5 -4.77 -5.95 5.32
CA ARG A 5 -5.70 -6.81 4.60
C ARG A 5 -6.39 -6.02 3.48
N ASP A 6 -7.01 -6.78 2.59
CA ASP A 6 -8.01 -6.39 1.60
C ASP A 6 -9.17 -5.62 2.24
N ILE A 7 -9.31 -4.34 1.86
CA ILE A 7 -10.50 -3.52 2.13
C ILE A 7 -11.25 -3.32 0.80
N THR A 8 -12.53 -3.68 0.78
CA THR A 8 -13.43 -3.51 -0.38
C THR A 8 -14.09 -2.12 -0.44
N THR A 9 -14.19 -1.44 0.70
CA THR A 9 -14.99 -0.23 0.91
C THR A 9 -14.16 1.04 0.72
N GLU A 10 -13.33 1.37 1.71
CA GLU A 10 -12.62 2.65 1.79
C GLU A 10 -11.51 2.80 0.73
N ALA A 11 -11.04 1.70 0.14
CA ALA A 11 -10.01 1.70 -0.90
C ALA A 11 -10.56 2.07 -2.29
N GLY A 12 -11.40 3.11 -2.35
CA GLY A 12 -11.86 3.76 -3.56
C GLY A 12 -11.06 5.04 -3.82
N MET A 13 -10.86 5.41 -5.10
CA MET A 13 -10.01 6.55 -5.49
C MET A 13 -10.41 7.88 -4.84
N ALA A 14 -11.70 8.07 -4.55
CA ALA A 14 -12.22 9.26 -3.86
C ALA A 14 -11.74 9.40 -2.40
N HIS A 15 -11.42 8.31 -1.70
CA HIS A 15 -10.82 8.39 -0.36
C HIS A 15 -9.37 8.88 -0.45
N PHE A 16 -8.63 8.44 -1.47
CA PHE A 16 -7.23 8.79 -1.71
C PHE A 16 -7.05 10.24 -2.19
N GLU A 17 -8.14 10.94 -2.53
CA GLU A 17 -8.17 12.38 -2.81
C GLU A 17 -8.43 13.25 -1.56
N GLY A 18 -8.91 12.68 -0.45
CA GLY A 18 -9.42 13.42 0.72
C GLY A 18 -8.74 13.13 2.06
N LEU A 19 -7.97 12.05 2.18
CA LEU A 19 -7.38 11.58 3.44
C LEU A 19 -6.19 12.42 3.94
N SER A 20 -5.69 12.12 5.14
CA SER A 20 -4.57 12.84 5.76
C SER A 20 -3.21 12.16 5.55
N ASP A 21 -3.07 10.86 5.91
CA ASP A 21 -1.90 10.03 5.64
C ASP A 21 -2.34 8.56 5.48
N ALA A 22 -2.02 7.94 4.35
CA ALA A 22 -2.34 6.54 4.08
C ALA A 22 -1.33 5.84 3.16
N ILE A 23 -1.30 4.51 3.21
CA ILE A 23 -0.43 3.65 2.40
C ILE A 23 -1.24 2.44 1.92
N VAL A 24 -1.16 2.12 0.64
CA VAL A 24 -1.91 1.01 0.00
C VAL A 24 -0.93 0.09 -0.71
N PHE A 25 -1.04 -1.22 -0.46
CA PHE A 25 -0.24 -2.24 -1.12
C PHE A 25 -1.09 -3.09 -2.08
N PHE A 26 -0.76 -3.04 -3.38
CA PHE A 26 -1.41 -3.81 -4.44
C PHE A 26 -0.84 -5.24 -4.50
N HIS A 27 -1.17 -6.07 -3.50
CA HIS A 27 -0.81 -7.48 -3.46
C HIS A 27 -1.57 -8.35 -4.50
N LYS A 28 -1.39 -9.68 -4.44
CA LYS A 28 -2.16 -10.66 -5.20
C LYS A 28 -2.52 -11.90 -4.37
N ASN A 29 -3.72 -12.42 -4.55
CA ASN A 29 -4.20 -13.65 -3.89
C ASN A 29 -3.39 -14.91 -4.26
N LEU A 30 -2.86 -14.96 -5.51
CA LEU A 30 -2.04 -16.07 -6.01
C LEU A 30 -0.57 -15.95 -5.57
N CYS A 31 0.24 -15.16 -6.30
CA CYS A 31 1.69 -15.03 -6.22
C CYS A 31 2.24 -14.96 -4.77
N PRO A 32 3.09 -15.91 -4.34
CA PRO A 32 3.60 -16.00 -2.96
C PRO A 32 4.64 -14.93 -2.63
N HIS A 33 5.25 -14.29 -3.63
CA HIS A 33 6.29 -13.28 -3.41
C HIS A 33 5.74 -12.03 -2.65
N CYS A 34 4.55 -11.54 -3.04
CA CYS A 34 3.94 -10.34 -2.46
C CYS A 34 3.54 -10.50 -0.99
N LYS A 35 3.23 -11.74 -0.57
CA LYS A 35 2.71 -12.07 0.76
C LYS A 35 3.67 -11.71 1.89
N ASN A 36 4.98 -11.71 1.60
CA ASN A 36 6.02 -11.30 2.55
C ASN A 36 5.93 -9.81 2.94
N MET A 37 5.61 -8.94 1.97
CA MET A 37 5.50 -7.48 2.18
C MET A 37 4.39 -7.12 3.18
N GLU A 38 3.28 -7.86 3.18
CA GLU A 38 2.21 -7.70 4.18
C GLU A 38 2.73 -7.70 5.62
N LYS A 39 3.67 -8.61 5.94
CA LYS A 39 4.29 -8.75 7.26
C LYS A 39 5.46 -7.77 7.49
N VAL A 40 5.96 -7.10 6.44
CA VAL A 40 6.90 -5.96 6.53
C VAL A 40 6.13 -4.68 6.88
N LEU A 41 5.02 -4.43 6.19
CA LEU A 41 4.05 -3.37 6.48
C LEU A 41 3.46 -3.47 7.90
N ASP A 42 3.22 -4.68 8.40
CA ASP A 42 2.81 -4.93 9.79
C ASP A 42 3.85 -4.36 10.79
N LYS A 43 5.13 -4.71 10.66
CA LYS A 43 6.19 -4.22 11.53
C LYS A 43 6.43 -2.70 11.40
N PHE A 44 6.18 -2.13 10.21
CA PHE A 44 6.23 -0.68 9.97
C PHE A 44 5.04 0.04 10.63
N GLY A 45 3.82 -0.53 10.57
CA GLY A 45 2.58 0.12 10.98
C GLY A 45 2.31 0.00 12.47
N ALA A 46 2.77 -1.09 13.10
CA ALA A 46 2.53 -1.38 14.52
C ALA A 46 3.00 -0.28 15.47
N ARG A 47 4.09 0.41 15.13
CA ARG A 47 4.65 1.56 15.88
C ARG A 47 4.34 2.94 15.25
N ALA A 48 3.46 3.00 14.24
CA ALA A 48 3.02 4.21 13.55
C ALA A 48 1.48 4.29 13.39
N PRO A 49 0.69 4.39 14.48
CA PRO A 49 -0.78 4.27 14.43
C PRO A 49 -1.48 5.36 13.60
N GLN A 50 -0.84 6.51 13.35
CA GLN A 50 -1.45 7.69 12.73
C GLN A 50 -1.48 7.64 11.18
N VAL A 51 -0.86 6.64 10.54
CA VAL A 51 -0.96 6.38 9.09
C VAL A 51 -1.89 5.18 8.86
N ALA A 52 -2.83 5.32 7.92
CA ALA A 52 -3.77 4.25 7.55
C ALA A 52 -3.15 3.32 6.50
N ILE A 53 -2.69 2.14 6.91
CA ILE A 53 -2.04 1.15 6.03
C ILE A 53 -2.97 -0.06 5.80
N SER A 54 -3.14 -0.45 4.53
CA SER A 54 -3.95 -1.61 4.11
C SER A 54 -3.44 -2.23 2.79
N SER A 55 -4.06 -3.33 2.31
CA SER A 55 -3.73 -3.93 1.02
C SER A 55 -4.95 -4.07 0.08
N VAL A 56 -4.71 -4.36 -1.20
CA VAL A 56 -5.69 -4.37 -2.30
C VAL A 56 -5.24 -5.43 -3.32
N ASP A 57 -6.16 -6.26 -3.83
CA ASP A 57 -5.86 -7.26 -4.85
C ASP A 57 -5.80 -6.67 -6.26
N SER A 58 -4.65 -6.81 -6.89
CA SER A 58 -4.34 -6.29 -8.23
C SER A 58 -5.23 -6.86 -9.35
N GLU A 59 -5.76 -8.08 -9.19
CA GLU A 59 -6.62 -8.73 -10.19
C GLU A 59 -8.11 -8.35 -10.02
N ALA A 60 -8.57 -8.16 -8.78
CA ALA A 60 -9.94 -7.78 -8.46
C ALA A 60 -10.20 -6.27 -8.49
N ARG A 61 -9.15 -5.44 -8.34
CA ARG A 61 -9.22 -3.97 -8.27
C ARG A 61 -8.39 -3.23 -9.35
N PRO A 62 -8.38 -3.66 -10.64
CA PRO A 62 -7.59 -3.01 -11.69
C PRO A 62 -8.08 -1.59 -12.03
N GLU A 63 -9.33 -1.24 -11.70
CA GLU A 63 -9.88 0.10 -11.89
C GLU A 63 -9.15 1.19 -11.09
N LEU A 64 -8.44 0.82 -10.01
CA LEU A 64 -7.48 1.71 -9.34
C LEU A 64 -6.15 1.72 -10.09
N MET A 65 -5.54 0.55 -10.34
CA MET A 65 -4.20 0.42 -10.95
C MET A 65 -4.09 1.10 -12.31
N LYS A 66 -5.19 1.20 -13.07
CA LYS A 66 -5.26 1.86 -14.37
C LYS A 66 -5.09 3.40 -14.27
N GLU A 67 -5.30 3.96 -13.08
CA GLU A 67 -5.13 5.38 -12.80
C GLU A 67 -3.67 5.71 -12.46
N LEU A 68 -2.97 4.80 -11.78
CA LEU A 68 -1.56 4.95 -11.42
C LEU A 68 -0.60 4.44 -12.53
N GLY A 69 -1.05 3.49 -13.36
CA GLY A 69 -0.33 2.94 -14.51
C GLY A 69 0.27 1.55 -14.30
N PHE A 70 -0.14 0.79 -13.26
CA PHE A 70 0.42 -0.54 -12.96
C PHE A 70 -0.25 -1.63 -13.83
N GLU A 71 0.53 -2.63 -14.23
CA GLU A 71 0.06 -3.76 -15.04
C GLU A 71 -0.46 -4.93 -14.19
N ARG A 72 0.36 -5.46 -13.27
CA ARG A 72 0.10 -6.74 -12.55
C ARG A 72 1.07 -7.03 -11.38
N VAL A 73 1.90 -6.07 -11.01
CA VAL A 73 3.08 -6.22 -10.13
C VAL A 73 2.81 -5.77 -8.69
N PRO A 74 3.49 -6.37 -7.68
CA PRO A 74 3.27 -6.09 -6.26
C PRO A 74 3.84 -4.71 -5.91
N THR A 75 2.96 -3.71 -5.94
CA THR A 75 3.34 -2.28 -5.82
C THR A 75 2.81 -1.64 -4.56
N LEU A 76 3.69 -0.95 -3.83
CA LEU A 76 3.38 -0.06 -2.72
C LEU A 76 3.07 1.35 -3.25
N VAL A 77 2.01 1.98 -2.76
CA VAL A 77 1.57 3.35 -3.12
C VAL A 77 1.33 4.14 -1.84
N PHE A 78 1.86 5.37 -1.76
CA PHE A 78 1.80 6.21 -0.57
C PHE A 78 1.01 7.50 -0.84
N ILE A 79 0.02 7.81 0.00
CA ILE A 79 -0.86 8.99 -0.10
C ILE A 79 -0.58 9.94 1.08
N ARG A 80 -0.21 11.19 0.80
CA ARG A 80 -0.04 12.29 1.77
C ARG A 80 -1.06 13.38 1.45
N ASP A 81 -1.90 13.79 2.40
CA ASP A 81 -2.79 14.96 2.28
C ASP A 81 -3.83 14.81 1.13
N GLY A 82 -4.08 13.57 0.69
CA GLY A 82 -4.95 13.27 -0.45
C GLY A 82 -4.24 13.39 -1.81
N LYS A 83 -2.92 13.48 -1.81
CA LYS A 83 -2.05 13.51 -2.99
C LYS A 83 -1.28 12.18 -3.09
N VAL A 84 -1.22 11.58 -4.28
CA VAL A 84 -0.34 10.42 -4.57
C VAL A 84 1.11 10.92 -4.58
N ALA A 85 1.85 10.63 -3.50
CA ALA A 85 3.15 11.25 -3.24
C ALA A 85 4.35 10.40 -3.68
N LYS A 86 4.21 9.06 -3.65
CA LYS A 86 5.29 8.12 -3.91
C LYS A 86 4.75 6.73 -4.35
N VAL A 87 5.61 5.91 -4.94
CA VAL A 87 5.33 4.56 -5.43
C VAL A 87 6.63 3.73 -5.53
N PHE A 88 6.56 2.42 -5.31
CA PHE A 88 7.66 1.47 -5.60
C PHE A 88 7.11 0.05 -5.82
N SER A 89 7.60 -0.66 -6.84
CA SER A 89 7.23 -2.06 -7.13
C SER A 89 8.33 -3.04 -6.66
N GLY A 90 7.91 -4.17 -6.09
CA GLY A 90 8.79 -5.25 -5.63
C GLY A 90 8.78 -5.44 -4.11
N ILE A 91 9.84 -6.04 -3.57
CA ILE A 91 10.01 -6.39 -2.15
C ILE A 91 11.16 -5.60 -1.52
N MET A 92 10.97 -5.19 -0.26
CA MET A 92 12.02 -4.68 0.63
C MET A 92 11.85 -5.20 2.07
N ASN A 93 12.91 -5.10 2.86
CA ASN A 93 12.93 -5.29 4.32
C ASN A 93 12.35 -4.06 5.07
N PRO A 94 11.93 -4.19 6.35
CA PRO A 94 11.29 -3.09 7.07
C PRO A 94 12.23 -1.96 7.46
N ARG A 95 13.55 -2.20 7.61
CA ARG A 95 14.50 -1.14 8.00
C ARG A 95 14.86 -0.19 6.84
N GLU A 96 14.91 -0.68 5.60
CA GLU A 96 15.05 0.14 4.39
C GLU A 96 13.74 0.84 4.00
N LEU A 97 12.57 0.23 4.28
CA LEU A 97 11.27 0.87 4.09
C LEU A 97 11.11 2.18 4.89
N GLN A 98 11.80 2.32 6.03
CA GLN A 98 11.80 3.57 6.81
C GLN A 98 12.41 4.73 6.00
N ALA A 99 13.51 4.51 5.30
CA ALA A 99 14.17 5.54 4.49
C ALA A 99 13.32 5.93 3.27
N LEU A 100 12.62 4.96 2.66
CA LEU A 100 11.69 5.19 1.56
C LEU A 100 10.51 6.05 2.01
N TYR A 101 9.87 5.72 3.13
CA TYR A 101 8.82 6.55 3.74
C TYR A 101 9.32 7.94 4.14
N ALA A 102 10.50 8.05 4.79
CA ALA A 102 11.03 9.32 5.28
C ALA A 102 11.37 10.26 4.13
N SER A 103 11.80 9.71 2.99
CA SER A 103 12.05 10.46 1.76
C SER A 103 10.80 11.16 1.21
N ILE A 104 9.59 10.62 1.40
CA ILE A 104 8.32 11.26 0.98
C ILE A 104 8.16 12.63 1.64
N MET A 1 -3.43 -4.93 17.50
CA MET A 1 -4.80 -4.42 17.54
C MET A 1 -5.46 -4.31 16.15
N SER A 2 -4.75 -4.71 15.09
CA SER A 2 -5.17 -4.55 13.69
C SER A 2 -4.43 -5.53 12.74
N ALA A 3 -4.76 -5.49 11.44
CA ALA A 3 -4.23 -6.35 10.38
C ALA A 3 -4.45 -5.69 9.01
N ILE A 4 -3.61 -6.05 8.03
CA ILE A 4 -3.60 -5.45 6.68
C ILE A 4 -4.35 -6.36 5.71
N ARG A 5 -5.41 -5.80 5.12
CA ARG A 5 -6.33 -6.45 4.18
C ARG A 5 -6.74 -5.47 3.08
N ASP A 6 -7.38 -5.98 2.03
CA ASP A 6 -8.23 -5.17 1.16
C ASP A 6 -9.55 -4.86 1.89
N ILE A 7 -9.85 -3.57 2.09
CA ILE A 7 -11.11 -3.12 2.72
C ILE A 7 -12.01 -2.50 1.65
N THR A 8 -12.96 -3.31 1.17
CA THR A 8 -13.96 -3.00 0.15
C THR A 8 -14.71 -1.69 0.36
N THR A 9 -14.95 -1.30 1.61
CA THR A 9 -15.76 -0.13 2.00
C THR A 9 -15.01 1.20 1.97
N GLU A 10 -13.67 1.20 1.79
CA GLU A 10 -12.87 2.44 1.89
C GLU A 10 -11.55 2.48 1.10
N ALA A 11 -10.97 1.33 0.69
CA ALA A 11 -9.73 1.27 -0.09
C ALA A 11 -9.95 1.57 -1.59
N GLY A 12 -10.64 2.67 -1.90
CA GLY A 12 -10.92 3.17 -3.24
C GLY A 12 -10.47 4.62 -3.43
N MET A 13 -10.45 5.08 -4.69
CA MET A 13 -9.98 6.41 -5.11
C MET A 13 -10.66 7.57 -4.36
N ALA A 14 -11.92 7.38 -3.94
CA ALA A 14 -12.68 8.38 -3.22
C ALA A 14 -12.20 8.61 -1.78
N HIS A 15 -11.47 7.68 -1.19
CA HIS A 15 -10.70 7.92 0.04
C HIS A 15 -9.32 8.48 -0.26
N PHE A 16 -8.66 8.01 -1.32
CA PHE A 16 -7.27 8.34 -1.63
C PHE A 16 -7.08 9.77 -2.17
N GLU A 17 -8.18 10.45 -2.53
CA GLU A 17 -8.18 11.84 -2.98
C GLU A 17 -8.36 12.86 -1.84
N GLY A 18 -8.70 12.41 -0.61
CA GLY A 18 -9.09 13.29 0.50
C GLY A 18 -8.60 12.91 1.91
N LEU A 19 -7.90 11.77 2.08
CA LEU A 19 -7.42 11.29 3.37
C LEU A 19 -6.27 12.12 3.96
N SER A 20 -5.88 11.84 5.21
CA SER A 20 -4.79 12.53 5.92
C SER A 20 -3.39 12.00 5.56
N ASP A 21 -3.15 10.70 5.81
CA ASP A 21 -1.86 10.03 5.62
C ASP A 21 -2.07 8.50 5.53
N ALA A 22 -1.77 7.90 4.37
CA ALA A 22 -2.06 6.48 4.10
C ALA A 22 -1.06 5.80 3.16
N ILE A 23 -1.01 4.46 3.24
CA ILE A 23 -0.20 3.60 2.37
C ILE A 23 -1.10 2.48 1.83
N VAL A 24 -1.10 2.30 0.51
CA VAL A 24 -1.91 1.33 -0.22
C VAL A 24 -1.00 0.35 -0.94
N PHE A 25 -1.09 -0.93 -0.58
CA PHE A 25 -0.37 -2.02 -1.24
C PHE A 25 -1.25 -2.73 -2.27
N PHE A 26 -0.86 -2.76 -3.54
CA PHE A 26 -1.56 -3.51 -4.58
C PHE A 26 -1.05 -4.96 -4.62
N HIS A 27 -1.55 -5.82 -3.74
CA HIS A 27 -1.09 -7.20 -3.64
C HIS A 27 -1.79 -8.15 -4.65
N LYS A 28 -1.37 -9.42 -4.67
CA LYS A 28 -2.06 -10.52 -5.35
C LYS A 28 -2.01 -11.78 -4.47
N ASN A 29 -3.13 -12.51 -4.38
CA ASN A 29 -3.31 -13.57 -3.40
C ASN A 29 -2.69 -14.91 -3.83
N LEU A 30 -2.59 -15.14 -5.15
CA LEU A 30 -1.99 -16.33 -5.76
C LEU A 30 -0.45 -16.34 -5.72
N CYS A 31 0.17 -15.16 -5.82
CA CYS A 31 1.61 -14.95 -5.81
C CYS A 31 2.20 -15.13 -4.39
N PRO A 32 3.27 -15.92 -4.24
CA PRO A 32 4.01 -16.11 -2.99
C PRO A 32 4.92 -14.91 -2.65
N HIS A 33 5.22 -14.00 -3.60
CA HIS A 33 6.09 -12.87 -3.32
C HIS A 33 5.35 -11.79 -2.50
N CYS A 34 4.12 -11.42 -2.90
CA CYS A 34 3.28 -10.39 -2.28
C CYS A 34 3.09 -10.57 -0.76
N LYS A 35 3.00 -11.82 -0.31
CA LYS A 35 2.75 -12.20 1.09
C LYS A 35 3.78 -11.60 2.06
N ASN A 36 5.04 -11.43 1.63
CA ASN A 36 6.12 -10.84 2.42
C ASN A 36 5.89 -9.36 2.74
N MET A 37 5.39 -8.56 1.77
CA MET A 37 5.17 -7.12 1.98
C MET A 37 4.10 -6.82 3.03
N GLU A 38 3.14 -7.72 3.24
CA GLU A 38 2.20 -7.63 4.36
C GLU A 38 2.93 -7.73 5.71
N LYS A 39 3.87 -8.67 5.88
CA LYS A 39 4.66 -8.81 7.12
C LYS A 39 5.54 -7.57 7.37
N VAL A 40 6.10 -7.02 6.30
CA VAL A 40 6.97 -5.83 6.29
C VAL A 40 6.18 -4.58 6.71
N LEU A 41 5.01 -4.36 6.08
CA LEU A 41 4.10 -3.27 6.42
C LEU A 41 3.51 -3.40 7.84
N ASP A 42 3.24 -4.62 8.32
CA ASP A 42 2.80 -4.88 9.70
C ASP A 42 3.87 -4.44 10.73
N LYS A 43 5.14 -4.83 10.55
CA LYS A 43 6.24 -4.42 11.44
C LYS A 43 6.54 -2.91 11.36
N PHE A 44 6.32 -2.30 10.18
CA PHE A 44 6.37 -0.85 9.98
C PHE A 44 5.19 -0.11 10.66
N GLY A 45 3.99 -0.72 10.74
CA GLY A 45 2.81 -0.12 11.35
C GLY A 45 2.75 -0.29 12.87
N ALA A 46 3.38 -1.34 13.41
CA ALA A 46 3.28 -1.76 14.82
C ALA A 46 3.68 -0.67 15.85
N ARG A 47 4.56 0.26 15.48
CA ARG A 47 4.99 1.41 16.29
C ARG A 47 4.65 2.78 15.69
N ALA A 48 3.83 2.83 14.62
CA ALA A 48 3.49 4.03 13.86
C ALA A 48 1.95 4.16 13.67
N PRO A 49 1.18 4.51 14.73
CA PRO A 49 -0.29 4.50 14.68
C PRO A 49 -0.94 5.52 13.73
N GLN A 50 -0.23 6.58 13.36
CA GLN A 50 -0.79 7.76 12.68
C GLN A 50 -0.96 7.61 11.16
N VAL A 51 -0.49 6.50 10.57
CA VAL A 51 -0.62 6.18 9.14
C VAL A 51 -1.66 5.06 8.92
N ALA A 52 -2.57 5.28 7.97
CA ALA A 52 -3.57 4.30 7.56
C ALA A 52 -2.99 3.34 6.51
N ILE A 53 -2.64 2.12 6.91
CA ILE A 53 -2.04 1.11 6.03
C ILE A 53 -3.11 0.10 5.60
N SER A 54 -3.19 -0.18 4.30
CA SER A 54 -4.17 -1.10 3.72
C SER A 54 -3.65 -1.79 2.44
N SER A 55 -4.34 -2.82 1.95
CA SER A 55 -4.04 -3.43 0.65
C SER A 55 -5.22 -3.30 -0.35
N VAL A 56 -5.04 -3.84 -1.56
CA VAL A 56 -5.99 -3.89 -2.68
C VAL A 56 -5.70 -5.15 -3.50
N ASP A 57 -6.73 -5.97 -3.76
CA ASP A 57 -6.68 -7.09 -4.69
C ASP A 57 -6.46 -6.58 -6.14
N SER A 58 -5.22 -6.61 -6.63
CA SER A 58 -4.88 -6.20 -8.01
C SER A 58 -5.63 -7.05 -9.05
N GLU A 59 -5.90 -8.31 -8.73
CA GLU A 59 -6.65 -9.27 -9.53
C GLU A 59 -8.17 -8.99 -9.61
N ALA A 60 -8.71 -8.13 -8.74
CA ALA A 60 -10.14 -7.78 -8.68
C ALA A 60 -10.43 -6.30 -9.01
N ARG A 61 -9.58 -5.37 -8.53
CA ARG A 61 -9.69 -3.92 -8.70
C ARG A 61 -8.55 -3.29 -9.55
N PRO A 62 -8.28 -3.78 -10.78
CA PRO A 62 -7.31 -3.16 -11.68
C PRO A 62 -7.78 -1.80 -12.22
N GLU A 63 -9.06 -1.44 -12.08
CA GLU A 63 -9.58 -0.10 -12.39
C GLU A 63 -8.89 1.02 -11.60
N LEU A 64 -8.32 0.71 -10.43
CA LEU A 64 -7.37 1.61 -9.75
C LEU A 64 -6.04 1.65 -10.49
N MET A 65 -5.38 0.50 -10.66
CA MET A 65 -4.02 0.38 -11.23
C MET A 65 -3.90 1.04 -12.61
N LYS A 66 -4.96 1.01 -13.41
CA LYS A 66 -5.06 1.65 -14.72
C LYS A 66 -5.03 3.20 -14.66
N GLU A 67 -5.32 3.81 -13.50
CA GLU A 67 -5.11 5.25 -13.28
C GLU A 67 -3.63 5.58 -13.03
N LEU A 68 -2.92 4.73 -12.27
CA LEU A 68 -1.53 4.97 -11.87
C LEU A 68 -0.50 4.45 -12.90
N GLY A 69 -0.89 3.47 -13.71
CA GLY A 69 -0.08 2.87 -14.79
C GLY A 69 0.51 1.48 -14.49
N PHE A 70 0.07 0.80 -13.42
CA PHE A 70 0.60 -0.52 -13.04
C PHE A 70 -0.04 -1.65 -13.87
N GLU A 71 0.68 -2.76 -14.02
CA GLU A 71 0.23 -3.93 -14.80
C GLU A 71 -0.27 -5.08 -13.88
N ARG A 72 0.61 -5.62 -13.01
CA ARG A 72 0.34 -6.86 -12.24
C ARG A 72 1.24 -7.12 -11.01
N VAL A 73 2.13 -6.19 -10.69
CA VAL A 73 3.27 -6.35 -9.74
C VAL A 73 2.96 -5.79 -8.34
N PRO A 74 3.65 -6.28 -7.28
CA PRO A 74 3.43 -5.87 -5.89
C PRO A 74 3.90 -4.43 -5.65
N THR A 75 2.98 -3.49 -5.87
CA THR A 75 3.27 -2.05 -5.86
C THR A 75 2.76 -1.41 -4.58
N LEU A 76 3.61 -0.63 -3.90
CA LEU A 76 3.24 0.22 -2.78
C LEU A 76 3.06 1.67 -3.27
N VAL A 77 1.86 2.21 -3.05
CA VAL A 77 1.47 3.59 -3.35
C VAL A 77 1.25 4.33 -2.03
N PHE A 78 1.85 5.51 -1.92
CA PHE A 78 1.85 6.33 -0.70
C PHE A 78 1.05 7.61 -0.94
N ILE A 79 0.00 7.81 -0.12
CA ILE A 79 -0.89 8.98 -0.20
C ILE A 79 -0.63 9.89 1.01
N ARG A 80 -0.18 11.11 0.77
CA ARG A 80 -0.04 12.18 1.76
C ARG A 80 -1.09 13.25 1.45
N ASP A 81 -1.97 13.60 2.38
CA ASP A 81 -2.94 14.71 2.26
C ASP A 81 -3.98 14.49 1.13
N GLY A 82 -4.17 13.24 0.71
CA GLY A 82 -5.01 12.87 -0.44
C GLY A 82 -4.31 13.04 -1.80
N LYS A 83 -3.00 13.28 -1.79
CA LYS A 83 -2.14 13.39 -2.99
C LYS A 83 -1.24 12.16 -3.07
N VAL A 84 -1.12 11.54 -4.25
CA VAL A 84 -0.13 10.48 -4.49
C VAL A 84 1.28 11.09 -4.54
N ALA A 85 2.05 10.82 -3.49
CA ALA A 85 3.33 11.49 -3.22
C ALA A 85 4.56 10.62 -3.54
N LYS A 86 4.40 9.30 -3.62
CA LYS A 86 5.46 8.32 -3.88
C LYS A 86 4.86 6.98 -4.37
N VAL A 87 5.60 6.25 -5.20
CA VAL A 87 5.33 4.86 -5.60
C VAL A 87 6.64 4.08 -5.74
N PHE A 88 6.61 2.79 -5.39
CA PHE A 88 7.68 1.82 -5.66
C PHE A 88 7.06 0.42 -5.82
N SER A 89 7.71 -0.47 -6.58
CA SER A 89 7.23 -1.84 -6.78
C SER A 89 8.31 -2.89 -6.50
N GLY A 90 7.93 -3.99 -5.83
CA GLY A 90 8.80 -5.10 -5.41
C GLY A 90 8.73 -5.37 -3.90
N ILE A 91 9.74 -6.08 -3.39
CA ILE A 91 9.88 -6.40 -1.96
C ILE A 91 11.08 -5.65 -1.34
N MET A 92 10.92 -5.23 -0.09
CA MET A 92 12.00 -4.75 0.78
C MET A 92 11.87 -5.29 2.21
N ASN A 93 12.98 -5.31 2.95
CA ASN A 93 13.00 -5.48 4.41
C ASN A 93 12.60 -4.16 5.13
N PRO A 94 11.94 -4.21 6.31
CA PRO A 94 11.32 -3.04 6.92
C PRO A 94 12.35 -1.97 7.34
N ARG A 95 13.60 -2.35 7.62
CA ARG A 95 14.70 -1.43 7.93
C ARG A 95 15.00 -0.39 6.83
N GLU A 96 14.73 -0.72 5.56
CA GLU A 96 14.89 0.19 4.41
C GLU A 96 13.57 0.87 4.01
N LEU A 97 12.41 0.27 4.32
CA LEU A 97 11.11 0.90 4.16
C LEU A 97 10.97 2.17 5.00
N GLN A 98 11.67 2.26 6.14
CA GLN A 98 11.76 3.48 6.97
C GLN A 98 12.26 4.68 6.14
N ALA A 99 13.37 4.51 5.43
CA ALA A 99 13.98 5.56 4.63
C ALA A 99 13.14 5.93 3.41
N LEU A 100 12.47 4.95 2.80
CA LEU A 100 11.61 5.15 1.63
C LEU A 100 10.38 5.99 2.01
N TYR A 101 9.74 5.67 3.14
CA TYR A 101 8.67 6.50 3.72
C TYR A 101 9.16 7.89 4.12
N ALA A 102 10.30 8.02 4.82
CA ALA A 102 10.80 9.31 5.30
C ALA A 102 11.16 10.26 4.16
N SER A 103 11.70 9.71 3.07
CA SER A 103 12.06 10.43 1.84
C SER A 103 10.88 11.18 1.19
N ILE A 104 9.64 10.74 1.42
CA ILE A 104 8.42 11.39 0.89
C ILE A 104 8.23 12.79 1.52
N MET A 1 2.21 -5.01 14.61
CA MET A 1 1.17 -4.94 15.64
C MET A 1 -0.09 -4.18 15.19
N SER A 2 -0.05 -3.49 14.06
CA SER A 2 -1.17 -2.68 13.54
C SER A 2 -2.19 -3.49 12.72
N ALA A 3 -1.74 -4.57 12.06
CA ALA A 3 -2.48 -5.48 11.17
C ALA A 3 -2.87 -4.86 9.81
N ILE A 4 -2.83 -5.66 8.73
CA ILE A 4 -3.08 -5.24 7.35
C ILE A 4 -4.24 -6.07 6.75
N ARG A 5 -5.13 -5.43 5.97
CA ARG A 5 -6.25 -6.06 5.25
C ARG A 5 -6.75 -5.18 4.09
N ASP A 6 -7.60 -5.74 3.23
CA ASP A 6 -8.49 -5.00 2.32
C ASP A 6 -9.77 -4.60 3.07
N ILE A 7 -9.99 -3.30 3.24
CA ILE A 7 -11.13 -2.74 3.99
C ILE A 7 -11.98 -1.89 3.02
N THR A 8 -12.78 -2.57 2.18
CA THR A 8 -13.62 -2.01 1.11
C THR A 8 -14.56 -0.89 1.57
N THR A 9 -14.92 -0.88 2.87
CA THR A 9 -15.69 0.18 3.55
C THR A 9 -15.04 1.57 3.41
N GLU A 10 -13.70 1.64 3.26
CA GLU A 10 -12.94 2.88 3.12
C GLU A 10 -11.91 2.86 1.97
N ALA A 11 -11.33 1.71 1.63
CA ALA A 11 -10.33 1.59 0.57
C ALA A 11 -10.96 1.70 -0.84
N GLY A 12 -10.63 2.78 -1.54
CA GLY A 12 -11.11 3.11 -2.89
C GLY A 12 -10.65 4.50 -3.34
N MET A 13 -10.70 4.76 -4.64
CA MET A 13 -10.14 5.96 -5.28
C MET A 13 -10.58 7.28 -4.61
N ALA A 14 -11.85 7.41 -4.23
CA ALA A 14 -12.38 8.63 -3.63
C ALA A 14 -11.86 8.91 -2.21
N HIS A 15 -11.47 7.86 -1.46
CA HIS A 15 -10.76 8.04 -0.20
C HIS A 15 -9.30 8.47 -0.45
N PHE A 16 -8.64 7.88 -1.47
CA PHE A 16 -7.24 8.18 -1.80
C PHE A 16 -7.06 9.59 -2.40
N GLU A 17 -8.15 10.25 -2.80
CA GLU A 17 -8.18 11.66 -3.22
C GLU A 17 -8.40 12.65 -2.05
N GLY A 18 -8.80 12.18 -0.85
CA GLY A 18 -9.28 13.06 0.24
C GLY A 18 -8.75 12.77 1.65
N LEU A 19 -8.04 11.65 1.86
CA LEU A 19 -7.55 11.21 3.17
C LEU A 19 -6.40 12.06 3.74
N SER A 20 -5.94 11.75 4.96
CA SER A 20 -4.88 12.47 5.66
C SER A 20 -3.47 11.87 5.43
N ASP A 21 -3.28 10.57 5.72
CA ASP A 21 -2.01 9.85 5.71
C ASP A 21 -2.27 8.35 5.58
N ALA A 22 -1.95 7.74 4.43
CA ALA A 22 -2.28 6.35 4.13
C ALA A 22 -1.31 5.63 3.18
N ILE A 23 -1.23 4.30 3.25
CA ILE A 23 -0.41 3.45 2.38
C ILE A 23 -1.26 2.28 1.89
N VAL A 24 -1.29 2.04 0.57
CA VAL A 24 -2.01 0.95 -0.07
C VAL A 24 -1.00 -0.01 -0.73
N PHE A 25 -1.09 -1.30 -0.39
CA PHE A 25 -0.30 -2.35 -1.03
C PHE A 25 -1.17 -3.23 -1.97
N PHE A 26 -0.88 -3.15 -3.26
CA PHE A 26 -1.48 -3.92 -4.34
C PHE A 26 -0.90 -5.34 -4.39
N HIS A 27 -1.28 -6.21 -3.44
CA HIS A 27 -0.92 -7.63 -3.45
C HIS A 27 -1.65 -8.42 -4.57
N LYS A 28 -1.43 -9.74 -4.67
CA LYS A 28 -1.99 -10.62 -5.70
C LYS A 28 -2.56 -11.92 -5.09
N ASN A 29 -3.42 -12.64 -5.81
CA ASN A 29 -4.06 -13.88 -5.33
C ASN A 29 -3.10 -15.09 -5.29
N LEU A 30 -2.21 -15.21 -6.28
CA LEU A 30 -1.34 -16.39 -6.48
C LEU A 30 0.09 -16.20 -5.95
N CYS A 31 0.63 -14.97 -5.99
CA CYS A 31 2.05 -14.67 -5.79
C CYS A 31 2.57 -15.08 -4.39
N PRO A 32 3.62 -15.93 -4.32
CA PRO A 32 4.33 -16.28 -3.09
C PRO A 32 5.39 -15.22 -2.70
N HIS A 33 5.59 -14.17 -3.49
CA HIS A 33 6.44 -13.05 -3.12
C HIS A 33 5.60 -11.98 -2.37
N CYS A 34 4.37 -11.70 -2.83
CA CYS A 34 3.52 -10.62 -2.28
C CYS A 34 3.12 -10.83 -0.81
N LYS A 35 3.04 -12.08 -0.32
CA LYS A 35 2.70 -12.39 1.08
C LYS A 35 3.52 -11.62 2.11
N ASN A 36 4.81 -11.44 1.82
CA ASN A 36 5.79 -10.99 2.80
C ASN A 36 5.65 -9.49 3.12
N MET A 37 5.25 -8.68 2.12
CA MET A 37 5.10 -7.23 2.30
C MET A 37 4.03 -6.86 3.34
N GLU A 38 3.00 -7.68 3.55
CA GLU A 38 2.01 -7.42 4.63
C GLU A 38 2.63 -7.58 6.03
N LYS A 39 3.53 -8.54 6.24
CA LYS A 39 4.26 -8.66 7.51
C LYS A 39 5.31 -7.55 7.68
N VAL A 40 5.95 -7.12 6.59
CA VAL A 40 6.89 -5.98 6.56
C VAL A 40 6.17 -4.66 6.92
N LEU A 41 5.02 -4.42 6.30
CA LEU A 41 4.12 -3.27 6.55
C LEU A 41 3.58 -3.27 7.97
N ASP A 42 3.16 -4.41 8.51
CA ASP A 42 2.73 -4.57 9.92
C ASP A 42 3.82 -4.13 10.91
N LYS A 43 5.07 -4.58 10.71
CA LYS A 43 6.21 -4.18 11.58
C LYS A 43 6.60 -2.70 11.40
N PHE A 44 6.36 -2.09 10.23
CA PHE A 44 6.47 -0.64 10.03
C PHE A 44 5.33 0.13 10.73
N GLY A 45 4.11 -0.40 10.76
CA GLY A 45 2.95 0.26 11.39
C GLY A 45 2.91 0.09 12.91
N ALA A 46 3.63 -0.89 13.45
CA ALA A 46 3.63 -1.26 14.87
C ALA A 46 3.96 -0.11 15.84
N ARG A 47 4.83 0.83 15.43
CA ARG A 47 5.21 2.04 16.17
C ARG A 47 4.86 3.36 15.45
N ALA A 48 4.16 3.29 14.31
CA ALA A 48 3.68 4.44 13.53
C ALA A 48 2.14 4.42 13.43
N PRO A 49 1.42 4.86 14.47
CA PRO A 49 -0.03 4.65 14.60
C PRO A 49 -0.88 5.62 13.74
N GLN A 50 -0.29 6.71 13.21
CA GLN A 50 -1.05 7.80 12.60
C GLN A 50 -1.32 7.62 11.08
N VAL A 51 -0.72 6.59 10.46
CA VAL A 51 -0.87 6.24 9.04
C VAL A 51 -1.89 5.09 8.90
N ALA A 52 -2.84 5.23 7.98
CA ALA A 52 -3.81 4.20 7.61
C ALA A 52 -3.19 3.26 6.57
N ILE A 53 -2.73 2.08 7.00
CA ILE A 53 -2.11 1.08 6.11
C ILE A 53 -3.14 0.01 5.73
N SER A 54 -3.25 -0.30 4.44
CA SER A 54 -4.12 -1.35 3.92
C SER A 54 -3.46 -2.16 2.80
N SER A 55 -3.97 -3.36 2.55
CA SER A 55 -3.68 -4.11 1.33
C SER A 55 -4.89 -4.11 0.38
N VAL A 56 -4.68 -4.50 -0.87
CA VAL A 56 -5.71 -4.49 -1.93
C VAL A 56 -5.24 -5.39 -3.07
N ASP A 57 -6.13 -6.00 -3.85
CA ASP A 57 -5.77 -6.97 -4.87
C ASP A 57 -5.71 -6.34 -6.26
N SER A 58 -4.53 -6.43 -6.87
CA SER A 58 -4.22 -5.90 -8.20
C SER A 58 -5.12 -6.47 -9.30
N GLU A 59 -5.50 -7.75 -9.20
CA GLU A 59 -6.33 -8.43 -10.21
C GLU A 59 -7.83 -8.08 -10.02
N ALA A 60 -8.26 -7.72 -8.81
CA ALA A 60 -9.63 -7.27 -8.51
C ALA A 60 -9.82 -5.76 -8.63
N ARG A 61 -8.72 -4.98 -8.67
CA ARG A 61 -8.73 -3.50 -8.76
C ARG A 61 -7.99 -2.95 -10.03
N PRO A 62 -8.27 -3.46 -11.26
CA PRO A 62 -7.68 -2.88 -12.46
C PRO A 62 -8.16 -1.43 -12.69
N GLU A 63 -9.35 -1.06 -12.21
CA GLU A 63 -9.91 0.29 -12.27
C GLU A 63 -9.10 1.32 -11.46
N LEU A 64 -8.33 0.88 -10.45
CA LEU A 64 -7.35 1.70 -9.72
C LEU A 64 -6.05 1.76 -10.52
N MET A 65 -5.46 0.61 -10.85
CA MET A 65 -4.14 0.50 -11.47
C MET A 65 -4.03 1.24 -12.81
N LYS A 66 -5.14 1.39 -13.54
CA LYS A 66 -5.27 2.18 -14.76
C LYS A 66 -4.89 3.66 -14.55
N GLU A 67 -5.12 4.17 -13.34
CA GLU A 67 -4.98 5.60 -13.01
C GLU A 67 -3.55 5.94 -12.58
N LEU A 68 -2.86 4.98 -11.94
CA LEU A 68 -1.46 5.14 -11.54
C LEU A 68 -0.47 4.67 -12.64
N GLY A 69 -0.91 3.77 -13.52
CA GLY A 69 -0.14 3.25 -14.66
C GLY A 69 0.48 1.87 -14.44
N PHE A 70 0.06 1.12 -13.42
CA PHE A 70 0.54 -0.24 -13.15
C PHE A 70 -0.10 -1.26 -14.12
N GLU A 71 0.60 -2.36 -14.38
CA GLU A 71 0.14 -3.44 -15.27
C GLU A 71 -0.28 -4.71 -14.48
N ARG A 72 0.54 -5.10 -13.48
CA ARG A 72 0.49 -6.34 -12.69
C ARG A 72 1.57 -6.48 -11.60
N VAL A 73 2.52 -5.55 -11.45
CA VAL A 73 3.50 -5.53 -10.35
C VAL A 73 2.86 -5.39 -8.95
N PRO A 74 3.47 -5.96 -7.88
CA PRO A 74 2.96 -5.89 -6.51
C PRO A 74 3.35 -4.55 -5.83
N THR A 75 2.60 -3.49 -6.12
CA THR A 75 3.00 -2.10 -5.83
C THR A 75 2.66 -1.65 -4.41
N LEU A 76 3.60 -0.96 -3.74
CA LEU A 76 3.28 -0.09 -2.61
C LEU A 76 3.05 1.34 -3.12
N VAL A 77 1.90 1.91 -2.80
CA VAL A 77 1.45 3.25 -3.19
C VAL A 77 1.17 4.07 -1.94
N PHE A 78 1.85 5.21 -1.80
CA PHE A 78 1.80 6.06 -0.61
C PHE A 78 0.99 7.34 -0.89
N ILE A 79 -0.03 7.61 -0.06
CA ILE A 79 -0.91 8.78 -0.17
C ILE A 79 -0.67 9.71 1.03
N ARG A 80 -0.25 10.96 0.79
CA ARG A 80 -0.23 12.05 1.78
C ARG A 80 -1.28 13.08 1.39
N ASP A 81 -2.17 13.46 2.30
CA ASP A 81 -3.13 14.57 2.12
C ASP A 81 -4.14 14.33 0.97
N GLY A 82 -4.30 13.07 0.55
CA GLY A 82 -5.13 12.69 -0.61
C GLY A 82 -4.41 12.88 -1.95
N LYS A 83 -3.09 13.09 -1.92
CA LYS A 83 -2.20 13.20 -3.08
C LYS A 83 -1.33 11.93 -3.18
N VAL A 84 -1.19 11.35 -4.37
CA VAL A 84 -0.25 10.24 -4.65
C VAL A 84 1.17 10.80 -4.56
N ALA A 85 1.86 10.49 -3.46
CA ALA A 85 3.12 11.15 -3.07
C ALA A 85 4.39 10.33 -3.41
N LYS A 86 4.28 9.01 -3.48
CA LYS A 86 5.38 8.06 -3.70
C LYS A 86 4.86 6.69 -4.16
N VAL A 87 5.67 5.93 -4.91
CA VAL A 87 5.32 4.58 -5.40
C VAL A 87 6.59 3.74 -5.64
N PHE A 88 6.50 2.42 -5.43
CA PHE A 88 7.51 1.45 -5.83
C PHE A 88 6.92 0.04 -6.04
N SER A 89 7.51 -0.69 -6.99
CA SER A 89 6.89 -1.87 -7.63
C SER A 89 7.28 -3.24 -7.05
N GLY A 90 8.21 -3.30 -6.08
CA GLY A 90 8.89 -4.52 -5.66
C GLY A 90 8.54 -5.01 -4.25
N ILE A 91 9.38 -5.91 -3.75
CA ILE A 91 9.47 -6.34 -2.34
C ILE A 91 10.72 -5.73 -1.69
N MET A 92 10.65 -5.40 -0.40
CA MET A 92 11.82 -5.07 0.42
C MET A 92 11.67 -5.48 1.88
N ASN A 93 12.76 -5.36 2.65
CA ASN A 93 12.82 -5.58 4.10
C ASN A 93 12.20 -4.40 4.90
N PRO A 94 11.92 -4.56 6.21
CA PRO A 94 11.30 -3.49 6.99
C PRO A 94 12.23 -2.33 7.33
N ARG A 95 13.54 -2.54 7.56
CA ARG A 95 14.42 -1.41 7.94
C ARG A 95 14.60 -0.39 6.81
N GLU A 96 14.61 -0.83 5.55
CA GLU A 96 14.68 0.06 4.39
C GLU A 96 13.32 0.70 4.03
N LEU A 97 12.19 0.11 4.46
CA LEU A 97 10.87 0.71 4.28
C LEU A 97 10.71 2.02 5.09
N GLN A 98 11.37 2.17 6.24
CA GLN A 98 11.44 3.45 6.94
C GLN A 98 12.15 4.52 6.11
N ALA A 99 13.22 4.18 5.37
CA ALA A 99 13.93 5.12 4.51
C ALA A 99 13.09 5.55 3.30
N LEU A 100 12.30 4.63 2.73
CA LEU A 100 11.37 4.92 1.63
C LEU A 100 10.28 5.91 2.09
N TYR A 101 9.66 5.65 3.24
CA TYR A 101 8.70 6.55 3.89
C TYR A 101 9.32 7.92 4.24
N ALA A 102 10.53 7.95 4.83
CA ALA A 102 11.21 9.20 5.18
C ALA A 102 11.51 10.05 3.94
N SER A 103 11.84 9.42 2.81
CA SER A 103 12.06 10.08 1.53
C SER A 103 10.79 10.67 0.89
N ILE A 104 9.61 10.47 1.47
CA ILE A 104 8.37 11.20 1.12
C ILE A 104 8.30 12.53 1.88
N MET A 1 1.48 -9.67 7.92
CA MET A 1 0.40 -10.44 8.57
C MET A 1 -0.99 -9.97 8.15
N SER A 2 -2.03 -10.71 8.51
CA SER A 2 -3.44 -10.48 8.12
C SER A 2 -4.04 -9.14 8.58
N ALA A 3 -3.34 -8.40 9.46
CA ALA A 3 -3.66 -7.01 9.81
C ALA A 3 -3.50 -6.02 8.64
N ILE A 4 -2.80 -6.44 7.59
CA ILE A 4 -2.59 -5.71 6.34
C ILE A 4 -3.47 -6.37 5.26
N ARG A 5 -4.53 -5.64 4.88
CA ARG A 5 -5.69 -6.14 4.15
C ARG A 5 -6.55 -4.98 3.61
N ASP A 6 -7.64 -5.30 2.91
CA ASP A 6 -8.79 -4.40 2.73
C ASP A 6 -9.66 -4.48 3.99
N ILE A 7 -9.69 -3.40 4.78
CA ILE A 7 -10.21 -3.42 6.16
C ILE A 7 -11.75 -3.40 6.18
N THR A 8 -12.37 -2.59 5.32
CA THR A 8 -13.82 -2.38 5.22
C THR A 8 -14.30 -2.59 3.78
N THR A 9 -14.51 -1.50 3.03
CA THR A 9 -15.25 -1.42 1.77
C THR A 9 -14.63 -0.41 0.81
N GLU A 10 -14.44 0.83 1.28
CA GLU A 10 -13.88 1.93 0.47
C GLU A 10 -12.35 1.85 0.33
N ALA A 11 -11.91 1.67 -0.93
CA ALA A 11 -10.50 1.68 -1.37
C ALA A 11 -10.40 2.16 -2.84
N GLY A 12 -11.26 3.13 -3.20
CA GLY A 12 -11.31 3.77 -4.51
C GLY A 12 -10.53 5.09 -4.53
N MET A 13 -10.29 5.63 -5.73
CA MET A 13 -9.51 6.86 -5.93
C MET A 13 -10.06 8.07 -5.16
N ALA A 14 -11.38 8.17 -4.97
CA ALA A 14 -12.02 9.23 -4.21
C ALA A 14 -11.75 9.16 -2.69
N HIS A 15 -11.54 7.96 -2.14
CA HIS A 15 -11.08 7.80 -0.75
C HIS A 15 -9.63 8.30 -0.62
N PHE A 16 -8.77 7.99 -1.60
CA PHE A 16 -7.36 8.38 -1.63
C PHE A 16 -7.15 9.87 -1.98
N GLU A 17 -8.20 10.59 -2.35
CA GLU A 17 -8.20 12.05 -2.55
C GLU A 17 -8.60 12.82 -1.27
N GLY A 18 -9.26 12.18 -0.30
CA GLY A 18 -9.85 12.84 0.88
C GLY A 18 -9.10 12.63 2.20
N LEU A 19 -8.18 11.67 2.27
CA LEU A 19 -7.54 11.22 3.51
C LEU A 19 -6.38 12.12 4.01
N SER A 20 -5.96 11.92 5.26
CA SER A 20 -4.87 12.67 5.90
C SER A 20 -3.49 12.10 5.54
N ASP A 21 -3.20 10.83 5.88
CA ASP A 21 -1.99 10.10 5.53
C ASP A 21 -2.28 8.59 5.46
N ALA A 22 -1.90 7.95 4.35
CA ALA A 22 -2.16 6.52 4.12
C ALA A 22 -1.10 5.85 3.24
N ILE A 23 -1.09 4.52 3.25
CA ILE A 23 -0.19 3.65 2.49
C ILE A 23 -1.01 2.46 1.96
N VAL A 24 -0.99 2.25 0.64
CA VAL A 24 -1.78 1.23 -0.07
C VAL A 24 -0.83 0.27 -0.78
N PHE A 25 -0.98 -1.03 -0.52
CA PHE A 25 -0.22 -2.09 -1.16
C PHE A 25 -1.08 -2.88 -2.15
N PHE A 26 -0.79 -2.73 -3.45
CA PHE A 26 -1.43 -3.49 -4.52
C PHE A 26 -0.79 -4.88 -4.64
N HIS A 27 -1.32 -5.83 -3.86
CA HIS A 27 -0.95 -7.23 -3.91
C HIS A 27 -1.92 -8.07 -4.80
N LYS A 28 -1.84 -9.40 -4.72
CA LYS A 28 -2.96 -10.30 -5.00
C LYS A 28 -2.97 -11.54 -4.09
N ASN A 29 -4.15 -12.15 -3.94
CA ASN A 29 -4.51 -13.26 -3.08
C ASN A 29 -3.39 -14.30 -2.78
N LEU A 30 -3.15 -15.26 -3.68
CA LEU A 30 -2.32 -16.44 -3.40
C LEU A 30 -0.83 -16.27 -3.76
N CYS A 31 -0.51 -15.59 -4.86
CA CYS A 31 0.80 -15.51 -5.47
C CYS A 31 1.92 -15.16 -4.45
N PRO A 32 2.93 -16.04 -4.27
CA PRO A 32 3.82 -16.06 -3.10
C PRO A 32 4.80 -14.88 -3.03
N HIS A 33 5.10 -14.21 -4.15
CA HIS A 33 6.03 -13.09 -4.16
C HIS A 33 5.50 -11.89 -3.32
N CYS A 34 4.20 -11.54 -3.46
CA CYS A 34 3.57 -10.39 -2.79
C CYS A 34 3.47 -10.58 -1.27
N LYS A 35 3.32 -11.82 -0.80
CA LYS A 35 3.03 -12.16 0.60
C LYS A 35 4.10 -11.70 1.59
N ASN A 36 5.35 -11.55 1.14
CA ASN A 36 6.47 -11.11 1.96
C ASN A 36 6.28 -9.67 2.47
N MET A 37 5.81 -8.77 1.60
CA MET A 37 5.59 -7.34 1.91
C MET A 37 4.51 -7.14 2.98
N GLU A 38 3.54 -8.05 3.09
CA GLU A 38 2.48 -7.99 4.12
C GLU A 38 3.08 -8.02 5.54
N LYS A 39 4.12 -8.84 5.77
CA LYS A 39 4.85 -8.86 7.05
C LYS A 39 5.74 -7.63 7.26
N VAL A 40 6.24 -7.02 6.19
CA VAL A 40 7.04 -5.77 6.23
C VAL A 40 6.16 -4.59 6.69
N LEU A 41 4.95 -4.50 6.10
CA LEU A 41 3.93 -3.50 6.45
C LEU A 41 3.38 -3.71 7.86
N ASP A 42 3.21 -4.96 8.31
CA ASP A 42 2.85 -5.28 9.70
C ASP A 42 3.89 -4.74 10.71
N LYS A 43 5.18 -5.06 10.53
CA LYS A 43 6.27 -4.57 11.39
C LYS A 43 6.45 -3.05 11.33
N PHE A 44 6.18 -2.42 10.17
CA PHE A 44 6.15 -0.97 10.00
C PHE A 44 4.95 -0.32 10.72
N GLY A 45 3.78 -0.97 10.75
CA GLY A 45 2.56 -0.44 11.38
C GLY A 45 2.55 -0.59 12.90
N ALA A 46 3.30 -1.55 13.43
CA ALA A 46 3.29 -1.96 14.85
C ALA A 46 3.63 -0.84 15.86
N ARG A 47 4.30 0.24 15.42
CA ARG A 47 4.61 1.44 16.21
C ARG A 47 4.23 2.78 15.51
N ALA A 48 3.51 2.71 14.39
CA ALA A 48 3.13 3.86 13.55
C ALA A 48 1.61 3.93 13.30
N PRO A 49 0.77 4.07 14.35
CA PRO A 49 -0.68 3.98 14.25
C PRO A 49 -1.33 5.17 13.51
N GLN A 50 -0.62 6.29 13.32
CA GLN A 50 -1.17 7.52 12.74
C GLN A 50 -1.25 7.53 11.20
N VAL A 51 -0.68 6.55 10.50
CA VAL A 51 -0.87 6.31 9.07
C VAL A 51 -1.88 5.17 8.85
N ALA A 52 -2.78 5.35 7.88
CA ALA A 52 -3.72 4.29 7.47
C ALA A 52 -3.05 3.34 6.46
N ILE A 53 -2.62 2.17 6.93
CA ILE A 53 -1.92 1.16 6.09
C ILE A 53 -2.92 0.08 5.67
N SER A 54 -2.94 -0.26 4.38
CA SER A 54 -3.87 -1.25 3.82
C SER A 54 -3.26 -2.00 2.61
N SER A 55 -3.94 -3.05 2.14
CA SER A 55 -3.61 -3.71 0.87
C SER A 55 -4.85 -3.96 0.03
N VAL A 56 -4.67 -4.13 -1.29
CA VAL A 56 -5.73 -4.13 -2.30
C VAL A 56 -5.41 -5.18 -3.35
N ASP A 57 -6.32 -6.12 -3.56
CA ASP A 57 -6.20 -7.16 -4.58
C ASP A 57 -6.37 -6.56 -5.98
N SER A 58 -5.29 -6.60 -6.76
CA SER A 58 -5.24 -6.12 -8.13
C SER A 58 -6.26 -6.80 -9.06
N GLU A 59 -6.68 -8.03 -8.72
CA GLU A 59 -7.68 -8.79 -9.49
C GLU A 59 -9.12 -8.40 -9.11
N ALA A 60 -9.32 -7.79 -7.93
CA ALA A 60 -10.62 -7.25 -7.49
C ALA A 60 -10.81 -5.77 -7.87
N ARG A 61 -9.72 -4.99 -7.85
CA ARG A 61 -9.69 -3.55 -8.13
C ARG A 61 -8.64 -3.18 -9.22
N PRO A 62 -8.76 -3.69 -10.47
CA PRO A 62 -7.91 -3.30 -11.58
C PRO A 62 -8.18 -1.87 -12.06
N GLU A 63 -9.39 -1.32 -11.83
CA GLU A 63 -9.78 0.04 -12.26
C GLU A 63 -8.97 1.15 -11.57
N LEU A 64 -8.38 0.88 -10.39
CA LEU A 64 -7.40 1.75 -9.73
C LEU A 64 -6.09 1.75 -10.51
N MET A 65 -5.49 0.58 -10.69
CA MET A 65 -4.17 0.40 -11.31
C MET A 65 -4.09 0.91 -12.75
N LYS A 66 -5.23 1.00 -13.45
CA LYS A 66 -5.33 1.57 -14.78
C LYS A 66 -5.03 3.08 -14.82
N GLU A 67 -5.19 3.76 -13.67
CA GLU A 67 -4.95 5.20 -13.51
C GLU A 67 -3.49 5.48 -13.16
N LEU A 68 -2.86 4.63 -12.33
CA LEU A 68 -1.45 4.79 -11.92
C LEU A 68 -0.46 4.14 -12.92
N GLY A 69 -0.90 3.15 -13.69
CA GLY A 69 -0.13 2.52 -14.77
C GLY A 69 0.67 1.28 -14.34
N PHE A 70 0.17 0.50 -13.37
CA PHE A 70 0.87 -0.68 -12.83
C PHE A 70 0.73 -1.91 -13.74
N GLU A 71 1.52 -2.96 -13.43
CA GLU A 71 1.83 -4.07 -14.35
C GLU A 71 1.45 -5.45 -13.76
N ARG A 72 0.72 -5.46 -12.65
CA ARG A 72 0.14 -6.61 -11.95
C ARG A 72 1.24 -7.30 -11.11
N VAL A 73 1.77 -6.50 -10.19
CA VAL A 73 3.03 -6.69 -9.45
C VAL A 73 2.94 -6.03 -8.07
N PRO A 74 3.69 -6.49 -7.05
CA PRO A 74 3.61 -5.98 -5.68
C PRO A 74 4.07 -4.52 -5.63
N THR A 75 3.09 -3.60 -5.67
CA THR A 75 3.34 -2.15 -5.72
C THR A 75 2.86 -1.45 -4.45
N LEU A 76 3.78 -0.77 -3.77
CA LEU A 76 3.50 0.14 -2.66
C LEU A 76 3.24 1.54 -3.22
N VAL A 77 2.08 2.12 -2.88
CA VAL A 77 1.63 3.47 -3.25
C VAL A 77 1.37 4.26 -1.97
N PHE A 78 1.96 5.44 -1.83
CA PHE A 78 1.89 6.26 -0.62
C PHE A 78 1.07 7.53 -0.86
N ILE A 79 0.10 7.79 0.02
CA ILE A 79 -0.81 8.94 -0.07
C ILE A 79 -0.52 9.90 1.09
N ARG A 80 -0.04 11.11 0.81
CA ARG A 80 0.13 12.20 1.78
C ARG A 80 -0.90 13.29 1.44
N ASP A 81 -1.79 13.66 2.36
CA ASP A 81 -2.72 14.80 2.24
C ASP A 81 -3.78 14.59 1.13
N GLY A 82 -4.01 13.32 0.76
CA GLY A 82 -4.87 12.94 -0.36
C GLY A 82 -4.17 13.02 -1.73
N LYS A 83 -2.85 13.21 -1.76
CA LYS A 83 -2.01 13.26 -2.97
C LYS A 83 -1.16 11.98 -3.08
N VAL A 84 -1.12 11.35 -4.25
CA VAL A 84 -0.16 10.30 -4.61
C VAL A 84 1.26 10.91 -4.64
N ALA A 85 2.01 10.65 -3.58
CA ALA A 85 3.26 11.35 -3.28
C ALA A 85 4.53 10.53 -3.57
N LYS A 86 4.41 9.20 -3.62
CA LYS A 86 5.50 8.24 -3.87
C LYS A 86 4.92 6.89 -4.34
N VAL A 87 5.70 6.13 -5.11
CA VAL A 87 5.35 4.78 -5.59
C VAL A 87 6.61 3.97 -5.93
N PHE A 88 6.57 2.66 -5.67
CA PHE A 88 7.57 1.70 -6.12
C PHE A 88 6.99 0.27 -6.21
N SER A 89 7.46 -0.52 -7.18
CA SER A 89 7.13 -1.95 -7.30
C SER A 89 8.33 -2.84 -6.92
N GLY A 90 8.06 -3.93 -6.19
CA GLY A 90 9.04 -4.91 -5.71
C GLY A 90 8.93 -5.16 -4.20
N ILE A 91 10.00 -5.71 -3.62
CA ILE A 91 10.11 -6.08 -2.19
C ILE A 91 11.29 -5.35 -1.53
N MET A 92 11.15 -4.99 -0.25
CA MET A 92 12.28 -4.62 0.61
C MET A 92 12.03 -4.94 2.09
N ASN A 93 13.10 -4.92 2.89
CA ASN A 93 13.06 -5.10 4.35
C ASN A 93 12.43 -3.87 5.07
N PRO A 94 11.94 -4.02 6.33
CA PRO A 94 11.26 -2.95 7.05
C PRO A 94 12.18 -1.79 7.49
N ARG A 95 13.49 -2.02 7.71
CA ARG A 95 14.39 -0.93 8.14
C ARG A 95 14.75 0.04 6.99
N GLU A 96 14.80 -0.43 5.74
CA GLU A 96 14.91 0.41 4.55
C GLU A 96 13.57 1.08 4.19
N LEU A 97 12.44 0.41 4.45
CA LEU A 97 11.09 0.95 4.22
C LEU A 97 10.82 2.22 5.06
N GLN A 98 11.47 2.38 6.22
CA GLN A 98 11.44 3.62 7.02
C GLN A 98 11.96 4.83 6.21
N ALA A 99 13.10 4.68 5.54
CA ALA A 99 13.74 5.74 4.77
C ALA A 99 12.93 6.09 3.52
N LEU A 100 12.30 5.08 2.89
CA LEU A 100 11.40 5.29 1.75
C LEU A 100 10.20 6.15 2.16
N TYR A 101 9.53 5.80 3.27
CA TYR A 101 8.44 6.60 3.85
C TYR A 101 8.88 8.02 4.22
N ALA A 102 10.01 8.18 4.91
CA ALA A 102 10.45 9.50 5.37
C ALA A 102 10.80 10.44 4.20
N SER A 103 11.47 9.91 3.17
CA SER A 103 11.92 10.67 2.00
C SER A 103 10.77 11.33 1.22
N ILE A 104 9.54 10.81 1.31
CA ILE A 104 8.33 11.39 0.70
C ILE A 104 8.11 12.84 1.18
N MET A 1 1.87 -3.99 16.21
CA MET A 1 1.34 -4.88 15.16
C MET A 1 -0.19 -4.78 15.01
N SER A 2 -0.71 -5.22 13.87
CA SER A 2 -2.14 -5.23 13.52
C SER A 2 -2.45 -6.26 12.41
N ALA A 3 -2.87 -5.82 11.22
CA ALA A 3 -3.21 -6.65 10.06
C ALA A 3 -3.24 -5.82 8.77
N ILE A 4 -2.78 -6.41 7.66
CA ILE A 4 -2.78 -5.82 6.31
C ILE A 4 -3.77 -6.60 5.43
N ARG A 5 -4.75 -5.90 4.84
CA ARG A 5 -5.91 -6.48 4.15
C ARG A 5 -6.60 -5.44 3.24
N ASP A 6 -7.41 -5.91 2.29
CA ASP A 6 -8.30 -5.09 1.47
C ASP A 6 -9.49 -4.59 2.30
N ILE A 7 -9.59 -3.27 2.50
CA ILE A 7 -10.66 -2.61 3.26
C ILE A 7 -11.58 -1.88 2.26
N THR A 8 -12.48 -2.64 1.65
CA THR A 8 -13.38 -2.25 0.54
C THR A 8 -14.20 -0.98 0.81
N THR A 9 -14.53 -0.72 2.08
CA THR A 9 -15.29 0.45 2.56
C THR A 9 -14.47 1.74 2.62
N GLU A 10 -13.14 1.66 2.65
CA GLU A 10 -12.22 2.81 2.72
C GLU A 10 -11.38 2.97 1.44
N ALA A 11 -10.85 1.88 0.88
CA ALA A 11 -10.02 1.89 -0.32
C ALA A 11 -10.81 2.29 -1.59
N GLY A 12 -10.21 3.18 -2.38
CA GLY A 12 -10.79 3.75 -3.60
C GLY A 12 -10.35 5.20 -3.80
N MET A 13 -10.28 5.62 -5.08
CA MET A 13 -9.74 6.94 -5.47
C MET A 13 -10.42 8.14 -4.78
N ALA A 14 -11.70 8.02 -4.44
CA ALA A 14 -12.45 9.06 -3.72
C ALA A 14 -12.04 9.23 -2.24
N HIS A 15 -11.39 8.24 -1.63
CA HIS A 15 -10.68 8.43 -0.35
C HIS A 15 -9.27 8.96 -0.57
N PHE A 16 -8.57 8.49 -1.61
CA PHE A 16 -7.15 8.78 -1.85
C PHE A 16 -6.91 10.21 -2.34
N GLU A 17 -7.97 10.92 -2.73
CA GLU A 17 -7.92 12.33 -3.15
C GLU A 17 -8.08 13.33 -1.99
N GLY A 18 -8.46 12.87 -0.78
CA GLY A 18 -8.85 13.76 0.34
C GLY A 18 -8.40 13.34 1.75
N LEU A 19 -7.77 12.18 1.92
CA LEU A 19 -7.32 11.66 3.22
C LEU A 19 -6.12 12.42 3.82
N SER A 20 -5.80 12.13 5.09
CA SER A 20 -4.69 12.74 5.83
C SER A 20 -3.33 12.07 5.49
N ASP A 21 -3.17 10.79 5.83
CA ASP A 21 -1.98 9.97 5.54
C ASP A 21 -2.38 8.50 5.41
N ALA A 22 -2.06 7.87 4.27
CA ALA A 22 -2.40 6.47 4.00
C ALA A 22 -1.39 5.77 3.10
N ILE A 23 -1.31 4.44 3.18
CA ILE A 23 -0.42 3.59 2.36
C ILE A 23 -1.25 2.42 1.84
N VAL A 24 -1.21 2.20 0.52
CA VAL A 24 -1.98 1.17 -0.19
C VAL A 24 -1.01 0.21 -0.89
N PHE A 25 -1.14 -1.08 -0.59
CA PHE A 25 -0.41 -2.16 -1.24
C PHE A 25 -1.31 -2.88 -2.25
N PHE A 26 -0.90 -2.95 -3.51
CA PHE A 26 -1.58 -3.70 -4.57
C PHE A 26 -1.07 -5.15 -4.61
N HIS A 27 -1.47 -5.98 -3.64
CA HIS A 27 -1.06 -7.38 -3.56
C HIS A 27 -1.92 -8.30 -4.48
N LYS A 28 -1.77 -9.61 -4.35
CA LYS A 28 -2.73 -10.61 -4.86
C LYS A 28 -2.82 -11.85 -3.95
N ASN A 29 -3.70 -12.77 -4.29
CA ASN A 29 -4.14 -13.88 -3.43
C ASN A 29 -3.06 -14.96 -3.25
N LEU A 30 -2.57 -15.53 -4.35
CA LEU A 30 -1.70 -16.72 -4.36
C LEU A 30 -0.20 -16.40 -4.24
N CYS A 31 0.24 -15.24 -4.75
CA CYS A 31 1.65 -14.91 -4.96
C CYS A 31 2.52 -15.05 -3.68
N PRO A 32 3.54 -15.93 -3.69
CA PRO A 32 4.52 -16.06 -2.63
C PRO A 32 5.34 -14.80 -2.37
N HIS A 33 5.48 -13.89 -3.35
CA HIS A 33 6.25 -12.67 -3.17
C HIS A 33 5.47 -11.69 -2.26
N CYS A 34 4.17 -11.49 -2.50
CA CYS A 34 3.31 -10.58 -1.75
C CYS A 34 3.28 -10.88 -0.25
N LYS A 35 3.37 -12.15 0.14
CA LYS A 35 3.30 -12.59 1.55
C LYS A 35 4.35 -11.90 2.43
N ASN A 36 5.54 -11.63 1.90
CA ASN A 36 6.60 -10.90 2.60
C ASN A 36 6.16 -9.46 2.94
N MET A 37 5.63 -8.74 1.95
CA MET A 37 5.26 -7.32 2.07
C MET A 37 4.13 -7.07 3.07
N GLU A 38 3.23 -8.04 3.24
CA GLU A 38 2.18 -8.03 4.27
C GLU A 38 2.80 -7.98 5.68
N LYS A 39 3.82 -8.82 5.96
CA LYS A 39 4.56 -8.79 7.22
C LYS A 39 5.48 -7.55 7.35
N VAL A 40 6.07 -7.07 6.25
CA VAL A 40 6.89 -5.84 6.23
C VAL A 40 6.05 -4.63 6.67
N LEU A 41 4.86 -4.47 6.08
CA LEU A 41 3.92 -3.38 6.41
C LEU A 41 3.33 -3.48 7.82
N ASP A 42 3.06 -4.69 8.32
CA ASP A 42 2.70 -4.92 9.72
C ASP A 42 3.80 -4.45 10.70
N LYS A 43 5.05 -4.86 10.49
CA LYS A 43 6.19 -4.46 11.32
C LYS A 43 6.56 -2.97 11.19
N PHE A 44 6.31 -2.36 10.02
CA PHE A 44 6.42 -0.92 9.79
C PHE A 44 5.32 -0.14 10.53
N GLY A 45 4.09 -0.67 10.60
CA GLY A 45 2.95 -0.02 11.25
C GLY A 45 2.95 -0.19 12.76
N ALA A 46 3.69 -1.19 13.27
CA ALA A 46 3.83 -1.46 14.70
C ALA A 46 4.36 -0.25 15.50
N ARG A 47 5.24 0.55 14.89
CA ARG A 47 5.77 1.81 15.43
C ARG A 47 5.12 3.09 14.83
N ALA A 48 4.04 2.93 14.05
CA ALA A 48 3.27 4.02 13.44
C ALA A 48 1.77 3.69 13.23
N PRO A 49 0.98 3.50 14.31
CA PRO A 49 -0.46 3.17 14.19
C PRO A 49 -1.32 4.22 13.47
N GLN A 50 -0.86 5.48 13.39
CA GLN A 50 -1.67 6.63 12.98
C GLN A 50 -1.69 6.90 11.46
N VAL A 51 -0.86 6.22 10.66
CA VAL A 51 -0.96 6.19 9.20
C VAL A 51 -1.91 5.06 8.78
N ALA A 52 -2.82 5.32 7.85
CA ALA A 52 -3.82 4.35 7.39
C ALA A 52 -3.20 3.37 6.37
N ILE A 53 -2.61 2.28 6.85
CA ILE A 53 -2.03 1.24 6.00
C ILE A 53 -3.11 0.23 5.62
N SER A 54 -3.20 -0.11 4.34
CA SER A 54 -4.13 -1.11 3.80
C SER A 54 -3.53 -1.83 2.58
N SER A 55 -4.22 -2.86 2.11
CA SER A 55 -3.93 -3.50 0.82
C SER A 55 -5.15 -3.47 -0.12
N VAL A 56 -5.07 -4.14 -1.26
CA VAL A 56 -6.09 -4.29 -2.31
C VAL A 56 -5.61 -5.29 -3.36
N ASP A 57 -6.47 -6.23 -3.76
CA ASP A 57 -6.17 -7.30 -4.71
C ASP A 57 -6.17 -6.77 -6.15
N SER A 58 -5.00 -6.83 -6.79
CA SER A 58 -4.83 -6.48 -8.21
C SER A 58 -5.64 -7.37 -9.16
N GLU A 59 -5.92 -8.61 -8.75
CA GLU A 59 -6.81 -9.55 -9.47
C GLU A 59 -8.30 -9.13 -9.39
N ALA A 60 -8.69 -8.34 -8.38
CA ALA A 60 -10.07 -7.88 -8.16
C ALA A 60 -10.30 -6.40 -8.56
N ARG A 61 -9.27 -5.55 -8.47
CA ARG A 61 -9.34 -4.09 -8.60
C ARG A 61 -8.32 -3.46 -9.58
N PRO A 62 -8.17 -3.97 -10.83
CA PRO A 62 -7.31 -3.35 -11.83
C PRO A 62 -7.83 -1.98 -12.30
N GLU A 63 -9.12 -1.67 -12.08
CA GLU A 63 -9.73 -0.37 -12.41
C GLU A 63 -9.11 0.80 -11.62
N LEU A 64 -8.54 0.55 -10.44
CA LEU A 64 -7.67 1.51 -9.76
C LEU A 64 -6.33 1.65 -10.49
N MET A 65 -5.65 0.54 -10.69
CA MET A 65 -4.26 0.46 -11.19
C MET A 65 -4.07 1.13 -12.55
N LYS A 66 -5.10 1.16 -13.40
CA LYS A 66 -5.09 1.80 -14.72
C LYS A 66 -5.10 3.35 -14.63
N GLU A 67 -5.45 3.90 -13.47
CA GLU A 67 -5.41 5.35 -13.20
C GLU A 67 -4.01 5.77 -12.76
N LEU A 68 -3.31 4.94 -11.97
CA LEU A 68 -1.93 5.21 -11.53
C LEU A 68 -0.89 4.76 -12.59
N GLY A 69 -1.25 3.81 -13.46
CA GLY A 69 -0.44 3.36 -14.61
C GLY A 69 0.32 2.04 -14.37
N PHE A 70 -0.08 1.23 -13.38
CA PHE A 70 0.60 -0.03 -13.04
C PHE A 70 0.16 -1.18 -13.96
N GLU A 71 1.06 -2.13 -14.19
CA GLU A 71 0.80 -3.32 -15.00
C GLU A 71 0.01 -4.37 -14.19
N ARG A 72 0.70 -5.16 -13.35
CA ARG A 72 0.14 -6.37 -12.69
C ARG A 72 0.84 -6.82 -11.39
N VAL A 73 1.78 -6.02 -10.89
CA VAL A 73 2.85 -6.42 -9.95
C VAL A 73 2.63 -5.92 -8.50
N PRO A 74 3.30 -6.51 -7.49
CA PRO A 74 3.22 -6.11 -6.08
C PRO A 74 3.75 -4.67 -5.90
N THR A 75 2.82 -3.69 -5.94
CA THR A 75 3.17 -2.25 -5.87
C THR A 75 2.74 -1.62 -4.55
N LEU A 76 3.65 -0.92 -3.87
CA LEU A 76 3.33 -0.05 -2.73
C LEU A 76 3.15 1.39 -3.21
N VAL A 77 2.06 2.02 -2.79
CA VAL A 77 1.65 3.38 -3.17
C VAL A 77 1.33 4.18 -1.91
N PHE A 78 1.93 5.37 -1.77
CA PHE A 78 1.86 6.18 -0.55
C PHE A 78 1.11 7.49 -0.82
N ILE A 79 0.05 7.76 -0.03
CA ILE A 79 -0.82 8.94 -0.14
C ILE A 79 -0.56 9.89 1.04
N ARG A 80 -0.14 11.13 0.79
CA ARG A 80 -0.01 12.22 1.76
C ARG A 80 -0.99 13.34 1.40
N ASP A 81 -1.86 13.75 2.32
CA ASP A 81 -2.74 14.93 2.21
C ASP A 81 -3.74 14.85 1.03
N GLY A 82 -4.00 13.63 0.53
CA GLY A 82 -4.85 13.36 -0.63
C GLY A 82 -4.09 13.39 -1.97
N LYS A 83 -2.76 13.41 -1.94
CA LYS A 83 -1.87 13.37 -3.09
C LYS A 83 -1.08 12.05 -3.13
N VAL A 84 -0.95 11.41 -4.30
CA VAL A 84 0.01 10.30 -4.51
C VAL A 84 1.42 10.88 -4.45
N ALA A 85 2.12 10.64 -3.34
CA ALA A 85 3.41 11.27 -3.04
C ALA A 85 4.62 10.39 -3.40
N LYS A 86 4.47 9.06 -3.34
CA LYS A 86 5.52 8.07 -3.59
C LYS A 86 4.92 6.75 -4.11
N VAL A 87 5.76 5.92 -4.74
CA VAL A 87 5.40 4.62 -5.34
C VAL A 87 6.66 3.80 -5.64
N PHE A 88 6.58 2.47 -5.48
CA PHE A 88 7.59 1.52 -5.97
C PHE A 88 7.00 0.11 -6.17
N SER A 89 7.57 -0.62 -7.12
CA SER A 89 7.18 -2.01 -7.44
C SER A 89 8.22 -3.01 -6.92
N GLY A 90 7.77 -4.07 -6.24
CA GLY A 90 8.59 -5.18 -5.74
C GLY A 90 8.56 -5.32 -4.22
N ILE A 91 9.58 -5.96 -3.67
CA ILE A 91 9.72 -6.28 -2.24
C ILE A 91 10.93 -5.57 -1.63
N MET A 92 10.77 -5.05 -0.40
CA MET A 92 11.88 -4.59 0.44
C MET A 92 11.67 -4.94 1.93
N ASN A 93 12.74 -4.95 2.71
CA ASN A 93 12.72 -5.15 4.16
C ASN A 93 12.15 -3.93 4.92
N PRO A 94 11.68 -4.07 6.18
CA PRO A 94 11.06 -2.97 6.92
C PRO A 94 12.05 -1.87 7.33
N ARG A 95 13.35 -2.15 7.46
CA ARG A 95 14.38 -1.14 7.78
C ARG A 95 14.47 -0.08 6.68
N GLU A 96 14.58 -0.54 5.44
CA GLU A 96 14.67 0.31 4.25
C GLU A 96 13.32 0.99 3.93
N LEU A 97 12.21 0.37 4.34
CA LEU A 97 10.87 1.00 4.30
C LEU A 97 10.76 2.22 5.22
N GLN A 98 11.54 2.31 6.30
CA GLN A 98 11.62 3.52 7.13
C GLN A 98 12.24 4.68 6.33
N ALA A 99 13.34 4.42 5.62
CA ALA A 99 14.03 5.43 4.80
C ALA A 99 13.16 5.89 3.62
N LEU A 100 12.40 4.98 3.01
CA LEU A 100 11.42 5.28 1.96
C LEU A 100 10.34 6.23 2.48
N TYR A 101 9.67 5.89 3.60
CA TYR A 101 8.69 6.75 4.27
C TYR A 101 9.27 8.12 4.65
N ALA A 102 10.45 8.17 5.27
CA ALA A 102 11.07 9.43 5.71
C ALA A 102 11.40 10.34 4.52
N SER A 103 11.79 9.77 3.38
CA SER A 103 12.01 10.51 2.14
C SER A 103 10.73 11.24 1.67
N ILE A 104 9.54 10.61 1.80
CA ILE A 104 8.24 11.25 1.48
C ILE A 104 8.04 12.52 2.32
N MET A 1 -2.89 -2.40 17.34
CA MET A 1 -2.84 -1.00 16.94
C MET A 1 -2.92 -0.79 15.41
N SER A 2 -2.72 -1.85 14.63
CA SER A 2 -2.76 -1.88 13.16
C SER A 2 -2.80 -3.33 12.65
N ALA A 3 -3.14 -3.52 11.37
CA ALA A 3 -3.28 -4.82 10.67
C ALA A 3 -3.47 -4.59 9.15
N ILE A 4 -2.95 -5.52 8.34
CA ILE A 4 -2.91 -5.39 6.86
C ILE A 4 -3.94 -6.32 6.20
N ARG A 5 -4.76 -5.78 5.30
CA ARG A 5 -5.82 -6.42 4.49
C ARG A 5 -6.49 -5.43 3.54
N ASP A 6 -7.34 -5.95 2.65
CA ASP A 6 -8.29 -5.18 1.83
C ASP A 6 -9.53 -4.85 2.69
N ILE A 7 -9.73 -3.57 2.99
CA ILE A 7 -10.72 -3.10 3.99
C ILE A 7 -12.05 -2.75 3.30
N THR A 8 -13.16 -3.29 3.83
CA THR A 8 -14.52 -3.20 3.25
C THR A 8 -15.18 -1.84 3.38
N THR A 9 -14.70 -0.96 4.28
CA THR A 9 -15.32 0.33 4.62
C THR A 9 -15.14 1.40 3.54
N GLU A 10 -13.94 1.48 2.95
CA GLU A 10 -13.55 2.45 1.92
C GLU A 10 -12.18 2.12 1.32
N ALA A 11 -12.02 2.41 0.02
CA ALA A 11 -10.83 2.18 -0.81
C ALA A 11 -10.92 3.01 -2.11
N GLY A 12 -9.82 3.05 -2.88
CA GLY A 12 -9.77 3.72 -4.20
C GLY A 12 -9.78 5.25 -4.10
N MET A 13 -9.94 5.91 -5.26
CA MET A 13 -9.80 7.38 -5.43
C MET A 13 -10.68 8.23 -4.48
N ALA A 14 -11.83 7.70 -4.04
CA ALA A 14 -12.73 8.38 -3.10
C ALA A 14 -12.30 8.24 -1.63
N HIS A 15 -11.57 7.18 -1.27
CA HIS A 15 -10.81 7.16 -0.02
C HIS A 15 -9.59 8.10 -0.12
N PHE A 16 -8.91 8.14 -1.28
CA PHE A 16 -7.72 8.95 -1.53
C PHE A 16 -8.05 10.46 -1.75
N GLU A 17 -9.15 10.97 -1.19
CA GLU A 17 -9.58 12.35 -1.36
C GLU A 17 -8.88 13.39 -0.45
N GLY A 18 -8.17 12.97 0.61
CA GLY A 18 -7.53 13.89 1.57
C GLY A 18 -6.81 13.23 2.75
N LEU A 19 -6.05 12.16 2.50
CA LEU A 19 -5.43 11.33 3.54
C LEU A 19 -4.08 11.92 3.98
N SER A 20 -4.03 12.57 5.15
CA SER A 20 -2.80 13.23 5.64
C SER A 20 -1.62 12.24 5.81
N ASP A 21 -1.91 10.95 6.05
CA ASP A 21 -0.94 9.86 6.19
C ASP A 21 -1.61 8.51 5.88
N ALA A 22 -1.50 8.04 4.62
CA ALA A 22 -1.97 6.70 4.22
C ALA A 22 -1.03 5.99 3.23
N ILE A 23 -1.05 4.65 3.22
CA ILE A 23 -0.20 3.78 2.39
C ILE A 23 -1.03 2.59 1.89
N VAL A 24 -0.92 2.25 0.60
CA VAL A 24 -1.70 1.22 -0.09
C VAL A 24 -0.76 0.24 -0.79
N PHE A 25 -0.98 -1.06 -0.59
CA PHE A 25 -0.25 -2.14 -1.26
C PHE A 25 -1.15 -2.90 -2.25
N PHE A 26 -0.98 -2.64 -3.54
CA PHE A 26 -1.66 -3.33 -4.65
C PHE A 26 -1.04 -4.72 -4.86
N HIS A 27 -1.29 -5.65 -3.92
CA HIS A 27 -0.77 -7.01 -3.95
C HIS A 27 -1.42 -7.88 -5.06
N LYS A 28 -0.69 -8.90 -5.53
CA LYS A 28 -1.26 -9.99 -6.34
C LYS A 28 -1.95 -11.06 -5.48
N ASN A 29 -2.51 -12.09 -6.12
CA ASN A 29 -3.17 -13.25 -5.49
C ASN A 29 -2.41 -14.56 -5.74
N LEU A 30 -2.57 -15.53 -4.82
CA LEU A 30 -2.01 -16.91 -4.76
C LEU A 30 -0.50 -16.98 -4.56
N CYS A 31 0.27 -16.17 -5.31
CA CYS A 31 1.72 -16.12 -5.31
C CYS A 31 2.35 -15.87 -3.92
N PRO A 32 3.31 -16.71 -3.50
CA PRO A 32 4.07 -16.54 -2.27
C PRO A 32 4.90 -15.24 -2.17
N HIS A 33 5.19 -14.54 -3.28
CA HIS A 33 6.10 -13.39 -3.24
C HIS A 33 5.53 -12.18 -2.46
N CYS A 34 4.27 -11.79 -2.73
CA CYS A 34 3.66 -10.59 -2.12
C CYS A 34 3.38 -10.76 -0.62
N LYS A 35 3.25 -12.01 -0.14
CA LYS A 35 3.02 -12.36 1.27
C LYS A 35 4.08 -11.78 2.22
N ASN A 36 5.33 -11.64 1.75
CA ASN A 36 6.43 -11.06 2.53
C ASN A 36 6.18 -9.57 2.87
N MET A 37 5.75 -8.76 1.90
CA MET A 37 5.50 -7.32 2.12
C MET A 37 4.38 -7.06 3.13
N GLU A 38 3.40 -7.96 3.24
CA GLU A 38 2.36 -7.88 4.27
C GLU A 38 2.96 -7.95 5.69
N LYS A 39 4.03 -8.74 5.91
CA LYS A 39 4.73 -8.76 7.21
C LYS A 39 5.50 -7.45 7.44
N VAL A 40 6.13 -6.93 6.39
CA VAL A 40 6.97 -5.72 6.39
C VAL A 40 6.15 -4.49 6.72
N LEU A 41 4.96 -4.36 6.10
CA LEU A 41 3.97 -3.31 6.37
C LEU A 41 3.38 -3.43 7.78
N ASP A 42 3.15 -4.64 8.29
CA ASP A 42 2.75 -4.89 9.68
C ASP A 42 3.81 -4.40 10.68
N LYS A 43 5.10 -4.72 10.48
CA LYS A 43 6.18 -4.30 11.41
C LYS A 43 6.42 -2.78 11.37
N PHE A 44 6.23 -2.17 10.21
CA PHE A 44 6.25 -0.71 10.01
C PHE A 44 5.04 -0.02 10.69
N GLY A 45 3.85 -0.64 10.69
CA GLY A 45 2.64 -0.07 11.29
C GLY A 45 2.55 -0.29 12.79
N ALA A 46 3.22 -1.32 13.32
CA ALA A 46 3.23 -1.64 14.75
C ALA A 46 3.74 -0.49 15.64
N ARG A 47 4.70 0.31 15.14
CA ARG A 47 5.25 1.50 15.80
C ARG A 47 4.71 2.84 15.26
N ALA A 48 3.66 2.81 14.43
CA ALA A 48 3.01 3.98 13.83
C ALA A 48 1.48 3.76 13.67
N PRO A 49 0.67 4.05 14.71
CA PRO A 49 -0.78 3.84 14.67
C PRO A 49 -1.55 4.92 13.88
N GLN A 50 -0.93 6.04 13.50
CA GLN A 50 -1.61 7.19 12.89
C GLN A 50 -1.69 7.12 11.35
N VAL A 51 -0.98 6.17 10.73
CA VAL A 51 -1.00 5.92 9.28
C VAL A 51 -2.07 4.88 8.94
N ALA A 52 -2.91 5.19 7.96
CA ALA A 52 -3.86 4.24 7.39
C ALA A 52 -3.16 3.34 6.35
N ILE A 53 -2.75 2.14 6.76
CA ILE A 53 -2.11 1.15 5.87
C ILE A 53 -3.14 0.09 5.46
N SER A 54 -3.23 -0.24 4.18
CA SER A 54 -4.10 -1.30 3.66
C SER A 54 -3.48 -2.02 2.46
N SER A 55 -4.07 -3.14 2.04
CA SER A 55 -3.74 -3.80 0.77
C SER A 55 -4.93 -3.76 -0.21
N VAL A 56 -4.67 -4.05 -1.48
CA VAL A 56 -5.66 -4.01 -2.58
C VAL A 56 -5.36 -5.14 -3.55
N ASP A 57 -6.33 -6.03 -3.79
CA ASP A 57 -6.24 -7.13 -4.76
C ASP A 57 -6.17 -6.58 -6.18
N SER A 58 -4.97 -6.61 -6.77
CA SER A 58 -4.66 -6.01 -8.09
C SER A 58 -5.60 -6.48 -9.20
N GLU A 59 -5.88 -7.78 -9.26
CA GLU A 59 -6.75 -8.39 -10.28
C GLU A 59 -8.25 -8.19 -10.02
N ALA A 60 -8.63 -7.76 -8.80
CA ALA A 60 -10.01 -7.40 -8.44
C ALA A 60 -10.27 -5.87 -8.48
N ARG A 61 -9.22 -5.05 -8.47
CA ARG A 61 -9.26 -3.58 -8.58
C ARG A 61 -8.40 -3.02 -9.75
N PRO A 62 -8.42 -3.60 -10.96
CA PRO A 62 -7.60 -3.13 -12.09
C PRO A 62 -8.08 -1.76 -12.62
N GLU A 63 -9.34 -1.36 -12.38
CA GLU A 63 -9.87 -0.05 -12.78
C GLU A 63 -9.19 1.11 -12.02
N LEU A 64 -8.70 0.86 -10.80
CA LEU A 64 -7.87 1.82 -10.05
C LEU A 64 -6.46 1.85 -10.63
N MET A 65 -5.83 0.69 -10.80
CA MET A 65 -4.47 0.56 -11.33
C MET A 65 -4.29 1.20 -12.71
N LYS A 66 -5.36 1.31 -13.51
CA LYS A 66 -5.35 1.97 -14.82
C LYS A 66 -5.09 3.48 -14.71
N GLU A 67 -5.39 4.07 -13.54
CA GLU A 67 -5.24 5.50 -13.25
C GLU A 67 -3.80 5.81 -12.80
N LEU A 68 -3.18 4.92 -12.01
CA LEU A 68 -1.79 5.06 -11.57
C LEU A 68 -0.78 4.54 -12.61
N GLY A 69 -1.20 3.62 -13.49
CA GLY A 69 -0.40 3.08 -14.60
C GLY A 69 0.23 1.71 -14.33
N PHE A 70 -0.27 0.94 -13.36
CA PHE A 70 0.26 -0.39 -13.03
C PHE A 70 -0.34 -1.48 -13.94
N GLU A 71 0.39 -2.59 -14.13
CA GLU A 71 -0.03 -3.75 -14.92
C GLU A 71 -0.75 -4.79 -14.02
N ARG A 72 0.00 -5.49 -13.16
CA ARG A 72 -0.50 -6.56 -12.27
C ARG A 72 0.43 -6.95 -11.09
N VAL A 73 1.55 -6.26 -10.95
CA VAL A 73 2.67 -6.56 -10.03
C VAL A 73 2.46 -6.00 -8.61
N PRO A 74 3.08 -6.60 -7.57
CA PRO A 74 2.94 -6.19 -6.18
C PRO A 74 3.56 -4.81 -5.96
N THR A 75 2.70 -3.78 -6.01
CA THR A 75 3.11 -2.36 -5.96
C THR A 75 2.69 -1.67 -4.67
N LEU A 76 3.66 -1.08 -3.96
CA LEU A 76 3.45 -0.15 -2.85
C LEU A 76 3.21 1.26 -3.41
N VAL A 77 2.21 1.95 -2.86
CA VAL A 77 1.74 3.27 -3.29
C VAL A 77 1.47 4.10 -2.03
N PHE A 78 2.11 5.27 -1.95
CA PHE A 78 2.05 6.14 -0.75
C PHE A 78 1.19 7.38 -1.03
N ILE A 79 0.19 7.64 -0.18
CA ILE A 79 -0.76 8.75 -0.36
C ILE A 79 -0.52 9.80 0.72
N ARG A 80 -0.05 10.99 0.33
CA ARG A 80 0.05 12.18 1.19
C ARG A 80 -0.99 13.21 0.73
N ASP A 81 -1.96 13.54 1.58
CA ASP A 81 -3.02 14.54 1.38
C ASP A 81 -4.00 14.14 0.25
N GLY A 82 -4.13 12.82 0.02
CA GLY A 82 -4.89 12.27 -1.10
C GLY A 82 -4.10 12.20 -2.42
N LYS A 83 -2.86 12.71 -2.44
CA LYS A 83 -2.00 12.70 -3.63
C LYS A 83 -1.03 11.51 -3.58
N VAL A 84 -0.93 10.74 -4.67
CA VAL A 84 0.12 9.72 -4.85
C VAL A 84 1.49 10.39 -4.94
N ALA A 85 2.23 10.34 -3.84
CA ALA A 85 3.49 11.07 -3.65
C ALA A 85 4.76 10.21 -3.82
N LYS A 86 4.64 8.88 -3.77
CA LYS A 86 5.73 7.90 -3.94
C LYS A 86 5.15 6.53 -4.34
N VAL A 87 5.89 5.74 -5.12
CA VAL A 87 5.51 4.40 -5.61
C VAL A 87 6.76 3.53 -5.81
N PHE A 88 6.65 2.22 -5.57
CA PHE A 88 7.59 1.19 -6.05
C PHE A 88 6.92 -0.18 -6.20
N SER A 89 7.37 -0.98 -7.16
CA SER A 89 6.97 -2.40 -7.30
C SER A 89 8.10 -3.35 -6.84
N GLY A 90 7.72 -4.48 -6.21
CA GLY A 90 8.62 -5.55 -5.78
C GLY A 90 8.77 -5.64 -4.26
N ILE A 91 9.94 -6.09 -3.80
CA ILE A 91 10.22 -6.44 -2.40
C ILE A 91 11.24 -5.48 -1.76
N MET A 92 11.04 -5.21 -0.46
CA MET A 92 12.09 -4.65 0.41
C MET A 92 11.90 -5.01 1.89
N ASN A 93 12.93 -4.74 2.70
CA ASN A 93 12.95 -4.94 4.15
C ASN A 93 12.28 -3.78 4.93
N PRO A 94 11.90 -3.97 6.21
CA PRO A 94 11.22 -2.93 7.00
C PRO A 94 12.15 -1.80 7.48
N ARG A 95 13.46 -2.03 7.65
CA ARG A 95 14.36 -0.97 8.14
C ARG A 95 14.62 0.12 7.08
N GLU A 96 14.67 -0.24 5.79
CA GLU A 96 14.72 0.72 4.68
C GLU A 96 13.38 1.41 4.44
N LEU A 97 12.25 0.73 4.69
CA LEU A 97 10.90 1.32 4.58
C LEU A 97 10.68 2.50 5.55
N GLN A 98 11.39 2.54 6.69
CA GLN A 98 11.35 3.68 7.62
C GLN A 98 11.87 4.96 6.96
N ALA A 99 13.02 4.88 6.28
CA ALA A 99 13.62 6.01 5.58
C ALA A 99 12.82 6.39 4.31
N LEU A 100 12.26 5.40 3.60
CA LEU A 100 11.48 5.61 2.37
C LEU A 100 10.26 6.49 2.66
N TYR A 101 9.47 6.13 3.68
CA TYR A 101 8.32 6.93 4.12
C TYR A 101 8.71 8.38 4.46
N ALA A 102 9.81 8.58 5.21
CA ALA A 102 10.20 9.93 5.65
C ALA A 102 10.62 10.83 4.48
N SER A 103 11.32 10.24 3.51
CA SER A 103 11.80 10.92 2.28
C SER A 103 10.68 11.42 1.34
N ILE A 104 9.43 11.01 1.55
CA ILE A 104 8.27 11.52 0.80
C ILE A 104 7.95 12.97 1.22
N MET A 1 -0.53 -13.84 12.00
CA MET A 1 -1.45 -12.72 11.87
C MET A 1 -0.72 -11.42 11.48
N SER A 2 -1.39 -10.57 10.70
CA SER A 2 -0.95 -9.21 10.36
C SER A 2 -2.17 -8.30 10.14
N ALA A 3 -2.06 -7.01 10.52
CA ALA A 3 -3.15 -6.03 10.44
C ALA A 3 -3.37 -5.43 9.04
N ILE A 4 -2.62 -5.89 8.05
CA ILE A 4 -2.56 -5.35 6.68
C ILE A 4 -3.52 -6.15 5.78
N ARG A 5 -4.66 -5.54 5.47
CA ARG A 5 -5.82 -6.20 4.85
C ARG A 5 -6.54 -5.27 3.86
N ASP A 6 -7.43 -5.86 3.05
CA ASP A 6 -8.37 -5.16 2.19
C ASP A 6 -9.63 -4.77 2.97
N ILE A 7 -9.75 -3.49 3.29
CA ILE A 7 -10.82 -2.92 4.12
C ILE A 7 -11.56 -1.85 3.30
N THR A 8 -12.68 -2.25 2.68
CA THR A 8 -13.48 -1.44 1.73
C THR A 8 -13.86 -0.07 2.27
N THR A 9 -14.08 0.03 3.59
CA THR A 9 -14.41 1.28 4.32
C THR A 9 -13.33 2.35 4.20
N GLU A 10 -12.07 1.96 3.99
CA GLU A 10 -10.89 2.82 3.91
C GLU A 10 -10.11 2.61 2.60
N ALA A 11 -10.79 2.19 1.53
CA ALA A 11 -10.22 1.92 0.21
C ALA A 11 -11.05 2.52 -0.94
N GLY A 12 -10.49 2.47 -2.14
CA GLY A 12 -11.05 3.04 -3.37
C GLY A 12 -10.59 4.47 -3.61
N MET A 13 -10.57 4.89 -4.88
CA MET A 13 -10.08 6.22 -5.31
C MET A 13 -10.80 7.37 -4.62
N ALA A 14 -12.08 7.17 -4.23
CA ALA A 14 -12.88 8.17 -3.53
C ALA A 14 -12.42 8.42 -2.08
N HIS A 15 -11.71 7.48 -1.46
CA HIS A 15 -10.98 7.72 -0.22
C HIS A 15 -9.59 8.32 -0.49
N PHE A 16 -8.91 7.85 -1.54
CA PHE A 16 -7.50 8.20 -1.81
C PHE A 16 -7.33 9.61 -2.39
N GLU A 17 -8.43 10.28 -2.76
CA GLU A 17 -8.45 11.66 -3.25
C GLU A 17 -8.62 12.72 -2.13
N GLY A 18 -8.96 12.30 -0.89
CA GLY A 18 -9.35 13.20 0.21
C GLY A 18 -8.83 12.86 1.61
N LEU A 19 -8.16 11.72 1.81
CA LEU A 19 -7.63 11.30 3.11
C LEU A 19 -6.46 12.16 3.60
N SER A 20 -6.10 12.01 4.88
CA SER A 20 -4.98 12.76 5.49
C SER A 20 -3.60 12.16 5.16
N ASP A 21 -3.40 10.86 5.41
CA ASP A 21 -2.11 10.17 5.31
C ASP A 21 -2.32 8.64 5.29
N ALA A 22 -1.98 7.97 4.17
CA ALA A 22 -2.27 6.54 3.97
C ALA A 22 -1.32 5.82 3.01
N ILE A 23 -1.22 4.49 3.13
CA ILE A 23 -0.39 3.61 2.30
C ILE A 23 -1.24 2.43 1.80
N VAL A 24 -1.20 2.16 0.50
CA VAL A 24 -1.94 1.09 -0.18
C VAL A 24 -0.96 0.12 -0.83
N PHE A 25 -1.11 -1.19 -0.56
CA PHE A 25 -0.30 -2.26 -1.15
C PHE A 25 -1.13 -3.11 -2.13
N PHE A 26 -0.80 -3.02 -3.42
CA PHE A 26 -1.45 -3.73 -4.52
C PHE A 26 -0.87 -5.14 -4.68
N HIS A 27 -1.22 -6.05 -3.75
CA HIS A 27 -0.95 -7.47 -3.90
C HIS A 27 -1.86 -8.15 -4.99
N LYS A 28 -1.65 -9.44 -5.29
CA LYS A 28 -2.56 -10.22 -6.15
C LYS A 28 -2.78 -11.67 -5.67
N ASN A 29 -4.00 -12.18 -5.90
CA ASN A 29 -4.52 -13.51 -5.52
C ASN A 29 -3.71 -14.28 -4.44
N LEU A 30 -2.93 -15.30 -4.82
CA LEU A 30 -2.22 -16.25 -3.97
C LEU A 30 -0.69 -16.03 -3.93
N CYS A 31 -0.18 -14.97 -4.59
CA CYS A 31 1.23 -14.79 -4.92
C CYS A 31 2.21 -15.01 -3.74
N PRO A 32 3.21 -15.91 -3.90
CA PRO A 32 4.22 -16.18 -2.90
C PRO A 32 5.26 -15.06 -2.75
N HIS A 33 5.22 -14.00 -3.59
CA HIS A 33 5.98 -12.79 -3.33
C HIS A 33 5.22 -11.89 -2.32
N CYS A 34 3.92 -11.63 -2.57
CA CYS A 34 3.12 -10.66 -1.81
C CYS A 34 2.98 -10.98 -0.30
N LYS A 35 2.93 -12.27 0.06
CA LYS A 35 2.79 -12.70 1.46
C LYS A 35 3.78 -12.05 2.42
N ASN A 36 5.04 -11.90 1.98
CA ASN A 36 6.13 -11.45 2.83
C ASN A 36 6.00 -9.94 3.14
N MET A 37 5.61 -9.17 2.12
CA MET A 37 5.43 -7.72 2.22
C MET A 37 4.33 -7.33 3.21
N GLU A 38 3.25 -8.11 3.35
CA GLU A 38 2.24 -7.84 4.38
C GLU A 38 2.83 -7.88 5.81
N LYS A 39 3.76 -8.81 6.11
CA LYS A 39 4.47 -8.83 7.40
C LYS A 39 5.46 -7.64 7.55
N VAL A 40 6.07 -7.17 6.46
CA VAL A 40 6.91 -5.94 6.46
C VAL A 40 6.07 -4.73 6.86
N LEU A 41 4.91 -4.54 6.21
CA LEU A 41 3.98 -3.43 6.47
C LEU A 41 3.37 -3.51 7.88
N ASP A 42 3.07 -4.71 8.39
CA ASP A 42 2.62 -4.94 9.75
C ASP A 42 3.64 -4.44 10.78
N LYS A 43 4.91 -4.87 10.68
CA LYS A 43 5.97 -4.47 11.61
C LYS A 43 6.37 -2.99 11.47
N PHE A 44 6.24 -2.42 10.26
CA PHE A 44 6.38 -0.98 10.00
C PHE A 44 5.27 -0.17 10.67
N GLY A 45 4.01 -0.64 10.65
CA GLY A 45 2.85 0.12 11.12
C GLY A 45 2.59 -0.05 12.61
N ALA A 46 2.98 -1.19 13.20
CA ALA A 46 2.73 -1.51 14.61
C ALA A 46 3.32 -0.47 15.59
N ARG A 47 4.47 0.14 15.22
CA ARG A 47 5.16 1.21 15.95
C ARG A 47 4.97 2.62 15.33
N ALA A 48 4.08 2.77 14.34
CA ALA A 48 3.75 4.03 13.67
C ALA A 48 2.25 4.17 13.27
N PRO A 49 1.28 3.78 14.13
CA PRO A 49 -0.13 3.61 13.73
C PRO A 49 -0.86 4.88 13.27
N GLN A 50 -0.23 6.07 13.37
CA GLN A 50 -0.72 7.34 12.84
C GLN A 50 -0.88 7.40 11.31
N VAL A 51 -0.41 6.40 10.55
CA VAL A 51 -0.66 6.22 9.11
C VAL A 51 -1.63 5.06 8.86
N ALA A 52 -2.61 5.28 7.97
CA ALA A 52 -3.58 4.27 7.56
C ALA A 52 -2.98 3.35 6.48
N ILE A 53 -2.57 2.13 6.86
CA ILE A 53 -1.98 1.14 5.94
C ILE A 53 -3.02 0.08 5.57
N SER A 54 -3.10 -0.27 4.29
CA SER A 54 -4.01 -1.30 3.78
C SER A 54 -3.38 -2.08 2.61
N SER A 55 -4.01 -3.19 2.20
CA SER A 55 -3.67 -3.93 0.98
C SER A 55 -4.90 -4.11 0.06
N VAL A 56 -4.69 -4.45 -1.21
CA VAL A 56 -5.72 -4.47 -2.27
C VAL A 56 -5.38 -5.57 -3.28
N ASP A 57 -6.34 -6.45 -3.59
CA ASP A 57 -6.21 -7.41 -4.69
C ASP A 57 -6.35 -6.71 -6.04
N SER A 58 -5.23 -6.40 -6.68
CA SER A 58 -5.16 -5.57 -7.88
C SER A 58 -5.97 -6.14 -9.07
N GLU A 59 -6.09 -7.46 -9.14
CA GLU A 59 -6.84 -8.17 -10.16
C GLU A 59 -8.37 -8.09 -9.96
N ALA A 60 -8.82 -7.79 -8.74
CA ALA A 60 -10.20 -7.44 -8.40
C ALA A 60 -10.45 -5.92 -8.36
N ARG A 61 -9.38 -5.11 -8.46
CA ARG A 61 -9.39 -3.64 -8.37
C ARG A 61 -8.61 -2.92 -9.51
N PRO A 62 -8.73 -3.33 -10.80
CA PRO A 62 -7.96 -2.74 -11.90
C PRO A 62 -8.36 -1.27 -12.20
N GLU A 63 -9.57 -0.86 -11.79
CA GLU A 63 -10.06 0.53 -11.89
C GLU A 63 -9.18 1.53 -11.12
N LEU A 64 -8.37 1.07 -10.16
CA LEU A 64 -7.32 1.86 -9.52
C LEU A 64 -6.05 1.94 -10.38
N MET A 65 -5.46 0.79 -10.72
CA MET A 65 -4.15 0.69 -11.36
C MET A 65 -4.05 1.42 -12.71
N LYS A 66 -5.17 1.54 -13.42
CA LYS A 66 -5.27 2.26 -14.70
C LYS A 66 -5.13 3.78 -14.54
N GLU A 67 -5.33 4.31 -13.32
CA GLU A 67 -5.19 5.73 -13.00
C GLU A 67 -3.74 6.08 -12.65
N LEU A 68 -3.02 5.16 -11.99
CA LEU A 68 -1.61 5.36 -11.61
C LEU A 68 -0.63 4.88 -12.70
N GLY A 69 -1.05 3.95 -13.57
CA GLY A 69 -0.28 3.44 -14.72
C GLY A 69 0.44 2.11 -14.47
N PHE A 70 0.02 1.32 -13.48
CA PHE A 70 0.63 0.02 -13.13
C PHE A 70 0.16 -1.11 -14.07
N GLU A 71 0.93 -2.20 -14.12
CA GLU A 71 0.68 -3.36 -14.97
C GLU A 71 0.21 -4.60 -14.18
N ARG A 72 1.09 -5.21 -13.37
CA ARG A 72 0.92 -6.59 -12.85
C ARG A 72 1.83 -6.96 -11.65
N VAL A 73 2.34 -5.99 -10.91
CA VAL A 73 3.44 -6.15 -9.93
C VAL A 73 3.04 -5.74 -8.50
N PRO A 74 3.72 -6.25 -7.45
CA PRO A 74 3.43 -5.95 -6.05
C PRO A 74 3.90 -4.52 -5.73
N THR A 75 3.01 -3.53 -5.94
CA THR A 75 3.30 -2.10 -5.80
C THR A 75 2.80 -1.55 -4.47
N LEU A 76 3.66 -0.84 -3.75
CA LEU A 76 3.28 0.04 -2.65
C LEU A 76 3.07 1.48 -3.15
N VAL A 77 1.99 2.11 -2.73
CA VAL A 77 1.53 3.43 -3.16
C VAL A 77 1.23 4.27 -1.92
N PHE A 78 1.83 5.46 -1.84
CA PHE A 78 1.73 6.34 -0.68
C PHE A 78 0.90 7.58 -1.01
N ILE A 79 -0.17 7.81 -0.25
CA ILE A 79 -1.08 8.96 -0.39
C ILE A 79 -0.83 9.93 0.78
N ARG A 80 -0.47 11.18 0.49
CA ARG A 80 -0.38 12.30 1.43
C ARG A 80 -1.41 13.36 1.05
N ASP A 81 -2.31 13.75 1.96
CA ASP A 81 -3.31 14.83 1.76
C ASP A 81 -4.30 14.53 0.60
N GLY A 82 -4.43 13.26 0.21
CA GLY A 82 -5.25 12.82 -0.92
C GLY A 82 -4.51 12.86 -2.26
N LYS A 83 -3.18 13.02 -2.24
CA LYS A 83 -2.28 13.11 -3.40
C LYS A 83 -1.30 11.93 -3.37
N VAL A 84 -1.12 11.23 -4.50
CA VAL A 84 -0.06 10.20 -4.62
C VAL A 84 1.32 10.87 -4.62
N ALA A 85 2.07 10.67 -3.54
CA ALA A 85 3.34 11.35 -3.27
C ALA A 85 4.59 10.50 -3.57
N LYS A 86 4.46 9.18 -3.54
CA LYS A 86 5.56 8.20 -3.65
C LYS A 86 5.01 6.82 -4.06
N VAL A 87 5.77 6.07 -4.86
CA VAL A 87 5.42 4.73 -5.37
C VAL A 87 6.71 3.89 -5.55
N PHE A 88 6.64 2.59 -5.27
CA PHE A 88 7.66 1.60 -5.67
C PHE A 88 7.04 0.19 -5.78
N SER A 89 7.66 -0.71 -6.56
CA SER A 89 7.26 -2.12 -6.64
C SER A 89 8.38 -3.10 -6.26
N GLY A 90 8.01 -4.23 -5.63
CA GLY A 90 8.92 -5.29 -5.17
C GLY A 90 8.98 -5.45 -3.65
N ILE A 91 9.96 -6.21 -3.17
CA ILE A 91 10.17 -6.52 -1.74
C ILE A 91 11.30 -5.68 -1.16
N MET A 92 11.09 -5.18 0.07
CA MET A 92 12.16 -4.68 0.94
C MET A 92 11.92 -5.10 2.39
N ASN A 93 13.00 -5.32 3.15
CA ASN A 93 12.94 -5.48 4.61
C ASN A 93 12.58 -4.14 5.31
N PRO A 94 11.90 -4.14 6.47
CA PRO A 94 11.29 -2.95 7.04
C PRO A 94 12.31 -1.88 7.46
N ARG A 95 13.54 -2.27 7.82
CA ARG A 95 14.62 -1.34 8.17
C ARG A 95 15.02 -0.38 7.03
N GLU A 96 14.88 -0.79 5.76
CA GLU A 96 15.12 0.06 4.59
C GLU A 96 13.85 0.76 4.07
N LEU A 97 12.66 0.18 4.32
CA LEU A 97 11.38 0.86 4.04
C LEU A 97 11.23 2.18 4.82
N GLN A 98 11.92 2.33 5.95
CA GLN A 98 11.97 3.59 6.70
C GLN A 98 12.55 4.75 5.87
N ALA A 99 13.61 4.52 5.09
CA ALA A 99 14.24 5.55 4.26
C ALA A 99 13.35 5.97 3.09
N LEU A 100 12.62 5.02 2.51
CA LEU A 100 11.64 5.25 1.45
C LEU A 100 10.48 6.12 1.96
N TYR A 101 9.93 5.81 3.14
CA TYR A 101 8.93 6.62 3.84
C TYR A 101 9.49 8.00 4.25
N ALA A 102 10.70 8.08 4.84
CA ALA A 102 11.29 9.35 5.26
C ALA A 102 11.49 10.35 4.11
N SER A 103 11.83 9.84 2.92
CA SER A 103 11.97 10.62 1.67
C SER A 103 10.65 11.29 1.21
N ILE A 104 9.48 10.83 1.71
CA ILE A 104 8.18 11.48 1.47
C ILE A 104 8.05 12.74 2.33
N MET A 1 -4.18 0.69 11.83
CA MET A 1 -4.68 -0.16 10.75
C MET A 1 -5.36 -1.45 11.22
N SER A 2 -5.15 -1.83 12.48
CA SER A 2 -5.71 -3.00 13.19
C SER A 2 -5.15 -4.35 12.67
N ALA A 3 -5.29 -4.62 11.37
CA ALA A 3 -4.81 -5.82 10.67
C ALA A 3 -4.85 -5.60 9.15
N ILE A 4 -3.75 -5.93 8.45
CA ILE A 4 -3.60 -5.76 6.98
C ILE A 4 -4.04 -7.06 6.27
N ARG A 5 -4.75 -6.92 5.14
CA ARG A 5 -5.29 -7.94 4.21
C ARG A 5 -6.30 -7.36 3.23
N ASP A 6 -7.18 -6.51 3.75
CA ASP A 6 -8.27 -5.76 3.11
C ASP A 6 -9.08 -5.00 4.17
N ILE A 7 -9.38 -3.71 3.91
CA ILE A 7 -10.30 -2.90 4.72
C ILE A 7 -11.17 -2.07 3.77
N THR A 8 -12.49 -2.30 3.80
CA THR A 8 -13.48 -1.67 2.90
C THR A 8 -13.55 -0.15 3.01
N THR A 9 -13.33 0.40 4.21
CA THR A 9 -13.39 1.82 4.53
C THR A 9 -12.09 2.58 4.29
N GLU A 10 -10.97 1.88 4.08
CA GLU A 10 -9.62 2.47 3.94
C GLU A 10 -8.98 2.14 2.57
N ALA A 11 -9.82 1.92 1.55
CA ALA A 11 -9.43 1.60 0.18
C ALA A 11 -10.38 2.23 -0.86
N GLY A 12 -9.94 2.27 -2.12
CA GLY A 12 -10.63 2.90 -3.24
C GLY A 12 -10.29 4.38 -3.36
N MET A 13 -10.38 4.92 -4.58
CA MET A 13 -10.08 6.33 -4.89
C MET A 13 -10.89 7.32 -4.06
N ALA A 14 -12.10 6.93 -3.62
CA ALA A 14 -12.96 7.76 -2.79
C ALA A 14 -12.45 7.93 -1.34
N HIS A 15 -11.59 7.01 -0.86
CA HIS A 15 -10.83 7.22 0.36
C HIS A 15 -9.60 8.12 0.11
N PHE A 16 -8.90 7.90 -1.02
CA PHE A 16 -7.60 8.53 -1.32
C PHE A 16 -7.72 10.01 -1.71
N GLU A 17 -8.92 10.49 -2.02
CA GLU A 17 -9.25 11.86 -2.39
C GLU A 17 -9.48 12.71 -1.14
N GLY A 18 -8.37 13.16 -0.53
CA GLY A 18 -8.35 14.20 0.51
C GLY A 18 -8.03 13.72 1.93
N LEU A 19 -7.51 12.49 2.09
CA LEU A 19 -7.03 11.99 3.38
C LEU A 19 -5.78 12.73 3.88
N SER A 20 -5.41 12.52 5.14
CA SER A 20 -4.22 13.12 5.77
C SER A 20 -2.91 12.44 5.32
N ASP A 21 -2.71 11.18 5.70
CA ASP A 21 -1.55 10.34 5.39
C ASP A 21 -1.97 8.87 5.29
N ALA A 22 -1.69 8.21 4.17
CA ALA A 22 -2.03 6.80 3.94
C ALA A 22 -1.02 6.05 3.06
N ILE A 23 -1.04 4.72 3.16
CA ILE A 23 -0.15 3.78 2.45
C ILE A 23 -0.97 2.60 1.94
N VAL A 24 -0.92 2.33 0.64
CA VAL A 24 -1.76 1.38 -0.07
C VAL A 24 -0.88 0.36 -0.80
N PHE A 25 -1.12 -0.94 -0.57
CA PHE A 25 -0.37 -2.02 -1.21
C PHE A 25 -1.25 -2.86 -2.13
N PHE A 26 -0.99 -2.82 -3.44
CA PHE A 26 -1.71 -3.56 -4.46
C PHE A 26 -1.19 -5.02 -4.54
N HIS A 27 -1.48 -5.83 -3.51
CA HIS A 27 -1.01 -7.20 -3.43
C HIS A 27 -1.73 -8.15 -4.41
N LYS A 28 -1.24 -9.39 -4.55
CA LYS A 28 -1.80 -10.44 -5.42
C LYS A 28 -2.24 -11.66 -4.58
N ASN A 29 -3.09 -12.53 -5.14
CA ASN A 29 -3.59 -13.74 -4.47
C ASN A 29 -2.69 -14.96 -4.76
N LEU A 30 -2.15 -15.04 -5.98
CA LEU A 30 -1.33 -16.17 -6.45
C LEU A 30 0.13 -16.10 -5.98
N CYS A 31 0.80 -14.96 -6.19
CA CYS A 31 2.24 -14.78 -5.98
C CYS A 31 2.67 -15.02 -4.52
N PRO A 32 3.55 -16.00 -4.25
CA PRO A 32 4.14 -16.23 -2.93
C PRO A 32 5.07 -15.10 -2.46
N HIS A 33 5.58 -14.25 -3.36
CA HIS A 33 6.53 -13.21 -2.99
C HIS A 33 5.81 -12.03 -2.31
N CYS A 34 4.67 -11.56 -2.86
CA CYS A 34 3.93 -10.41 -2.34
C CYS A 34 3.36 -10.63 -0.92
N LYS A 35 3.19 -11.88 -0.50
CA LYS A 35 2.79 -12.25 0.88
C LYS A 35 3.71 -11.64 1.95
N ASN A 36 5.01 -11.58 1.70
CA ASN A 36 5.99 -11.06 2.65
C ASN A 36 5.74 -9.58 2.97
N MET A 37 5.44 -8.77 1.94
CA MET A 37 5.20 -7.32 2.09
C MET A 37 4.01 -7.00 2.99
N GLU A 38 2.97 -7.82 2.98
CA GLU A 38 1.83 -7.70 3.93
C GLU A 38 2.32 -7.71 5.40
N LYS A 39 3.27 -8.58 5.73
CA LYS A 39 3.85 -8.70 7.08
C LYS A 39 4.98 -7.70 7.34
N VAL A 40 5.70 -7.25 6.30
CA VAL A 40 6.62 -6.08 6.37
C VAL A 40 5.85 -4.82 6.77
N LEU A 41 4.71 -4.56 6.12
CA LEU A 41 3.80 -3.46 6.42
C LEU A 41 3.19 -3.55 7.84
N ASP A 42 2.89 -4.75 8.34
CA ASP A 42 2.47 -4.96 9.72
C ASP A 42 3.56 -4.52 10.72
N LYS A 43 4.81 -4.95 10.51
CA LYS A 43 5.95 -4.55 11.35
C LYS A 43 6.29 -3.05 11.23
N PHE A 44 6.10 -2.45 10.05
CA PHE A 44 6.18 -1.00 9.82
C PHE A 44 5.07 -0.24 10.58
N GLY A 45 3.85 -0.79 10.67
CA GLY A 45 2.69 -0.16 11.31
C GLY A 45 2.69 -0.29 12.84
N ALA A 46 3.40 -1.29 13.37
CA ALA A 46 3.39 -1.68 14.79
C ALA A 46 3.74 -0.53 15.76
N ARG A 47 4.60 0.41 15.34
CA ARG A 47 4.95 1.62 16.10
C ARG A 47 4.53 2.95 15.42
N ALA A 48 3.79 2.88 14.31
CA ALA A 48 3.35 4.01 13.49
C ALA A 48 1.82 4.02 13.27
N PRO A 49 0.98 4.15 14.32
CA PRO A 49 -0.48 4.08 14.22
C PRO A 49 -1.11 5.30 13.54
N GLN A 50 -0.38 6.42 13.38
CA GLN A 50 -0.92 7.69 12.87
C GLN A 50 -1.01 7.78 11.33
N VAL A 51 -0.52 6.76 10.60
CA VAL A 51 -0.65 6.63 9.14
C VAL A 51 -1.61 5.47 8.80
N ALA A 52 -2.53 5.70 7.85
CA ALA A 52 -3.54 4.72 7.46
C ALA A 52 -2.97 3.72 6.42
N ILE A 53 -2.60 2.52 6.89
CA ILE A 53 -2.00 1.47 6.03
C ILE A 53 -3.07 0.45 5.63
N SER A 54 -3.15 0.10 4.34
CA SER A 54 -4.09 -0.89 3.81
C SER A 54 -3.51 -1.68 2.62
N SER A 55 -4.19 -2.74 2.19
CA SER A 55 -3.85 -3.52 1.00
C SER A 55 -5.08 -3.77 0.12
N VAL A 56 -4.86 -4.00 -1.19
CA VAL A 56 -5.91 -4.00 -2.22
C VAL A 56 -5.61 -5.09 -3.24
N ASP A 57 -6.59 -5.97 -3.50
CA ASP A 57 -6.51 -7.10 -4.44
C ASP A 57 -6.31 -6.59 -5.88
N SER A 58 -5.07 -6.64 -6.38
CA SER A 58 -4.70 -6.16 -7.72
C SER A 58 -5.53 -6.83 -8.83
N GLU A 59 -5.77 -8.13 -8.72
CA GLU A 59 -6.54 -8.95 -9.67
C GLU A 59 -8.05 -8.59 -9.69
N ALA A 60 -8.57 -8.06 -8.58
CA ALA A 60 -9.97 -7.63 -8.45
C ALA A 60 -10.19 -6.11 -8.61
N ARG A 61 -9.11 -5.32 -8.53
CA ARG A 61 -9.13 -3.85 -8.63
C ARG A 61 -8.05 -3.30 -9.62
N PRO A 62 -8.00 -3.80 -10.88
CA PRO A 62 -7.18 -3.19 -11.91
C PRO A 62 -7.67 -1.78 -12.30
N GLU A 63 -8.93 -1.44 -12.02
CA GLU A 63 -9.51 -0.11 -12.27
C GLU A 63 -8.80 1.01 -11.50
N LEU A 64 -8.23 0.71 -10.32
CA LEU A 64 -7.34 1.62 -9.59
C LEU A 64 -6.00 1.72 -10.32
N MET A 65 -5.34 0.58 -10.53
CA MET A 65 -3.98 0.48 -11.10
C MET A 65 -3.85 1.19 -12.46
N LYS A 66 -4.92 1.18 -13.25
CA LYS A 66 -5.05 1.89 -14.53
C LYS A 66 -4.93 3.42 -14.40
N GLU A 67 -5.30 3.99 -13.25
CA GLU A 67 -5.13 5.43 -12.97
C GLU A 67 -3.66 5.79 -12.70
N LEU A 68 -2.92 4.90 -12.01
CA LEU A 68 -1.52 5.15 -11.65
C LEU A 68 -0.53 4.69 -12.75
N GLY A 69 -0.96 3.76 -13.61
CA GLY A 69 -0.23 3.25 -14.78
C GLY A 69 0.46 1.91 -14.57
N PHE A 70 0.12 1.15 -13.52
CA PHE A 70 0.74 -0.15 -13.21
C PHE A 70 0.20 -1.26 -14.12
N GLU A 71 1.09 -2.17 -14.55
CA GLU A 71 0.76 -3.25 -15.49
C GLU A 71 0.20 -4.50 -14.78
N ARG A 72 0.99 -5.10 -13.87
CA ARG A 72 0.76 -6.46 -13.33
C ARG A 72 1.58 -6.83 -12.09
N VAL A 73 2.08 -5.85 -11.33
CA VAL A 73 3.11 -6.01 -10.28
C VAL A 73 2.62 -5.62 -8.87
N PRO A 74 3.20 -6.22 -7.81
CA PRO A 74 2.85 -5.92 -6.42
C PRO A 74 3.47 -4.57 -6.01
N THR A 75 2.70 -3.51 -6.16
CA THR A 75 3.13 -2.12 -5.97
C THR A 75 2.67 -1.52 -4.67
N LEU A 76 3.60 -0.89 -3.94
CA LEU A 76 3.36 -0.01 -2.80
C LEU A 76 3.15 1.43 -3.31
N VAL A 77 2.11 2.10 -2.83
CA VAL A 77 1.69 3.45 -3.24
C VAL A 77 1.42 4.28 -1.99
N PHE A 78 1.98 5.49 -1.91
CA PHE A 78 1.89 6.36 -0.73
C PHE A 78 1.08 7.63 -1.02
N ILE A 79 0.08 7.92 -0.19
CA ILE A 79 -0.81 9.10 -0.33
C ILE A 79 -0.49 10.10 0.79
N ARG A 80 -0.15 11.34 0.45
CA ARG A 80 0.05 12.48 1.35
C ARG A 80 -0.96 13.59 0.99
N ASP A 81 -1.77 14.03 1.93
CA ASP A 81 -2.71 15.16 1.78
C ASP A 81 -3.78 14.90 0.69
N GLY A 82 -3.98 13.62 0.34
CA GLY A 82 -4.88 13.18 -0.72
C GLY A 82 -4.23 13.07 -2.11
N LYS A 83 -2.91 13.25 -2.21
CA LYS A 83 -2.13 13.20 -3.44
C LYS A 83 -1.18 11.99 -3.42
N VAL A 84 -1.05 11.25 -4.53
CA VAL A 84 -0.04 10.19 -4.68
C VAL A 84 1.36 10.81 -4.77
N ALA A 85 2.15 10.64 -3.71
CA ALA A 85 3.44 11.33 -3.53
C ALA A 85 4.66 10.45 -3.82
N LYS A 86 4.52 9.11 -3.79
CA LYS A 86 5.60 8.14 -3.94
C LYS A 86 5.05 6.76 -4.39
N VAL A 87 5.90 5.95 -5.02
CA VAL A 87 5.56 4.60 -5.52
C VAL A 87 6.82 3.73 -5.64
N PHE A 88 6.69 2.41 -5.39
CA PHE A 88 7.70 1.40 -5.73
C PHE A 88 7.05 0.01 -5.87
N SER A 89 7.58 -0.83 -6.78
CA SER A 89 7.12 -2.22 -6.98
C SER A 89 8.16 -3.26 -6.54
N GLY A 90 7.68 -4.41 -6.03
CA GLY A 90 8.50 -5.52 -5.53
C GLY A 90 8.59 -5.57 -4.00
N ILE A 91 9.71 -6.06 -3.49
CA ILE A 91 9.92 -6.36 -2.05
C ILE A 91 11.06 -5.51 -1.45
N MET A 92 10.88 -5.11 -0.18
CA MET A 92 11.93 -4.64 0.72
C MET A 92 11.73 -5.21 2.13
N ASN A 93 12.79 -5.20 2.93
CA ASN A 93 12.75 -5.44 4.39
C ASN A 93 12.08 -4.25 5.13
N PRO A 94 11.63 -4.41 6.40
CA PRO A 94 10.95 -3.34 7.12
C PRO A 94 11.85 -2.20 7.54
N ARG A 95 13.14 -2.42 7.85
CA ARG A 95 14.00 -1.33 8.33
C ARG A 95 14.37 -0.32 7.24
N GLU A 96 14.48 -0.76 5.97
CA GLU A 96 14.66 0.12 4.82
C GLU A 96 13.35 0.78 4.34
N LEU A 97 12.18 0.21 4.66
CA LEU A 97 10.89 0.83 4.32
C LEU A 97 10.65 2.17 5.05
N GLN A 98 11.26 2.38 6.23
CA GLN A 98 11.27 3.71 6.88
C GLN A 98 12.01 4.76 6.02
N ALA A 99 13.10 4.40 5.34
CA ALA A 99 13.86 5.34 4.51
C ALA A 99 13.04 5.79 3.29
N LEU A 100 12.27 4.88 2.68
CA LEU A 100 11.36 5.20 1.56
C LEU A 100 10.25 6.15 2.02
N TYR A 101 9.62 5.89 3.18
CA TYR A 101 8.63 6.77 3.80
C TYR A 101 9.21 8.15 4.13
N ALA A 102 10.42 8.23 4.72
CA ALA A 102 11.04 9.49 5.09
C ALA A 102 11.38 10.35 3.86
N SER A 103 11.79 9.69 2.78
CA SER A 103 12.09 10.30 1.47
C SER A 103 10.86 10.86 0.73
N ILE A 104 9.64 10.70 1.27
CA ILE A 104 8.42 11.37 0.77
C ILE A 104 8.33 12.82 1.28
N MET A 1 -2.73 -13.20 11.61
CA MET A 1 -1.44 -13.01 12.30
C MET A 1 -0.77 -11.67 11.97
N SER A 2 -1.33 -10.90 11.04
CA SER A 2 -0.86 -9.57 10.62
C SER A 2 -2.04 -8.60 10.42
N ALA A 3 -1.82 -7.30 10.62
CA ALA A 3 -2.86 -6.26 10.60
C ALA A 3 -3.20 -5.72 9.18
N ILE A 4 -2.57 -6.25 8.15
CA ILE A 4 -2.62 -5.75 6.76
C ILE A 4 -3.55 -6.64 5.90
N ARG A 5 -4.55 -6.02 5.26
CA ARG A 5 -5.58 -6.63 4.42
C ARG A 5 -6.35 -5.59 3.61
N ASP A 6 -7.22 -6.03 2.71
CA ASP A 6 -8.08 -5.16 1.87
C ASP A 6 -9.43 -4.92 2.56
N ILE A 7 -9.72 -3.66 2.92
CA ILE A 7 -11.05 -3.22 3.37
C ILE A 7 -11.79 -2.63 2.17
N THR A 8 -12.97 -3.17 1.85
CA THR A 8 -13.75 -2.90 0.63
C THR A 8 -13.90 -1.41 0.29
N THR A 9 -14.14 -0.57 1.30
CA THR A 9 -14.42 0.87 1.17
C THR A 9 -13.17 1.76 1.23
N GLU A 10 -12.03 1.26 1.73
CA GLU A 10 -10.83 2.07 1.97
C GLU A 10 -9.82 1.98 0.81
N ALA A 11 -10.35 2.20 -0.39
CA ALA A 11 -9.63 2.22 -1.67
C ALA A 11 -10.40 3.05 -2.72
N GLY A 12 -9.69 3.44 -3.80
CA GLY A 12 -10.22 4.27 -4.88
C GLY A 12 -9.90 5.75 -4.66
N MET A 13 -9.81 6.50 -5.76
CA MET A 13 -9.49 7.94 -5.79
C MET A 13 -10.41 8.80 -4.91
N ALA A 14 -11.65 8.37 -4.70
CA ALA A 14 -12.63 9.03 -3.82
C ALA A 14 -12.40 8.76 -2.33
N HIS A 15 -11.77 7.65 -1.96
CA HIS A 15 -11.22 7.47 -0.60
C HIS A 15 -9.94 8.30 -0.43
N PHE A 16 -9.07 8.35 -1.46
CA PHE A 16 -7.79 9.06 -1.45
C PHE A 16 -7.92 10.60 -1.56
N GLU A 17 -9.08 11.19 -1.26
CA GLU A 17 -9.37 12.60 -1.50
C GLU A 17 -8.76 13.60 -0.48
N GLY A 18 -8.31 13.15 0.71
CA GLY A 18 -7.83 14.06 1.77
C GLY A 18 -7.26 13.38 3.02
N LEU A 19 -6.41 12.37 2.86
CA LEU A 19 -5.82 11.57 3.94
C LEU A 19 -4.53 12.22 4.41
N SER A 20 -4.39 12.58 5.68
CA SER A 20 -3.18 13.25 6.21
C SER A 20 -1.87 12.49 5.89
N ASP A 21 -1.89 11.17 6.05
CA ASP A 21 -0.88 10.22 5.58
C ASP A 21 -1.43 8.77 5.56
N ALA A 22 -1.39 8.13 4.39
CA ALA A 22 -1.95 6.80 4.13
C ALA A 22 -1.14 6.00 3.09
N ILE A 23 -1.23 4.67 3.12
CA ILE A 23 -0.39 3.75 2.33
C ILE A 23 -1.21 2.53 1.87
N VAL A 24 -1.10 2.16 0.59
CA VAL A 24 -1.83 1.05 -0.04
C VAL A 24 -0.87 0.13 -0.80
N PHE A 25 -0.92 -1.17 -0.49
CA PHE A 25 -0.17 -2.23 -1.17
C PHE A 25 -1.04 -3.04 -2.15
N PHE A 26 -0.72 -2.99 -3.45
CA PHE A 26 -1.38 -3.76 -4.51
C PHE A 26 -0.89 -5.22 -4.53
N HIS A 27 -1.33 -6.03 -3.56
CA HIS A 27 -1.01 -7.45 -3.48
C HIS A 27 -1.90 -8.32 -4.42
N LYS A 28 -1.76 -9.66 -4.35
CA LYS A 28 -2.62 -10.63 -5.03
C LYS A 28 -2.84 -11.89 -4.17
N ASN A 29 -3.94 -12.60 -4.41
CA ASN A 29 -4.42 -13.72 -3.59
C ASN A 29 -3.46 -14.92 -3.59
N LEU A 30 -3.11 -15.45 -4.76
CA LEU A 30 -2.36 -16.72 -4.89
C LEU A 30 -0.84 -16.56 -4.77
N CYS A 31 -0.29 -15.48 -5.33
CA CYS A 31 1.15 -15.26 -5.46
C CYS A 31 1.91 -15.33 -4.10
N PRO A 32 2.89 -16.23 -3.96
CA PRO A 32 3.77 -16.30 -2.79
C PRO A 32 4.68 -15.07 -2.60
N HIS A 33 4.97 -14.30 -3.65
CA HIS A 33 5.93 -13.21 -3.56
C HIS A 33 5.38 -12.04 -2.70
N CYS A 34 4.12 -11.63 -2.94
CA CYS A 34 3.46 -10.51 -2.25
C CYS A 34 3.42 -10.69 -0.71
N LYS A 35 3.26 -11.94 -0.25
CA LYS A 35 3.13 -12.30 1.17
C LYS A 35 4.30 -11.79 2.03
N ASN A 36 5.50 -11.76 1.47
CA ASN A 36 6.70 -11.24 2.15
C ASN A 36 6.52 -9.75 2.53
N MET A 37 6.04 -8.90 1.60
CA MET A 37 5.83 -7.47 1.86
C MET A 37 4.77 -7.21 2.95
N GLU A 38 3.72 -8.01 3.02
CA GLU A 38 2.68 -7.89 4.06
C GLU A 38 3.28 -7.88 5.48
N LYS A 39 4.28 -8.73 5.75
CA LYS A 39 4.98 -8.78 7.05
C LYS A 39 5.77 -7.49 7.34
N VAL A 40 6.23 -6.79 6.31
CA VAL A 40 7.07 -5.57 6.38
C VAL A 40 6.18 -4.40 6.80
N LEU A 41 5.06 -4.19 6.08
CA LEU A 41 4.00 -3.23 6.43
C LEU A 41 3.38 -3.52 7.81
N ASP A 42 3.19 -4.80 8.18
CA ASP A 42 2.67 -5.21 9.48
C ASP A 42 3.54 -4.71 10.63
N LYS A 43 4.83 -5.06 10.66
CA LYS A 43 5.75 -4.65 11.73
C LYS A 43 5.99 -3.13 11.75
N PHE A 44 5.94 -2.48 10.59
CA PHE A 44 6.01 -1.03 10.43
C PHE A 44 4.77 -0.31 11.01
N GLY A 45 3.56 -0.85 10.82
CA GLY A 45 2.31 -0.23 11.30
C GLY A 45 1.99 -0.54 12.75
N ALA A 46 2.47 -1.68 13.28
CA ALA A 46 2.10 -2.21 14.59
C ALA A 46 2.32 -1.23 15.76
N ARG A 47 3.44 -0.49 15.75
CA ARG A 47 3.78 0.55 16.73
C ARG A 47 3.55 2.00 16.23
N ALA A 48 3.02 2.17 15.03
CA ALA A 48 2.75 3.46 14.38
C ALA A 48 1.29 3.56 13.87
N PRO A 49 0.29 3.59 14.78
CA PRO A 49 -1.13 3.45 14.42
C PRO A 49 -1.72 4.70 13.71
N GLN A 50 -1.01 5.83 13.67
CA GLN A 50 -1.52 7.09 13.12
C GLN A 50 -1.47 7.18 11.58
N VAL A 51 -0.75 6.29 10.91
CA VAL A 51 -0.74 6.15 9.44
C VAL A 51 -1.76 5.09 9.02
N ALA A 52 -2.62 5.41 8.05
CA ALA A 52 -3.62 4.49 7.50
C ALA A 52 -2.98 3.55 6.46
N ILE A 53 -2.51 2.38 6.91
CA ILE A 53 -1.89 1.37 6.05
C ILE A 53 -2.92 0.26 5.74
N SER A 54 -3.04 -0.12 4.48
CA SER A 54 -3.83 -1.26 4.03
C SER A 54 -3.18 -1.97 2.83
N SER A 55 -3.77 -3.08 2.39
CA SER A 55 -3.50 -3.63 1.05
C SER A 55 -4.75 -3.54 0.17
N VAL A 56 -4.65 -3.95 -1.10
CA VAL A 56 -5.75 -3.93 -2.06
C VAL A 56 -5.53 -5.02 -3.11
N ASP A 57 -6.52 -5.88 -3.32
CA ASP A 57 -6.44 -6.99 -4.28
C ASP A 57 -6.47 -6.46 -5.72
N SER A 58 -5.32 -6.58 -6.38
CA SER A 58 -5.14 -6.21 -7.80
C SER A 58 -6.11 -6.93 -8.76
N GLU A 59 -6.62 -8.13 -8.41
CA GLU A 59 -7.62 -8.85 -9.21
C GLU A 59 -9.05 -8.29 -9.03
N ALA A 60 -9.36 -7.72 -7.85
CA ALA A 60 -10.65 -7.10 -7.55
C ALA A 60 -10.68 -5.59 -7.86
N ARG A 61 -9.52 -4.93 -7.87
CA ARG A 61 -9.31 -3.52 -8.19
C ARG A 61 -8.31 -3.32 -9.36
N PRO A 62 -8.54 -3.91 -10.56
CA PRO A 62 -7.65 -3.75 -11.71
C PRO A 62 -7.74 -2.35 -12.33
N GLU A 63 -8.88 -1.66 -12.20
CA GLU A 63 -9.09 -0.33 -12.78
C GLU A 63 -8.24 0.76 -12.09
N LEU A 64 -7.84 0.57 -10.82
CA LEU A 64 -6.83 1.41 -10.16
C LEU A 64 -5.48 1.25 -10.87
N MET A 65 -4.98 0.03 -10.99
CA MET A 65 -3.72 -0.26 -11.71
C MET A 65 -3.77 0.18 -13.17
N LYS A 66 -4.97 0.34 -13.75
CA LYS A 66 -5.21 0.87 -15.10
C LYS A 66 -5.07 2.39 -15.17
N GLU A 67 -5.30 3.11 -14.06
CA GLU A 67 -5.04 4.56 -13.96
C GLU A 67 -3.56 4.84 -13.65
N LEU A 68 -2.97 4.12 -12.69
CA LEU A 68 -1.59 4.37 -12.27
C LEU A 68 -0.54 3.68 -13.16
N GLY A 69 -0.95 2.72 -14.00
CA GLY A 69 -0.10 2.09 -15.04
C GLY A 69 0.72 0.90 -14.56
N PHE A 70 0.32 0.25 -13.45
CA PHE A 70 1.05 -0.89 -12.89
C PHE A 70 0.87 -2.17 -13.71
N GLU A 71 -0.39 -2.59 -13.85
CA GLU A 71 -0.95 -3.62 -14.73
C GLU A 71 -0.63 -5.05 -14.30
N ARG A 72 0.51 -5.27 -13.63
CA ARG A 72 1.08 -6.63 -13.48
C ARG A 72 2.17 -6.80 -12.38
N VAL A 73 2.29 -5.89 -11.41
CA VAL A 73 3.40 -5.83 -10.45
C VAL A 73 2.97 -5.46 -9.01
N PRO A 74 3.70 -5.95 -7.96
CA PRO A 74 3.38 -5.73 -6.56
C PRO A 74 3.85 -4.34 -6.08
N THR A 75 3.00 -3.34 -6.29
CA THR A 75 3.32 -1.92 -6.07
C THR A 75 2.80 -1.41 -4.72
N LEU A 76 3.65 -0.66 -4.02
CA LEU A 76 3.25 0.21 -2.91
C LEU A 76 2.96 1.63 -3.43
N VAL A 77 1.79 2.16 -3.08
CA VAL A 77 1.33 3.53 -3.41
C VAL A 77 1.10 4.31 -2.11
N PHE A 78 1.66 5.51 -2.01
CA PHE A 78 1.63 6.34 -0.81
C PHE A 78 0.88 7.67 -1.05
N ILE A 79 -0.06 8.03 -0.16
CA ILE A 79 -0.87 9.26 -0.23
C ILE A 79 -0.51 10.19 0.94
N ARG A 80 -0.14 11.44 0.67
CA ARG A 80 0.00 12.56 1.64
C ARG A 80 -1.00 13.66 1.32
N ASP A 81 -1.94 13.95 2.22
CA ASP A 81 -2.92 15.05 2.16
C ASP A 81 -3.91 14.86 1.00
N GLY A 82 -4.17 13.59 0.64
CA GLY A 82 -4.97 13.23 -0.53
C GLY A 82 -4.23 13.37 -1.86
N LYS A 83 -2.93 13.66 -1.84
CA LYS A 83 -2.07 13.71 -3.03
C LYS A 83 -1.25 12.41 -3.11
N VAL A 84 -1.17 11.77 -4.28
CA VAL A 84 -0.26 10.63 -4.51
C VAL A 84 1.19 11.16 -4.53
N ALA A 85 1.93 10.87 -3.46
CA ALA A 85 3.21 11.50 -3.13
C ALA A 85 4.43 10.65 -3.51
N LYS A 86 4.27 9.33 -3.65
CA LYS A 86 5.34 8.37 -3.92
C LYS A 86 4.76 7.06 -4.49
N VAL A 87 5.56 6.29 -5.23
CA VAL A 87 5.24 4.95 -5.72
C VAL A 87 6.53 4.13 -5.92
N PHE A 88 6.48 2.82 -5.64
CA PHE A 88 7.60 1.88 -5.86
C PHE A 88 7.11 0.43 -5.96
N SER A 89 7.80 -0.40 -6.73
CA SER A 89 7.46 -1.82 -6.94
C SER A 89 8.50 -2.79 -6.32
N GLY A 90 8.01 -3.89 -5.73
CA GLY A 90 8.81 -5.05 -5.31
C GLY A 90 8.97 -5.21 -3.80
N ILE A 91 9.92 -6.04 -3.41
CA ILE A 91 10.24 -6.38 -2.01
C ILE A 91 11.38 -5.51 -1.48
N MET A 92 11.25 -5.09 -0.22
CA MET A 92 12.33 -4.54 0.60
C MET A 92 12.25 -5.04 2.05
N ASN A 93 13.35 -4.93 2.80
CA ASN A 93 13.35 -4.99 4.26
C ASN A 93 12.66 -3.74 4.88
N PRO A 94 12.22 -3.79 6.15
CA PRO A 94 11.49 -2.68 6.75
C PRO A 94 12.36 -1.44 7.01
N ARG A 95 13.65 -1.56 7.31
CA ARG A 95 14.48 -0.37 7.60
C ARG A 95 14.71 0.50 6.35
N GLU A 96 14.79 -0.11 5.15
CA GLU A 96 14.77 0.61 3.87
C GLU A 96 13.36 1.12 3.50
N LEU A 97 12.28 0.42 3.91
CA LEU A 97 10.92 0.93 3.73
C LEU A 97 10.64 2.16 4.61
N GLN A 98 11.20 2.25 5.83
CA GLN A 98 11.16 3.46 6.65
C GLN A 98 11.96 4.60 6.02
N ALA A 99 13.14 4.32 5.43
CA ALA A 99 13.92 5.32 4.70
C ALA A 99 13.15 5.87 3.48
N LEU A 100 12.40 5.02 2.77
CA LEU A 100 11.51 5.43 1.69
C LEU A 100 10.36 6.28 2.22
N TYR A 101 9.66 5.83 3.28
CA TYR A 101 8.55 6.55 3.91
C TYR A 101 8.91 7.96 4.37
N ALA A 102 10.08 8.17 5.00
CA ALA A 102 10.49 9.49 5.46
C ALA A 102 10.80 10.44 4.28
N SER A 103 11.34 9.88 3.21
CA SER A 103 11.61 10.56 1.93
C SER A 103 10.34 10.94 1.14
N ILE A 104 9.14 10.65 1.65
CA ILE A 104 7.85 11.11 1.08
C ILE A 104 7.49 12.50 1.60
N MET A 1 -3.12 -0.82 13.88
CA MET A 1 -4.17 -1.27 12.95
C MET A 1 -4.61 -2.72 13.18
N SER A 2 -3.84 -3.48 13.94
CA SER A 2 -4.06 -4.89 14.39
C SER A 2 -3.93 -5.94 13.27
N ALA A 3 -4.38 -5.63 12.05
CA ALA A 3 -4.27 -6.45 10.84
C ALA A 3 -4.46 -5.59 9.58
N ILE A 4 -3.72 -5.89 8.51
CA ILE A 4 -3.79 -5.20 7.21
C ILE A 4 -4.50 -6.10 6.18
N ARG A 5 -5.51 -5.53 5.51
CA ARG A 5 -6.33 -6.13 4.46
C ARG A 5 -6.97 -4.97 3.67
N ASP A 6 -7.99 -5.23 2.86
CA ASP A 6 -8.91 -4.19 2.40
C ASP A 6 -9.80 -3.66 3.54
N ILE A 7 -10.03 -2.35 3.58
CA ILE A 7 -11.09 -1.74 4.40
C ILE A 7 -12.44 -1.99 3.70
N THR A 8 -13.44 -2.43 4.47
CA THR A 8 -14.74 -2.90 3.98
C THR A 8 -15.69 -1.79 3.52
N THR A 9 -15.47 -0.55 3.97
CA THR A 9 -16.38 0.59 3.73
C THR A 9 -16.13 1.29 2.41
N GLU A 10 -14.86 1.47 2.03
CA GLU A 10 -14.41 2.19 0.83
C GLU A 10 -12.91 2.00 0.57
N ALA A 11 -12.55 1.96 -0.72
CA ALA A 11 -11.17 1.82 -1.24
C ALA A 11 -11.13 2.23 -2.72
N GLY A 12 -10.00 2.79 -3.17
CA GLY A 12 -9.84 3.43 -4.47
C GLY A 12 -9.79 4.95 -4.38
N MET A 13 -9.65 5.64 -5.52
CA MET A 13 -9.31 7.07 -5.57
C MET A 13 -10.31 7.98 -4.82
N ALA A 14 -11.59 7.59 -4.75
CA ALA A 14 -12.62 8.32 -4.01
C ALA A 14 -12.47 8.23 -2.49
N HIS A 15 -11.76 7.23 -1.97
CA HIS A 15 -11.29 7.21 -0.58
C HIS A 15 -9.96 7.96 -0.42
N PHE A 16 -9.06 7.85 -1.42
CA PHE A 16 -7.68 8.36 -1.34
C PHE A 16 -7.58 9.87 -1.54
N GLU A 17 -8.65 10.56 -1.91
CA GLU A 17 -8.65 12.01 -2.21
C GLU A 17 -8.87 12.91 -0.98
N GLY A 18 -9.39 12.37 0.13
CA GLY A 18 -9.83 13.13 1.30
C GLY A 18 -9.09 12.82 2.62
N LEU A 19 -8.18 11.84 2.62
CA LEU A 19 -7.53 11.33 3.85
C LEU A 19 -6.34 12.16 4.32
N SER A 20 -5.88 11.92 5.55
CA SER A 20 -4.73 12.59 6.16
C SER A 20 -3.39 11.96 5.73
N ASP A 21 -3.15 10.70 6.11
CA ASP A 21 -1.99 9.91 5.73
C ASP A 21 -2.39 8.43 5.58
N ALA A 22 -2.11 7.84 4.42
CA ALA A 22 -2.38 6.43 4.16
C ALA A 22 -1.34 5.77 3.23
N ILE A 23 -1.26 4.44 3.27
CA ILE A 23 -0.36 3.60 2.45
C ILE A 23 -1.18 2.43 1.89
N VAL A 24 -1.12 2.23 0.58
CA VAL A 24 -1.91 1.24 -0.16
C VAL A 24 -0.96 0.25 -0.83
N PHE A 25 -1.19 -1.04 -0.60
CA PHE A 25 -0.44 -2.13 -1.21
C PHE A 25 -1.31 -2.91 -2.21
N PHE A 26 -0.97 -2.82 -3.51
CA PHE A 26 -1.61 -3.58 -4.58
C PHE A 26 -1.07 -5.00 -4.65
N HIS A 27 -1.52 -5.86 -3.73
CA HIS A 27 -1.13 -7.26 -3.64
C HIS A 27 -1.94 -8.17 -4.62
N LYS A 28 -1.59 -9.45 -4.70
CA LYS A 28 -2.40 -10.50 -5.36
C LYS A 28 -2.49 -11.76 -4.49
N ASN A 29 -3.60 -12.51 -4.64
CA ASN A 29 -3.86 -13.73 -3.87
C ASN A 29 -2.81 -14.83 -4.15
N LEU A 30 -2.52 -15.05 -5.45
CA LEU A 30 -1.69 -16.17 -5.93
C LEU A 30 -0.19 -15.91 -5.75
N CYS A 31 0.24 -14.66 -5.85
CA CYS A 31 1.64 -14.24 -5.82
C CYS A 31 2.36 -14.69 -4.53
N PRO A 32 3.46 -15.45 -4.64
CA PRO A 32 4.31 -15.83 -3.53
C PRO A 32 5.25 -14.69 -3.09
N HIS A 33 5.41 -13.63 -3.89
CA HIS A 33 6.24 -12.48 -3.54
C HIS A 33 5.44 -11.54 -2.59
N CYS A 34 4.17 -11.24 -2.93
CA CYS A 34 3.29 -10.33 -2.18
C CYS A 34 3.17 -10.67 -0.69
N LYS A 35 3.16 -11.97 -0.35
CA LYS A 35 2.99 -12.46 1.02
C LYS A 35 4.03 -11.88 2.01
N ASN A 36 5.28 -11.68 1.55
CA ASN A 36 6.36 -11.12 2.38
C ASN A 36 6.05 -9.69 2.80
N MET A 37 5.59 -8.86 1.86
CA MET A 37 5.30 -7.44 2.07
C MET A 37 4.21 -7.20 3.13
N GLU A 38 3.22 -8.09 3.24
CA GLU A 38 2.16 -8.00 4.26
C GLU A 38 2.72 -8.00 5.68
N LYS A 39 3.74 -8.82 5.98
CA LYS A 39 4.43 -8.82 7.27
C LYS A 39 5.37 -7.60 7.43
N VAL A 40 6.03 -7.16 6.36
CA VAL A 40 6.89 -5.95 6.35
C VAL A 40 6.08 -4.72 6.75
N LEU A 41 4.91 -4.54 6.14
CA LEU A 41 3.96 -3.45 6.38
C LEU A 41 3.36 -3.50 7.79
N ASP A 42 3.08 -4.70 8.33
CA ASP A 42 2.64 -4.88 9.73
C ASP A 42 3.72 -4.44 10.74
N LYS A 43 4.98 -4.90 10.56
CA LYS A 43 6.11 -4.47 11.41
C LYS A 43 6.41 -2.97 11.30
N PHE A 44 6.24 -2.39 10.11
CA PHE A 44 6.32 -0.95 9.85
C PHE A 44 5.16 -0.18 10.54
N GLY A 45 3.96 -0.76 10.63
CA GLY A 45 2.79 -0.11 11.24
C GLY A 45 2.74 -0.22 12.76
N ALA A 46 3.39 -1.24 13.34
CA ALA A 46 3.31 -1.58 14.76
C ALA A 46 3.70 -0.45 15.73
N ARG A 47 4.67 0.40 15.32
CA ARG A 47 5.11 1.59 16.07
C ARG A 47 4.71 2.93 15.40
N ALA A 48 3.93 2.87 14.32
CA ALA A 48 3.47 4.02 13.52
C ALA A 48 1.94 3.99 13.30
N PRO A 49 1.11 4.07 14.36
CA PRO A 49 -0.35 3.91 14.27
C PRO A 49 -1.07 5.08 13.57
N GLN A 50 -0.42 6.23 13.39
CA GLN A 50 -1.02 7.45 12.84
C GLN A 50 -1.16 7.46 11.30
N VAL A 51 -0.64 6.45 10.60
CA VAL A 51 -0.82 6.24 9.15
C VAL A 51 -1.72 5.03 8.88
N ALA A 52 -2.72 5.21 8.00
CA ALA A 52 -3.67 4.17 7.63
C ALA A 52 -3.09 3.24 6.54
N ILE A 53 -2.62 2.07 6.93
CA ILE A 53 -2.03 1.08 6.00
C ILE A 53 -3.11 0.07 5.57
N SER A 54 -3.22 -0.16 4.27
CA SER A 54 -4.24 -1.00 3.65
C SER A 54 -3.64 -1.85 2.52
N SER A 55 -4.21 -3.02 2.24
CA SER A 55 -3.91 -3.80 1.04
C SER A 55 -5.14 -3.93 0.12
N VAL A 56 -4.93 -4.03 -1.20
CA VAL A 56 -5.98 -3.98 -2.24
C VAL A 56 -5.67 -5.02 -3.30
N ASP A 57 -6.60 -5.95 -3.54
CA ASP A 57 -6.46 -7.03 -4.51
C ASP A 57 -6.44 -6.49 -5.95
N SER A 58 -5.29 -6.63 -6.59
CA SER A 58 -5.05 -6.29 -8.01
C SER A 58 -5.99 -7.02 -8.99
N GLU A 59 -6.50 -8.21 -8.65
CA GLU A 59 -7.50 -8.91 -9.47
C GLU A 59 -8.91 -8.29 -9.35
N ALA A 60 -9.22 -7.65 -8.21
CA ALA A 60 -10.51 -7.04 -7.92
C ALA A 60 -10.57 -5.53 -8.29
N ARG A 61 -9.41 -4.84 -8.25
CA ARG A 61 -9.29 -3.38 -8.40
C ARG A 61 -8.32 -2.94 -9.54
N PRO A 62 -8.29 -3.57 -10.73
CA PRO A 62 -7.42 -3.13 -11.84
C PRO A 62 -7.82 -1.75 -12.39
N GLU A 63 -9.05 -1.28 -12.14
CA GLU A 63 -9.54 0.06 -12.49
C GLU A 63 -8.69 1.19 -11.86
N LEU A 64 -8.05 0.94 -10.71
CA LEU A 64 -7.06 1.84 -10.10
C LEU A 64 -5.72 1.74 -10.82
N MET A 65 -5.17 0.52 -10.92
CA MET A 65 -3.82 0.24 -11.43
C MET A 65 -3.60 0.80 -12.84
N LYS A 66 -4.65 0.86 -13.66
CA LYS A 66 -4.63 1.40 -15.01
C LYS A 66 -4.32 2.91 -15.05
N GLU A 67 -4.63 3.62 -13.96
CA GLU A 67 -4.49 5.07 -13.84
C GLU A 67 -3.08 5.44 -13.37
N LEU A 68 -2.47 4.63 -12.49
CA LEU A 68 -1.10 4.84 -12.02
C LEU A 68 -0.05 4.18 -12.94
N GLY A 69 -0.45 3.18 -13.75
CA GLY A 69 0.37 2.53 -14.77
C GLY A 69 0.97 1.18 -14.36
N PHE A 70 0.41 0.50 -13.35
CA PHE A 70 0.95 -0.75 -12.82
C PHE A 70 0.50 -1.96 -13.63
N GLU A 71 1.38 -2.95 -13.80
CA GLU A 71 1.12 -4.16 -14.61
C GLU A 71 0.49 -5.28 -13.77
N ARG A 72 1.27 -5.91 -12.87
CA ARG A 72 0.89 -7.14 -12.13
C ARG A 72 1.84 -7.50 -10.97
N VAL A 73 2.48 -6.50 -10.35
CA VAL A 73 3.58 -6.65 -9.38
C VAL A 73 3.22 -6.07 -8.01
N PRO A 74 3.87 -6.54 -6.91
CA PRO A 74 3.67 -6.00 -5.57
C PRO A 74 4.05 -4.51 -5.54
N THR A 75 3.05 -3.64 -5.67
CA THR A 75 3.26 -2.18 -5.71
C THR A 75 2.76 -1.51 -4.44
N LEU A 76 3.64 -0.75 -3.79
CA LEU A 76 3.30 0.16 -2.71
C LEU A 76 3.02 1.55 -3.29
N VAL A 77 1.95 2.20 -2.82
CA VAL A 77 1.50 3.55 -3.21
C VAL A 77 1.24 4.34 -1.93
N PHE A 78 1.87 5.52 -1.78
CA PHE A 78 1.81 6.34 -0.58
C PHE A 78 0.96 7.59 -0.80
N ILE A 79 -0.08 7.78 0.03
CA ILE A 79 -1.01 8.92 -0.03
C ILE A 79 -0.72 9.86 1.16
N ARG A 80 -0.27 11.08 0.88
CA ARG A 80 -0.10 12.18 1.86
C ARG A 80 -1.12 13.26 1.54
N ASP A 81 -1.96 13.67 2.51
CA ASP A 81 -2.85 14.85 2.41
C ASP A 81 -3.97 14.64 1.36
N GLY A 82 -4.25 13.39 1.00
CA GLY A 82 -5.17 13.02 -0.09
C GLY A 82 -4.53 13.07 -1.49
N LYS A 83 -3.21 13.28 -1.57
CA LYS A 83 -2.43 13.31 -2.80
C LYS A 83 -1.54 12.05 -2.90
N VAL A 84 -1.45 11.40 -4.06
CA VAL A 84 -0.46 10.36 -4.31
C VAL A 84 0.94 10.99 -4.42
N ALA A 85 1.76 10.78 -3.39
CA ALA A 85 3.05 11.46 -3.21
C ALA A 85 4.25 10.61 -3.64
N LYS A 86 4.16 9.28 -3.52
CA LYS A 86 5.24 8.34 -3.81
C LYS A 86 4.70 6.95 -4.22
N VAL A 87 5.53 6.17 -4.92
CA VAL A 87 5.24 4.80 -5.39
C VAL A 87 6.56 4.02 -5.47
N PHE A 88 6.55 2.71 -5.21
CA PHE A 88 7.60 1.79 -5.67
C PHE A 88 7.03 0.39 -5.96
N SER A 89 7.64 -0.31 -6.93
CA SER A 89 7.29 -1.69 -7.28
C SER A 89 8.39 -2.67 -6.83
N GLY A 90 7.99 -3.73 -6.11
CA GLY A 90 8.87 -4.82 -5.65
C GLY A 90 8.70 -5.14 -4.17
N ILE A 91 9.68 -5.85 -3.61
CA ILE A 91 9.74 -6.25 -2.20
C ILE A 91 10.94 -5.59 -1.51
N MET A 92 10.76 -5.18 -0.26
CA MET A 92 11.85 -4.74 0.63
C MET A 92 11.67 -5.25 2.06
N ASN A 93 12.77 -5.38 2.80
CA ASN A 93 12.76 -5.54 4.26
C ASN A 93 12.47 -4.19 4.97
N PRO A 94 11.88 -4.17 6.18
CA PRO A 94 11.30 -2.96 6.76
C PRO A 94 12.34 -1.87 7.09
N ARG A 95 13.60 -2.23 7.33
CA ARG A 95 14.70 -1.28 7.58
C ARG A 95 14.96 -0.32 6.40
N GLU A 96 14.76 -0.77 5.15
CA GLU A 96 14.86 0.07 3.95
C GLU A 96 13.54 0.81 3.66
N LEU A 97 12.39 0.24 4.03
CA LEU A 97 11.10 0.90 3.90
C LEU A 97 10.99 2.18 4.73
N GLN A 98 11.74 2.28 5.85
CA GLN A 98 11.87 3.53 6.61
C GLN A 98 12.41 4.68 5.75
N ALA A 99 13.46 4.43 4.96
CA ALA A 99 14.09 5.44 4.11
C ALA A 99 13.18 5.86 2.95
N LEU A 100 12.39 4.94 2.39
CA LEU A 100 11.42 5.26 1.32
C LEU A 100 10.31 6.18 1.85
N TYR A 101 9.76 5.88 3.03
CA TYR A 101 8.80 6.74 3.71
C TYR A 101 9.41 8.11 4.09
N ALA A 102 10.63 8.13 4.65
CA ALA A 102 11.31 9.36 5.10
C ALA A 102 11.67 10.27 3.92
N SER A 103 11.89 9.69 2.74
CA SER A 103 12.09 10.42 1.48
C SER A 103 10.85 11.17 1.00
N ILE A 104 9.63 10.81 1.45
CA ILE A 104 8.39 11.54 1.13
C ILE A 104 8.30 12.84 1.95
N MET A 1 0.59 -2.88 12.93
CA MET A 1 -0.86 -2.71 13.07
C MET A 1 -1.59 -3.92 13.69
N SER A 2 -0.98 -5.10 13.59
CA SER A 2 -1.40 -6.47 13.98
C SER A 2 -1.74 -7.34 12.75
N ALA A 3 -2.15 -6.70 11.64
CA ALA A 3 -2.44 -7.29 10.34
C ALA A 3 -2.63 -6.20 9.26
N ILE A 4 -2.17 -6.45 8.04
CA ILE A 4 -2.45 -5.64 6.83
C ILE A 4 -3.43 -6.41 5.96
N ARG A 5 -4.49 -5.73 5.49
CA ARG A 5 -5.67 -6.35 4.89
C ARG A 5 -6.41 -5.37 3.96
N ASP A 6 -7.20 -5.91 3.05
CA ASP A 6 -8.04 -5.22 2.07
C ASP A 6 -9.50 -5.19 2.51
N ILE A 7 -9.90 -4.07 3.12
CA ILE A 7 -11.25 -3.87 3.71
C ILE A 7 -12.24 -3.55 2.59
N THR A 8 -13.31 -4.33 2.50
CA THR A 8 -14.35 -4.26 1.46
C THR A 8 -15.17 -2.97 1.48
N THR A 9 -15.25 -2.29 2.62
CA THR A 9 -16.10 -1.11 2.85
C THR A 9 -15.40 0.22 2.57
N GLU A 10 -14.08 0.25 2.42
CA GLU A 10 -13.29 1.47 2.23
C GLU A 10 -11.88 1.19 1.68
N ALA A 11 -11.83 0.86 0.38
CA ALA A 11 -10.61 0.80 -0.43
C ALA A 11 -10.94 1.06 -1.90
N GLY A 12 -10.56 2.24 -2.38
CA GLY A 12 -10.87 2.77 -3.72
C GLY A 12 -10.60 4.28 -3.84
N MET A 13 -10.55 4.79 -5.07
CA MET A 13 -10.06 6.14 -5.40
C MET A 13 -10.71 7.28 -4.60
N ALA A 14 -11.99 7.19 -4.28
CA ALA A 14 -12.71 8.25 -3.55
C ALA A 14 -12.23 8.42 -2.10
N HIS A 15 -11.74 7.36 -1.46
CA HIS A 15 -11.05 7.46 -0.18
C HIS A 15 -9.64 8.06 -0.35
N PHE A 16 -8.92 7.67 -1.41
CA PHE A 16 -7.54 8.07 -1.67
C PHE A 16 -7.41 9.51 -2.17
N GLU A 17 -8.52 10.17 -2.52
CA GLU A 17 -8.60 11.61 -2.80
C GLU A 17 -8.87 12.46 -1.54
N GLY A 18 -9.46 11.87 -0.48
CA GLY A 18 -10.00 12.61 0.69
C GLY A 18 -9.23 12.44 1.99
N LEU A 19 -8.38 11.41 2.10
CA LEU A 19 -7.70 11.03 3.34
C LEU A 19 -6.56 11.97 3.76
N SER A 20 -6.11 11.83 5.01
CA SER A 20 -5.03 12.60 5.62
C SER A 20 -3.64 12.04 5.27
N ASP A 21 -3.33 10.82 5.73
CA ASP A 21 -2.10 10.08 5.43
C ASP A 21 -2.39 8.57 5.38
N ALA A 22 -2.04 7.92 4.28
CA ALA A 22 -2.26 6.48 4.08
C ALA A 22 -1.19 5.81 3.20
N ILE A 23 -1.12 4.48 3.27
CA ILE A 23 -0.23 3.63 2.47
C ILE A 23 -1.05 2.43 1.98
N VAL A 24 -1.14 2.27 0.66
CA VAL A 24 -1.95 1.24 -0.01
C VAL A 24 -1.02 0.24 -0.71
N PHE A 25 -1.22 -1.06 -0.43
CA PHE A 25 -0.48 -2.16 -1.05
C PHE A 25 -1.36 -2.94 -2.05
N PHE A 26 -1.04 -2.86 -3.33
CA PHE A 26 -1.70 -3.58 -4.41
C PHE A 26 -1.22 -5.03 -4.47
N HIS A 27 -1.74 -5.89 -3.58
CA HIS A 27 -1.40 -7.31 -3.51
C HIS A 27 -2.19 -8.18 -4.54
N LYS A 28 -1.88 -9.48 -4.62
CA LYS A 28 -2.50 -10.45 -5.51
C LYS A 28 -2.63 -11.83 -4.83
N ASN A 29 -3.66 -12.61 -5.19
CA ASN A 29 -4.01 -13.86 -4.51
C ASN A 29 -3.07 -15.03 -4.85
N LEU A 30 -2.58 -15.09 -6.11
CA LEU A 30 -1.68 -16.14 -6.60
C LEU A 30 -0.21 -15.92 -6.24
N CYS A 31 0.19 -14.67 -6.01
CA CYS A 31 1.57 -14.23 -5.90
C CYS A 31 2.29 -14.71 -4.61
N PRO A 32 3.45 -15.38 -4.75
CA PRO A 32 4.35 -15.72 -3.65
C PRO A 32 5.32 -14.59 -3.31
N HIS A 33 5.31 -13.46 -4.03
CA HIS A 33 6.05 -12.26 -3.63
C HIS A 33 5.18 -11.40 -2.68
N CYS A 34 3.87 -11.24 -2.97
CA CYS A 34 2.96 -10.39 -2.21
C CYS A 34 2.87 -10.75 -0.71
N LYS A 35 2.92 -12.06 -0.38
CA LYS A 35 2.81 -12.56 1.00
C LYS A 35 3.77 -11.88 1.99
N ASN A 36 4.98 -11.59 1.53
CA ASN A 36 6.06 -11.13 2.39
C ASN A 36 5.88 -9.66 2.81
N MET A 37 5.45 -8.81 1.86
CA MET A 37 5.23 -7.37 2.07
C MET A 37 4.22 -7.09 3.18
N GLU A 38 3.14 -7.88 3.32
CA GLU A 38 2.14 -7.69 4.37
C GLU A 38 2.76 -7.70 5.78
N LYS A 39 3.72 -8.59 6.04
CA LYS A 39 4.45 -8.65 7.32
C LYS A 39 5.49 -7.52 7.47
N VAL A 40 6.12 -7.10 6.36
CA VAL A 40 7.04 -5.96 6.34
C VAL A 40 6.32 -4.65 6.69
N LEU A 41 5.16 -4.44 6.07
CA LEU A 41 4.27 -3.31 6.34
C LEU A 41 3.66 -3.34 7.75
N ASP A 42 3.37 -4.53 8.30
CA ASP A 42 2.95 -4.68 9.71
C ASP A 42 4.06 -4.26 10.70
N LYS A 43 5.30 -4.74 10.53
CA LYS A 43 6.45 -4.33 11.35
C LYS A 43 6.71 -2.82 11.28
N PHE A 44 6.54 -2.21 10.10
CA PHE A 44 6.60 -0.76 9.89
C PHE A 44 5.42 -0.02 10.57
N GLY A 45 4.23 -0.63 10.61
CA GLY A 45 3.02 -0.01 11.16
C GLY A 45 2.94 -0.07 12.69
N ALA A 46 3.65 -1.03 13.31
CA ALA A 46 3.52 -1.36 14.72
C ALA A 46 3.81 -0.20 15.71
N ARG A 47 4.66 0.76 15.31
CA ARG A 47 4.95 1.99 16.09
C ARG A 47 4.49 3.30 15.39
N ALA A 48 3.77 3.19 14.27
CA ALA A 48 3.33 4.30 13.43
C ALA A 48 1.79 4.35 13.26
N PRO A 49 1.01 4.56 14.33
CA PRO A 49 -0.45 4.51 14.29
C PRO A 49 -1.09 5.70 13.54
N GLN A 50 -0.36 6.78 13.26
CA GLN A 50 -0.89 8.01 12.66
C GLN A 50 -1.02 7.95 11.13
N VAL A 51 -0.61 6.85 10.49
CA VAL A 51 -0.79 6.58 9.05
C VAL A 51 -1.70 5.36 8.84
N ALA A 52 -2.67 5.49 7.93
CA ALA A 52 -3.60 4.41 7.59
C ALA A 52 -2.99 3.43 6.57
N ILE A 53 -2.52 2.27 7.03
CA ILE A 53 -1.91 1.23 6.17
C ILE A 53 -2.96 0.16 5.83
N SER A 54 -3.10 -0.17 4.56
CA SER A 54 -4.00 -1.22 4.09
C SER A 54 -3.49 -1.88 2.80
N SER A 55 -4.02 -3.04 2.44
CA SER A 55 -3.83 -3.60 1.09
C SER A 55 -5.10 -3.46 0.20
N VAL A 56 -5.00 -3.87 -1.07
CA VAL A 56 -6.09 -3.87 -2.05
C VAL A 56 -5.80 -4.92 -3.14
N ASP A 57 -6.80 -5.72 -3.52
CA ASP A 57 -6.66 -6.78 -4.53
C ASP A 57 -6.56 -6.21 -5.94
N SER A 58 -5.37 -6.31 -6.52
CA SER A 58 -5.08 -5.94 -7.92
C SER A 58 -6.00 -6.63 -8.95
N GLU A 59 -6.48 -7.85 -8.66
CA GLU A 59 -7.40 -8.60 -9.53
C GLU A 59 -8.85 -8.09 -9.45
N ALA A 60 -9.23 -7.43 -8.36
CA ALA A 60 -10.53 -6.77 -8.18
C ALA A 60 -10.50 -5.27 -8.54
N ARG A 61 -9.31 -4.64 -8.46
CA ARG A 61 -9.05 -3.22 -8.76
C ARG A 61 -8.05 -3.02 -9.92
N PRO A 62 -8.21 -3.68 -11.10
CA PRO A 62 -7.35 -3.41 -12.25
C PRO A 62 -7.62 -2.03 -12.88
N GLU A 63 -8.83 -1.50 -12.75
CA GLU A 63 -9.17 -0.13 -13.19
C GLU A 63 -8.42 0.94 -12.39
N LEU A 64 -8.15 0.71 -11.09
CA LEU A 64 -7.35 1.59 -10.24
C LEU A 64 -5.91 1.56 -10.71
N MET A 65 -5.33 0.38 -10.93
CA MET A 65 -4.00 0.23 -11.53
C MET A 65 -3.89 0.92 -12.90
N LYS A 66 -5.00 1.16 -13.61
CA LYS A 66 -5.02 1.88 -14.89
C LYS A 66 -5.05 3.42 -14.72
N GLU A 67 -5.34 3.92 -13.52
CA GLU A 67 -5.20 5.33 -13.15
C GLU A 67 -3.75 5.66 -12.76
N LEU A 68 -3.09 4.77 -11.99
CA LEU A 68 -1.70 4.98 -11.55
C LEU A 68 -0.65 4.47 -12.56
N GLY A 69 -1.01 3.51 -13.41
CA GLY A 69 -0.16 2.97 -14.49
C GLY A 69 0.55 1.64 -14.16
N PHE A 70 0.05 0.87 -13.18
CA PHE A 70 0.61 -0.43 -12.79
C PHE A 70 0.12 -1.58 -13.70
N GLU A 71 0.93 -2.64 -13.81
CA GLU A 71 0.66 -3.78 -14.69
C GLU A 71 0.15 -5.00 -13.89
N ARG A 72 1.00 -5.59 -13.03
CA ARG A 72 0.76 -6.92 -12.44
C ARG A 72 1.53 -7.25 -11.15
N VAL A 73 2.31 -6.30 -10.63
CA VAL A 73 3.41 -6.47 -9.65
C VAL A 73 3.02 -5.97 -8.23
N PRO A 74 3.72 -6.41 -7.16
CA PRO A 74 3.44 -6.01 -5.78
C PRO A 74 3.84 -4.55 -5.50
N THR A 75 2.92 -3.61 -5.80
CA THR A 75 3.19 -2.17 -5.70
C THR A 75 2.66 -1.55 -4.42
N LEU A 76 3.55 -0.82 -3.73
CA LEU A 76 3.22 0.09 -2.64
C LEU A 76 2.97 1.49 -3.22
N VAL A 77 1.92 2.15 -2.71
CA VAL A 77 1.49 3.51 -3.09
C VAL A 77 1.25 4.32 -1.82
N PHE A 78 1.95 5.45 -1.69
CA PHE A 78 1.88 6.32 -0.50
C PHE A 78 1.02 7.56 -0.81
N ILE A 79 -0.08 7.72 -0.07
CA ILE A 79 -1.03 8.83 -0.22
C ILE A 79 -0.81 9.84 0.92
N ARG A 80 -0.33 11.04 0.59
CA ARG A 80 -0.20 12.17 1.53
C ARG A 80 -1.23 13.23 1.13
N ASP A 81 -2.15 13.62 2.01
CA ASP A 81 -3.12 14.72 1.80
C ASP A 81 -4.11 14.41 0.65
N GLY A 82 -4.28 13.12 0.33
CA GLY A 82 -5.09 12.65 -0.80
C GLY A 82 -4.35 12.67 -2.15
N LYS A 83 -3.03 12.91 -2.13
CA LYS A 83 -2.14 12.96 -3.29
C LYS A 83 -1.18 11.74 -3.28
N VAL A 84 -0.98 11.07 -4.41
CA VAL A 84 0.10 10.08 -4.58
C VAL A 84 1.45 10.81 -4.52
N ALA A 85 2.19 10.60 -3.42
CA ALA A 85 3.49 11.24 -3.18
C ALA A 85 4.70 10.36 -3.54
N LYS A 86 4.59 9.05 -3.35
CA LYS A 86 5.63 8.05 -3.58
C LYS A 86 5.03 6.70 -4.01
N VAL A 87 5.77 5.92 -4.80
CA VAL A 87 5.40 4.58 -5.27
C VAL A 87 6.67 3.72 -5.40
N PHE A 88 6.56 2.41 -5.13
CA PHE A 88 7.57 1.43 -5.54
C PHE A 88 6.93 0.05 -5.83
N SER A 89 7.35 -0.59 -6.91
CA SER A 89 6.75 -1.82 -7.49
C SER A 89 7.47 -3.13 -7.11
N GLY A 90 8.50 -3.05 -6.26
CA GLY A 90 9.38 -4.16 -5.89
C GLY A 90 9.08 -4.78 -4.52
N ILE A 91 10.03 -5.58 -4.03
CA ILE A 91 10.07 -6.12 -2.67
C ILE A 91 11.12 -5.38 -1.84
N MET A 92 10.81 -5.13 -0.56
CA MET A 92 11.76 -4.62 0.42
C MET A 92 11.66 -5.31 1.80
N ASN A 93 12.56 -4.93 2.72
CA ASN A 93 12.61 -5.34 4.12
C ASN A 93 12.43 -4.10 5.04
N PRO A 94 11.96 -4.23 6.30
CA PRO A 94 11.31 -3.13 7.01
C PRO A 94 12.24 -1.97 7.34
N ARG A 95 13.49 -2.22 7.71
CA ARG A 95 14.47 -1.15 7.99
C ARG A 95 14.76 -0.24 6.79
N GLU A 96 14.67 -0.78 5.56
CA GLU A 96 14.76 0.01 4.32
C GLU A 96 13.42 0.67 3.95
N LEU A 97 12.27 0.04 4.27
CA LEU A 97 10.95 0.65 4.08
C LEU A 97 10.72 1.85 5.01
N GLN A 98 11.24 1.83 6.24
CA GLN A 98 11.31 2.98 7.13
C GLN A 98 12.05 4.15 6.46
N ALA A 99 13.24 3.90 5.87
CA ALA A 99 14.04 4.93 5.20
C ALA A 99 13.35 5.47 3.94
N LEU A 100 12.61 4.63 3.21
CA LEU A 100 11.81 5.03 2.04
C LEU A 100 10.67 5.97 2.47
N TYR A 101 9.90 5.60 3.50
CA TYR A 101 8.88 6.47 4.08
C TYR A 101 9.46 7.81 4.57
N ALA A 102 10.63 7.81 5.22
CA ALA A 102 11.25 9.03 5.71
C ALA A 102 11.71 9.94 4.55
N SER A 103 12.19 9.33 3.46
CA SER A 103 12.63 10.04 2.25
C SER A 103 11.50 10.86 1.61
N ILE A 104 10.25 10.38 1.66
CA ILE A 104 9.05 11.12 1.17
C ILE A 104 9.02 12.54 1.74
#